data_6T8G
#
_entry.id   6T8G
#
_cell.length_a   1.00
_cell.length_b   1.00
_cell.length_c   1.00
_cell.angle_alpha   90.00
_cell.angle_beta   90.00
_cell.angle_gamma   90.00
#
_symmetry.space_group_name_H-M   'P 1'
#
loop_
_entity.id
_entity.type
_entity.pdbx_description
1 polymer 'DNA translocase FtsK'
2 polymer 'dsDNA substrate'
3 non-polymer "ADENOSINE-5'-DIPHOSPHATE"
#
loop_
_entity_poly.entity_id
_entity_poly.type
_entity_poly.pdbx_seq_one_letter_code
_entity_poly.pdbx_strand_id
1 'polypeptide(L)'
;MVPDRREQSKAKERLLEREEALAKHMSEREKRPPPKIDPPPSPKAPEPSKRVLKEKQAPLFVDTAVEGTLPPLSLLDPAE
VKQKSYSPESLEAMSRLLEIKLKEFGVEVSVDSVHPGPVITRFEIQPAAGVKVSRISNLAKDLARSLAVISVRVVEVIPG
KTTVGIEIPNEDRQMVRFSEVLSSPEYDEHKSTVPLALGHDIGGRPIITDLAKMPHLLVAGTTGSGKSVGVNAMLLSILF
KSTPSEARLIMIDPKMLELSIYEGIPHLLCPVVTDMKEAANALRWSVAEMERRYRLMAAMGVRNLAGFNRKVKDAEEAGT
PLTDPLFRRESPDDEPPQLSTLPTIVVVVDEFADMMMIVGKKVEELIARIAQKARAAGIHLILATQRPSVDVITGLIKAN
IPTRIAFQVSSKIDSRTILDQGGAEQLLGHGDMLYLPPGTGLPIRVHGAFVSDDEVHRVVEAWKLRGAPDYIEDILAGVD
EGGKLHHHHHH
;
A,B,C,D,E,F
2 'polydeoxyribonucleotide' (DA)(DT)(DA)(DT)(DA)(DT)(DA)(DT)(DA)(DT)(DA)(DT)(DA)(DT)(DA)(DT) G,H
#
loop_
_chem_comp.id
_chem_comp.type
_chem_comp.name
_chem_comp.formula
ADP non-polymer ADENOSINE-5'-DIPHOSPHATE 'C10 H15 N5 O10 P2'
DA DNA linking 2'-DEOXYADENOSINE-5'-MONOPHOSPHATE 'C10 H14 N5 O6 P'
DT DNA linking THYMIDINE-5'-MONOPHOSPHATE 'C10 H15 N2 O8 P'
#
# COMPACT_ATOMS: atom_id res chain seq x y z
N LEU A 70 -57.40 -6.37 -8.68
CA LEU A 70 -56.19 -6.05 -9.44
C LEU A 70 -56.52 -5.03 -10.51
N PRO A 71 -55.90 -3.87 -10.44
CA PRO A 71 -56.18 -2.81 -11.43
C PRO A 71 -55.46 -3.09 -12.74
N PRO A 72 -56.01 -2.63 -13.85
CA PRO A 72 -55.41 -2.94 -15.16
C PRO A 72 -54.23 -2.04 -15.49
N LEU A 73 -53.73 -2.19 -16.72
CA LEU A 73 -52.57 -1.45 -17.19
C LEU A 73 -52.91 -0.04 -17.67
N SER A 74 -54.18 0.34 -17.67
CA SER A 74 -54.64 1.50 -18.41
C SER A 74 -54.24 2.83 -17.79
N LEU A 75 -53.80 2.85 -16.53
CA LEU A 75 -53.52 4.12 -15.89
C LEU A 75 -52.22 4.76 -16.33
N LEU A 76 -51.38 4.05 -17.08
CA LEU A 76 -50.09 4.57 -17.50
C LEU A 76 -50.22 5.36 -18.80
N ASP A 77 -49.19 6.10 -19.12
CA ASP A 77 -49.14 6.79 -20.39
C ASP A 77 -48.91 5.78 -21.51
N PRO A 78 -49.50 5.98 -22.69
CA PRO A 78 -49.39 4.98 -23.76
C PRO A 78 -48.00 4.88 -24.37
N ALA A 79 -47.83 3.92 -25.27
CA ALA A 79 -46.62 3.81 -26.06
C ALA A 79 -46.71 4.80 -27.22
N GLU A 80 -45.95 5.88 -27.14
CA GLU A 80 -46.05 6.92 -28.15
C GLU A 80 -45.30 6.50 -29.40
N VAL A 81 -45.22 7.41 -30.37
CA VAL A 81 -44.49 7.20 -31.61
C VAL A 81 -43.35 8.20 -31.64
N LYS A 82 -42.13 7.72 -31.82
CA LYS A 82 -40.97 8.57 -32.01
C LYS A 82 -40.27 8.16 -33.28
N GLN A 83 -40.21 9.08 -34.24
CA GLN A 83 -39.59 8.85 -35.53
C GLN A 83 -38.10 9.17 -35.55
N LYS A 84 -37.50 9.39 -34.37
CA LYS A 84 -36.09 9.77 -34.28
C LYS A 84 -35.16 8.60 -34.55
N SER A 85 -35.70 7.38 -34.65
CA SER A 85 -34.95 6.23 -35.14
C SER A 85 -34.38 6.52 -36.52
N TYR A 86 -33.06 6.47 -36.62
CA TYR A 86 -32.33 6.99 -37.77
C TYR A 86 -32.64 6.22 -39.04
N SER A 87 -32.42 6.89 -40.16
CA SER A 87 -32.63 6.29 -41.47
C SER A 87 -31.57 5.23 -41.71
N PRO A 88 -31.85 4.27 -42.61
CA PRO A 88 -30.80 3.32 -43.00
C PRO A 88 -29.60 3.99 -43.64
N GLU A 89 -29.78 5.12 -44.31
CA GLU A 89 -28.63 5.89 -44.76
C GLU A 89 -27.89 6.52 -43.58
N SER A 90 -28.63 6.91 -42.53
CA SER A 90 -28.00 7.55 -41.38
C SER A 90 -27.14 6.59 -40.59
N LEU A 91 -27.41 5.29 -40.70
CA LEU A 91 -26.52 4.28 -40.15
C LEU A 91 -25.51 3.80 -41.18
N GLU A 92 -25.86 3.84 -42.47
CA GLU A 92 -24.96 3.29 -43.48
C GLU A 92 -23.78 4.23 -43.72
N ALA A 93 -24.06 5.53 -43.86
CA ALA A 93 -22.99 6.51 -43.98
C ALA A 93 -22.19 6.59 -42.70
N MET A 94 -22.85 6.38 -41.55
CA MET A 94 -22.16 6.24 -40.28
C MET A 94 -21.19 5.07 -40.32
N SER A 95 -21.63 3.94 -40.86
CA SER A 95 -20.82 2.73 -40.86
C SER A 95 -19.64 2.87 -41.80
N ARG A 96 -19.86 3.47 -42.96
CA ARG A 96 -18.76 3.68 -43.89
C ARG A 96 -17.79 4.72 -43.36
N LEU A 97 -18.30 5.72 -42.64
CA LEU A 97 -17.42 6.69 -42.01
C LEU A 97 -16.61 6.03 -40.90
N LEU A 98 -17.21 5.06 -40.20
CA LEU A 98 -16.48 4.30 -39.19
C LEU A 98 -15.38 3.47 -39.82
N GLU A 99 -15.67 2.82 -40.95
CA GLU A 99 -14.66 2.01 -41.61
C GLU A 99 -13.53 2.88 -42.17
N ILE A 100 -13.87 4.07 -42.67
CA ILE A 100 -12.84 4.98 -43.16
C ILE A 100 -11.98 5.49 -42.02
N LYS A 101 -12.60 5.89 -40.90
CA LYS A 101 -11.82 6.45 -39.81
C LYS A 101 -10.97 5.40 -39.13
N LEU A 102 -11.47 4.16 -38.98
CA LEU A 102 -10.59 3.13 -38.44
C LEU A 102 -9.53 2.71 -39.44
N LYS A 103 -9.81 2.81 -40.73
CA LYS A 103 -8.78 2.50 -41.71
C LYS A 103 -7.69 3.56 -41.71
N GLU A 104 -8.01 4.78 -41.31
CA GLU A 104 -6.98 5.81 -41.20
C GLU A 104 -6.01 5.53 -40.07
N PHE A 105 -6.44 4.80 -39.05
CA PHE A 105 -5.52 4.35 -38.03
C PHE A 105 -4.93 3.01 -38.46
N GLY A 106 -4.26 2.32 -37.54
CA GLY A 106 -3.59 1.09 -37.90
C GLY A 106 -4.49 -0.11 -38.12
N VAL A 107 -5.77 0.00 -37.78
CA VAL A 107 -6.65 -1.14 -37.77
C VAL A 107 -7.44 -1.17 -39.08
N GLU A 108 -8.11 -2.30 -39.32
CA GLU A 108 -8.90 -2.48 -40.51
C GLU A 108 -10.07 -3.39 -40.15
N VAL A 109 -11.28 -2.98 -40.51
CA VAL A 109 -12.46 -3.62 -39.99
C VAL A 109 -13.60 -3.46 -40.98
N SER A 110 -14.59 -4.33 -40.87
CA SER A 110 -15.77 -4.33 -41.74
C SER A 110 -17.01 -4.32 -40.86
N VAL A 111 -17.95 -3.42 -41.16
CA VAL A 111 -19.21 -3.39 -40.43
C VAL A 111 -20.06 -4.58 -40.86
N ASP A 112 -20.41 -5.44 -39.91
CA ASP A 112 -21.15 -6.65 -40.21
C ASP A 112 -22.65 -6.51 -39.94
N SER A 113 -23.03 -5.81 -38.88
CA SER A 113 -24.44 -5.52 -38.66
C SER A 113 -24.58 -4.28 -37.78
N VAL A 114 -25.76 -3.68 -37.86
CA VAL A 114 -26.13 -2.52 -37.07
C VAL A 114 -27.36 -2.88 -36.25
N HIS A 115 -27.33 -2.53 -34.97
CA HIS A 115 -28.51 -2.67 -34.12
C HIS A 115 -28.85 -1.31 -33.54
N PRO A 116 -29.94 -0.67 -33.96
CA PRO A 116 -30.33 0.60 -33.35
C PRO A 116 -30.87 0.37 -31.95
N GLY A 117 -30.80 1.41 -31.14
CA GLY A 117 -31.19 1.31 -29.76
C GLY A 117 -31.95 2.50 -29.25
N PRO A 118 -32.36 2.45 -27.98
CA PRO A 118 -33.11 3.56 -27.39
C PRO A 118 -32.23 4.78 -27.21
N VAL A 119 -31.06 4.59 -26.61
CA VAL A 119 -30.11 5.67 -26.39
C VAL A 119 -28.78 5.36 -27.03
N ILE A 120 -28.18 4.24 -26.68
CA ILE A 120 -26.92 3.83 -27.28
C ILE A 120 -27.22 2.87 -28.42
N THR A 121 -26.23 2.69 -29.29
CA THR A 121 -26.44 1.99 -30.54
C THR A 121 -25.20 1.18 -30.87
N ARG A 122 -25.39 -0.11 -31.16
CA ARG A 122 -24.27 -0.98 -31.40
C ARG A 122 -23.78 -0.87 -32.84
N PHE A 123 -22.63 -1.47 -33.08
CA PHE A 123 -22.11 -1.70 -34.43
C PHE A 123 -21.40 -3.04 -34.38
N GLU A 124 -22.02 -4.07 -34.96
CA GLU A 124 -21.34 -5.35 -35.08
C GLU A 124 -20.25 -5.19 -36.14
N ILE A 125 -19.00 -5.11 -35.70
CA ILE A 125 -17.87 -5.02 -36.61
C ILE A 125 -16.97 -6.22 -36.40
N GLN A 126 -16.45 -6.74 -37.49
CA GLN A 126 -15.57 -7.90 -37.46
C GLN A 126 -14.20 -7.49 -37.96
N PRO A 127 -13.19 -7.42 -37.10
CA PRO A 127 -11.84 -7.15 -37.58
C PRO A 127 -11.29 -8.33 -38.37
N ALA A 128 -10.34 -8.05 -39.24
CA ALA A 128 -9.99 -9.01 -40.27
C ALA A 128 -9.10 -10.12 -39.74
N ALA A 129 -7.86 -9.79 -39.38
CA ALA A 129 -6.87 -10.79 -39.03
C ALA A 129 -5.74 -10.12 -38.29
N GLY A 130 -5.38 -10.68 -37.13
CA GLY A 130 -4.31 -10.11 -36.33
C GLY A 130 -4.64 -8.75 -35.77
N VAL A 131 -5.90 -8.46 -35.55
CA VAL A 131 -6.34 -7.17 -35.05
C VAL A 131 -6.87 -7.41 -33.65
N LYS A 132 -6.05 -7.14 -32.65
CA LYS A 132 -6.46 -7.37 -31.28
C LYS A 132 -7.38 -6.27 -30.81
N VAL A 133 -8.21 -6.60 -29.81
CA VAL A 133 -9.24 -5.69 -29.35
C VAL A 133 -8.65 -4.51 -28.59
N SER A 134 -7.45 -4.68 -28.04
CA SER A 134 -6.77 -3.58 -27.37
C SER A 134 -6.43 -2.47 -28.35
N ARG A 135 -6.22 -2.80 -29.62
CA ARG A 135 -6.01 -1.77 -30.62
C ARG A 135 -7.30 -1.07 -31.03
N ILE A 136 -8.45 -1.45 -30.47
CA ILE A 136 -9.66 -0.65 -30.56
C ILE A 136 -9.90 0.14 -29.27
N SER A 137 -9.70 -0.52 -28.13
CA SER A 137 -9.91 0.14 -26.85
C SER A 137 -8.84 1.17 -26.53
N ASN A 138 -7.73 1.19 -27.25
CA ASN A 138 -6.81 2.31 -27.13
C ASN A 138 -7.01 3.36 -28.20
N LEU A 139 -7.88 3.11 -29.18
CA LEU A 139 -8.25 4.15 -30.12
C LEU A 139 -9.56 4.83 -29.75
N ALA A 140 -10.29 4.26 -28.78
CA ALA A 140 -11.66 4.64 -28.40
C ALA A 140 -11.98 6.13 -28.37
N LYS A 141 -11.20 6.91 -27.62
CA LYS A 141 -11.52 8.33 -27.47
C LYS A 141 -11.27 9.10 -28.76
N ASP A 142 -10.20 8.77 -29.48
CA ASP A 142 -9.92 9.46 -30.74
C ASP A 142 -10.93 9.06 -31.80
N LEU A 143 -11.38 7.80 -31.77
CA LEU A 143 -12.45 7.38 -32.65
C LEU A 143 -13.73 8.13 -32.34
N ALA A 144 -13.97 8.41 -31.05
CA ALA A 144 -15.14 9.16 -30.66
C ALA A 144 -15.09 10.59 -31.16
N ARG A 145 -13.92 11.22 -31.09
CA ARG A 145 -13.85 12.56 -31.65
C ARG A 145 -13.77 12.54 -33.18
N SER A 146 -13.50 11.38 -33.78
CA SER A 146 -13.46 11.31 -35.23
C SER A 146 -14.85 11.35 -35.81
N LEU A 147 -15.77 10.60 -35.22
CA LEU A 147 -17.16 10.53 -35.69
C LEU A 147 -18.01 11.68 -35.20
N ALA A 148 -17.40 12.59 -34.42
CA ALA A 148 -18.07 13.75 -33.82
C ALA A 148 -19.24 13.33 -32.95
N VAL A 149 -19.06 12.26 -32.16
CA VAL A 149 -20.06 11.85 -31.20
C VAL A 149 -19.38 12.06 -29.84
N ILE A 150 -20.07 11.78 -28.73
CA ILE A 150 -19.59 12.25 -27.44
C ILE A 150 -18.52 11.30 -26.86
N SER A 151 -18.78 10.00 -26.83
CA SER A 151 -17.76 9.02 -26.41
C SER A 151 -18.21 7.66 -26.91
N VAL A 152 -17.33 6.66 -26.74
CA VAL A 152 -17.56 5.30 -27.22
C VAL A 152 -17.05 4.32 -26.18
N ARG A 153 -17.92 3.46 -25.69
CA ARG A 153 -17.47 2.27 -24.97
C ARG A 153 -17.39 1.13 -25.97
N VAL A 154 -16.46 0.21 -25.75
CA VAL A 154 -16.19 -0.87 -26.69
C VAL A 154 -16.59 -2.18 -26.05
N VAL A 155 -17.48 -2.92 -26.72
CA VAL A 155 -17.86 -4.24 -26.25
C VAL A 155 -16.70 -5.19 -26.43
N GLU A 156 -16.30 -5.85 -25.34
CA GLU A 156 -15.18 -6.78 -25.44
C GLU A 156 -15.60 -8.08 -26.12
N VAL A 157 -16.82 -8.55 -25.87
CA VAL A 157 -17.26 -9.83 -26.40
C VAL A 157 -18.79 -9.84 -26.44
N ILE A 158 -19.32 -10.40 -27.52
CA ILE A 158 -20.73 -10.77 -27.63
C ILE A 158 -20.81 -12.23 -27.24
N PRO A 159 -21.76 -12.65 -26.40
CA PRO A 159 -21.88 -14.07 -26.07
C PRO A 159 -22.30 -14.94 -27.24
N GLY A 160 -21.38 -15.77 -27.72
CA GLY A 160 -21.64 -16.69 -28.80
C GLY A 160 -21.23 -16.19 -30.17
N LYS A 161 -20.99 -14.90 -30.33
CA LYS A 161 -20.74 -14.31 -31.64
C LYS A 161 -19.34 -13.70 -31.67
N THR A 162 -18.68 -13.82 -32.82
CA THR A 162 -17.24 -13.55 -32.94
C THR A 162 -16.90 -12.08 -33.03
N THR A 163 -17.87 -11.20 -33.18
CA THR A 163 -17.58 -9.81 -33.46
C THR A 163 -17.50 -9.00 -32.18
N VAL A 164 -16.72 -7.92 -32.24
CA VAL A 164 -16.66 -6.95 -31.17
C VAL A 164 -17.61 -5.82 -31.51
N GLY A 165 -18.00 -5.07 -30.49
CA GLY A 165 -19.03 -4.09 -30.68
C GLY A 165 -18.63 -2.68 -30.30
N ILE A 166 -18.88 -1.74 -31.17
CA ILE A 166 -18.75 -0.33 -30.86
C ILE A 166 -20.11 0.19 -30.45
N GLU A 167 -20.20 0.69 -29.22
CA GLU A 167 -21.43 1.29 -28.72
C GLU A 167 -21.32 2.81 -28.84
N ILE A 168 -22.23 3.40 -29.60
CA ILE A 168 -22.27 4.83 -29.85
C ILE A 168 -23.62 5.37 -29.42
N PRO A 169 -23.67 6.33 -28.50
CA PRO A 169 -24.96 6.85 -28.04
C PRO A 169 -25.58 7.79 -29.06
N ASN A 170 -26.89 7.66 -29.22
CA ASN A 170 -27.63 8.65 -29.98
C ASN A 170 -27.62 9.96 -29.22
N GLU A 171 -27.66 11.06 -29.99
CA GLU A 171 -27.73 12.36 -29.34
C GLU A 171 -29.12 12.62 -28.80
N ASP A 172 -30.13 12.51 -29.64
CA ASP A 172 -31.52 12.62 -29.20
C ASP A 172 -31.92 11.30 -28.56
N ARG A 173 -31.68 11.19 -27.27
CA ARG A 173 -32.01 9.95 -26.57
C ARG A 173 -33.51 9.84 -26.37
N GLN A 174 -34.01 8.62 -26.43
CA GLN A 174 -35.45 8.37 -26.40
C GLN A 174 -35.84 7.81 -25.04
N MET A 175 -36.70 8.55 -24.34
CA MET A 175 -37.22 8.10 -23.06
C MET A 175 -38.12 6.88 -23.25
N VAL A 176 -37.95 5.89 -22.37
CA VAL A 176 -38.70 4.65 -22.45
C VAL A 176 -39.79 4.67 -21.39
N ARG A 177 -41.04 4.72 -21.85
CA ARG A 177 -42.17 4.73 -20.94
C ARG A 177 -42.35 3.35 -20.30
N PHE A 178 -42.97 3.34 -19.13
CA PHE A 178 -43.04 2.11 -18.36
C PHE A 178 -44.11 1.17 -18.88
N SER A 179 -45.17 1.71 -19.49
CA SER A 179 -46.17 0.85 -20.10
C SER A 179 -45.63 0.13 -21.32
N GLU A 180 -44.58 0.67 -21.95
CA GLU A 180 -43.84 -0.09 -22.94
C GLU A 180 -43.13 -1.28 -22.33
N VAL A 181 -42.73 -1.19 -21.07
CA VAL A 181 -42.10 -2.32 -20.42
C VAL A 181 -43.17 -3.35 -20.06
N LEU A 182 -44.35 -2.88 -19.68
CA LEU A 182 -45.41 -3.84 -19.37
C LEU A 182 -46.10 -4.38 -20.60
N SER A 183 -45.78 -3.86 -21.78
CA SER A 183 -46.48 -4.27 -22.98
C SER A 183 -46.02 -5.62 -23.52
N SER A 184 -45.08 -6.28 -22.86
CA SER A 184 -44.61 -7.54 -23.42
C SER A 184 -45.54 -8.68 -23.02
N PRO A 185 -45.56 -9.76 -23.80
CA PRO A 185 -46.12 -11.02 -23.29
C PRO A 185 -45.23 -11.69 -22.27
N GLU A 186 -43.99 -11.23 -22.11
CA GLU A 186 -43.10 -11.79 -21.13
C GLU A 186 -43.46 -11.39 -19.71
N TYR A 187 -43.97 -10.17 -19.53
CA TYR A 187 -44.37 -9.71 -18.20
C TYR A 187 -45.60 -10.45 -17.69
N ASP A 188 -46.73 -10.27 -18.39
CA ASP A 188 -48.02 -10.71 -17.85
C ASP A 188 -48.12 -12.23 -17.81
N GLU A 189 -47.43 -12.91 -18.72
CA GLU A 189 -47.32 -14.37 -18.67
C GLU A 189 -45.97 -14.79 -18.13
N HIS A 190 -45.50 -14.10 -17.10
CA HIS A 190 -44.43 -14.61 -16.26
C HIS A 190 -45.05 -15.28 -15.04
N LYS A 191 -44.64 -16.52 -14.78
CA LYS A 191 -45.35 -17.36 -13.82
C LYS A 191 -45.16 -16.89 -12.38
N SER A 192 -44.09 -16.15 -12.10
CA SER A 192 -43.78 -15.79 -10.72
C SER A 192 -44.74 -14.74 -10.18
N THR A 193 -44.53 -14.38 -8.91
CA THR A 193 -45.34 -13.38 -8.25
C THR A 193 -44.56 -12.12 -7.92
N VAL A 194 -43.25 -12.11 -8.16
CA VAL A 194 -42.46 -10.90 -7.94
C VAL A 194 -41.64 -10.54 -9.16
N PRO A 195 -42.25 -10.05 -10.23
CA PRO A 195 -41.47 -9.60 -11.38
C PRO A 195 -40.81 -8.26 -11.09
N LEU A 196 -39.70 -8.03 -11.76
CA LEU A 196 -38.97 -6.77 -11.64
C LEU A 196 -38.79 -6.20 -13.04
N ALA A 197 -39.78 -5.45 -13.49
CA ALA A 197 -39.69 -4.83 -14.79
C ALA A 197 -38.75 -3.64 -14.73
N LEU A 198 -37.67 -3.73 -15.49
CA LEU A 198 -36.63 -2.71 -15.50
C LEU A 198 -36.65 -1.84 -16.74
N GLY A 199 -36.89 -2.40 -17.90
CA GLY A 199 -36.99 -1.63 -19.11
C GLY A 199 -36.39 -2.37 -20.28
N HIS A 200 -36.37 -1.68 -21.42
CA HIS A 200 -35.81 -2.27 -22.62
C HIS A 200 -34.30 -2.23 -22.57
N ASP A 201 -33.69 -3.20 -23.23
CA ASP A 201 -32.24 -3.38 -23.21
C ASP A 201 -31.60 -2.53 -24.29
N ILE A 202 -30.34 -2.87 -24.61
CA ILE A 202 -29.61 -2.27 -25.72
C ILE A 202 -30.38 -2.43 -27.03
N GLY A 203 -30.76 -3.66 -27.36
CA GLY A 203 -31.49 -3.89 -28.58
C GLY A 203 -32.93 -3.43 -28.55
N GLY A 204 -33.48 -3.21 -27.36
CA GLY A 204 -34.86 -2.79 -27.22
C GLY A 204 -35.79 -3.85 -26.71
N ARG A 205 -35.33 -5.06 -26.50
CA ARG A 205 -36.20 -6.07 -25.92
C ARG A 205 -36.35 -5.82 -24.42
N PRO A 206 -37.52 -6.08 -23.86
CA PRO A 206 -37.68 -5.95 -22.41
C PRO A 206 -36.96 -7.07 -21.68
N ILE A 207 -36.30 -6.71 -20.59
CA ILE A 207 -35.67 -7.68 -19.71
C ILE A 207 -36.32 -7.52 -18.34
N ILE A 208 -37.07 -8.54 -17.93
CA ILE A 208 -37.75 -8.57 -16.65
C ILE A 208 -37.34 -9.85 -15.96
N THR A 209 -36.81 -9.72 -14.75
CA THR A 209 -36.25 -10.85 -14.03
C THR A 209 -36.98 -11.06 -12.73
N ASP A 210 -36.86 -12.28 -12.20
CA ASP A 210 -37.65 -12.74 -11.06
C ASP A 210 -36.90 -12.41 -9.79
N LEU A 211 -37.59 -11.74 -8.88
CA LEU A 211 -37.01 -11.45 -7.57
C LEU A 211 -36.89 -12.71 -6.73
N ALA A 212 -37.78 -13.67 -6.92
CA ALA A 212 -37.72 -14.90 -6.14
C ALA A 212 -36.49 -15.73 -6.50
N LYS A 213 -36.07 -15.68 -7.75
CA LYS A 213 -34.84 -16.35 -8.16
C LYS A 213 -33.68 -15.37 -8.23
N MET A 214 -33.79 -14.21 -7.60
CA MET A 214 -32.74 -13.22 -7.81
C MET A 214 -31.52 -13.49 -6.94
N PRO A 215 -31.63 -13.63 -5.60
CA PRO A 215 -32.65 -13.49 -4.56
C PRO A 215 -32.66 -12.13 -3.89
N HIS A 216 -31.68 -11.26 -4.16
CA HIS A 216 -31.61 -9.96 -3.49
C HIS A 216 -31.05 -8.92 -4.44
N LEU A 217 -31.32 -7.63 -4.14
CA LEU A 217 -30.83 -6.54 -4.96
C LEU A 217 -30.14 -5.47 -4.15
N LEU A 218 -29.11 -4.88 -4.74
CA LEU A 218 -28.56 -3.62 -4.31
C LEU A 218 -28.84 -2.57 -5.37
N VAL A 219 -29.05 -1.34 -4.92
CA VAL A 219 -29.14 -0.19 -5.81
C VAL A 219 -28.14 0.84 -5.31
N ALA A 220 -27.36 1.42 -6.23
CA ALA A 220 -26.48 2.52 -5.85
C ALA A 220 -26.39 3.50 -7.00
N GLY A 221 -26.10 4.75 -6.64
CA GLY A 221 -25.96 5.79 -7.63
C GLY A 221 -25.80 7.12 -6.93
N THR A 222 -25.51 8.14 -7.71
CA THR A 222 -25.38 9.45 -7.10
C THR A 222 -26.74 10.06 -6.84
N THR A 223 -26.72 11.22 -6.20
CA THR A 223 -27.93 12.00 -6.04
C THR A 223 -28.41 12.48 -7.39
N GLY A 224 -29.73 12.41 -7.59
CA GLY A 224 -30.30 12.76 -8.87
C GLY A 224 -30.23 11.68 -9.92
N SER A 225 -29.41 10.64 -9.72
CA SER A 225 -29.20 9.63 -10.75
C SER A 225 -30.36 8.68 -10.92
N GLY A 226 -31.42 8.78 -10.12
CA GLY A 226 -32.68 8.16 -10.45
C GLY A 226 -33.13 6.99 -9.60
N LYS A 227 -32.57 6.82 -8.40
CA LYS A 227 -32.84 5.63 -7.60
C LYS A 227 -34.27 5.59 -7.10
N SER A 228 -34.86 6.76 -6.84
CA SER A 228 -36.27 6.83 -6.52
C SER A 228 -37.11 6.29 -7.66
N VAL A 229 -36.73 6.61 -8.89
CA VAL A 229 -37.48 6.17 -10.05
C VAL A 229 -37.32 4.67 -10.25
N GLY A 230 -36.12 4.15 -9.97
CA GLY A 230 -35.92 2.71 -10.09
C GLY A 230 -36.67 1.93 -9.04
N VAL A 231 -36.71 2.44 -7.81
CA VAL A 231 -37.43 1.74 -6.76
C VAL A 231 -38.94 1.81 -7.00
N ASN A 232 -39.42 2.95 -7.50
CA ASN A 232 -40.82 3.04 -7.89
C ASN A 232 -41.15 2.10 -9.03
N ALA A 233 -40.20 1.91 -9.95
CA ALA A 233 -40.40 0.99 -11.05
C ALA A 233 -40.50 -0.44 -10.56
N MET A 234 -39.63 -0.82 -9.62
CA MET A 234 -39.67 -2.18 -9.10
C MET A 234 -40.92 -2.41 -8.27
N LEU A 235 -41.35 -1.40 -7.53
CA LEU A 235 -42.52 -1.59 -6.70
C LEU A 235 -43.79 -1.65 -7.52
N LEU A 236 -43.93 -0.80 -8.55
CA LEU A 236 -45.07 -0.94 -9.43
C LEU A 236 -44.97 -2.18 -10.30
N SER A 237 -43.78 -2.74 -10.46
CA SER A 237 -43.69 -4.06 -11.06
C SER A 237 -44.27 -5.11 -10.13
N ILE A 238 -44.06 -4.94 -8.82
CA ILE A 238 -44.64 -5.87 -7.86
C ILE A 238 -46.15 -5.74 -7.82
N LEU A 239 -46.66 -4.52 -7.90
CA LEU A 239 -48.05 -4.26 -7.53
C LEU A 239 -49.03 -4.84 -8.55
N PHE A 240 -48.76 -4.68 -9.84
CA PHE A 240 -49.75 -5.05 -10.85
C PHE A 240 -49.99 -6.53 -10.99
N LYS A 241 -49.22 -7.38 -10.34
CA LYS A 241 -49.34 -8.82 -10.60
C LYS A 241 -49.92 -9.60 -9.45
N SER A 242 -49.55 -9.31 -8.21
CA SER A 242 -49.92 -10.17 -7.09
C SER A 242 -51.10 -9.61 -6.31
N THR A 243 -51.83 -10.53 -5.69
CA THR A 243 -52.92 -10.21 -4.80
C THR A 243 -52.33 -9.88 -3.43
N PRO A 244 -53.12 -9.28 -2.52
CA PRO A 244 -52.68 -9.15 -1.12
C PRO A 244 -52.19 -10.42 -0.46
N SER A 245 -52.85 -11.55 -0.71
CA SER A 245 -52.35 -12.79 -0.14
C SER A 245 -51.42 -13.52 -1.10
N GLU A 246 -50.49 -12.79 -1.69
CA GLU A 246 -49.33 -13.43 -2.32
C GLU A 246 -48.02 -12.80 -1.92
N ALA A 247 -47.97 -11.48 -1.80
CA ALA A 247 -46.68 -10.79 -1.70
C ALA A 247 -46.86 -9.53 -0.87
N ARG A 248 -46.58 -9.64 0.43
CA ARG A 248 -46.59 -8.46 1.26
C ARG A 248 -45.22 -7.78 1.19
N LEU A 249 -45.17 -6.54 1.64
CA LEU A 249 -43.91 -5.82 1.58
C LEU A 249 -43.77 -4.91 2.79
N ILE A 250 -42.51 -4.61 3.13
CA ILE A 250 -42.18 -3.74 4.24
C ILE A 250 -41.26 -2.65 3.72
N MET A 251 -41.67 -1.40 3.88
CA MET A 251 -40.91 -0.28 3.37
C MET A 251 -40.18 0.41 4.50
N ILE A 252 -38.95 0.80 4.26
CA ILE A 252 -38.18 1.58 5.22
C ILE A 252 -37.51 2.74 4.51
N ASP A 253 -37.74 3.96 5.01
CA ASP A 253 -37.19 5.18 4.41
C ASP A 253 -36.66 6.15 5.46
N PRO A 254 -35.35 6.30 5.57
CA PRO A 254 -34.79 7.32 6.46
C PRO A 254 -34.90 8.69 5.82
N LYS A 255 -34.79 8.74 4.50
CA LYS A 255 -35.10 9.94 3.76
C LYS A 255 -36.63 9.97 3.65
N MET A 256 -37.26 10.62 4.62
CA MET A 256 -38.67 10.42 4.91
C MET A 256 -39.59 11.19 3.98
N LEU A 257 -39.39 11.07 2.70
CA LEU A 257 -40.04 12.05 1.85
C LEU A 257 -40.82 11.45 0.69
N GLU A 258 -40.26 10.44 0.03
CA GLU A 258 -40.77 10.01 -1.25
C GLU A 258 -41.55 8.71 -1.19
N LEU A 259 -41.12 7.78 -0.35
CA LEU A 259 -41.76 6.48 -0.28
C LEU A 259 -42.93 6.44 0.68
N SER A 260 -43.36 7.58 1.20
CA SER A 260 -44.62 7.62 1.93
C SER A 260 -45.82 7.53 1.00
N ILE A 261 -45.61 7.63 -0.31
CA ILE A 261 -46.70 7.70 -1.27
C ILE A 261 -47.49 6.40 -1.34
N TYR A 262 -46.90 5.28 -0.93
CA TYR A 262 -47.53 3.99 -1.05
C TYR A 262 -48.40 3.63 0.15
N GLU A 263 -48.56 4.55 1.09
CA GLU A 263 -49.28 4.22 2.31
C GLU A 263 -50.77 4.15 2.04
N GLY A 264 -51.37 3.00 2.30
CA GLY A 264 -52.79 2.84 2.10
C GLY A 264 -53.14 1.63 1.27
N ILE A 265 -52.13 0.95 0.76
CA ILE A 265 -52.36 -0.24 -0.05
C ILE A 265 -52.70 -1.40 0.86
N PRO A 266 -53.39 -2.41 0.39
CA PRO A 266 -53.53 -3.67 1.14
C PRO A 266 -52.40 -4.64 0.85
N HIS A 267 -51.16 -4.18 0.98
CA HIS A 267 -50.03 -5.08 0.86
C HIS A 267 -48.94 -4.83 1.87
N LEU A 268 -49.02 -3.77 2.66
CA LEU A 268 -47.85 -3.19 3.28
C LEU A 268 -47.96 -3.35 4.80
N LEU A 269 -47.04 -4.15 5.36
CA LEU A 269 -47.24 -4.71 6.70
C LEU A 269 -47.19 -3.65 7.79
N CYS A 270 -46.09 -3.02 7.97
CA CYS A 270 -46.06 -1.89 8.88
C CYS A 270 -46.50 -0.65 8.14
N PRO A 271 -46.87 0.42 8.83
CA PRO A 271 -46.90 1.73 8.17
C PRO A 271 -45.49 2.10 7.74
N VAL A 272 -45.41 2.86 6.64
CA VAL A 272 -44.11 3.25 6.08
C VAL A 272 -43.39 4.12 7.09
N VAL A 273 -42.22 3.67 7.51
CA VAL A 273 -41.69 4.03 8.82
C VAL A 273 -41.14 5.44 8.79
N THR A 274 -40.92 5.98 9.99
CA THR A 274 -40.34 7.31 10.16
C THR A 274 -38.82 7.22 10.37
N ASP A 275 -38.40 6.60 11.45
CA ASP A 275 -37.00 6.55 11.81
C ASP A 275 -36.55 5.10 11.77
N MET A 276 -35.23 4.90 11.71
CA MET A 276 -34.66 3.59 11.97
C MET A 276 -34.91 3.10 13.38
N LYS A 277 -35.21 4.03 14.31
CA LYS A 277 -35.46 3.69 15.70
C LYS A 277 -36.68 2.79 15.85
N GLU A 278 -37.68 2.94 15.00
CA GLU A 278 -38.78 1.99 15.00
C GLU A 278 -38.58 0.87 13.99
N ALA A 279 -37.79 1.11 12.94
CA ALA A 279 -37.70 0.15 11.84
C ALA A 279 -36.72 -0.98 12.10
N ALA A 280 -35.73 -0.77 12.96
CA ALA A 280 -34.83 -1.84 13.32
C ALA A 280 -35.57 -2.94 14.08
N ASN A 281 -36.56 -2.55 14.89
CA ASN A 281 -37.35 -3.55 15.60
C ASN A 281 -38.27 -4.30 14.65
N ALA A 282 -38.76 -3.65 13.59
CA ALA A 282 -39.52 -4.37 12.59
C ALA A 282 -38.62 -5.29 11.76
N LEU A 283 -37.33 -4.95 11.65
CA LEU A 283 -36.43 -5.86 10.97
C LEU A 283 -36.10 -7.08 11.85
N ARG A 284 -36.06 -6.89 13.17
CA ARG A 284 -36.03 -8.05 14.06
C ARG A 284 -37.31 -8.86 13.98
N TRP A 285 -38.44 -8.20 13.71
CA TRP A 285 -39.66 -8.95 13.42
C TRP A 285 -39.50 -9.75 12.14
N SER A 286 -38.78 -9.20 11.16
CA SER A 286 -38.50 -9.97 9.95
C SER A 286 -37.63 -11.18 10.25
N VAL A 287 -36.70 -11.03 11.20
CA VAL A 287 -35.90 -12.17 11.67
C VAL A 287 -36.79 -13.23 12.29
N ALA A 288 -37.70 -12.81 13.17
CA ALA A 288 -38.61 -13.76 13.82
C ALA A 288 -39.58 -14.38 12.84
N GLU A 289 -39.97 -13.65 11.81
CA GLU A 289 -40.81 -14.22 10.77
C GLU A 289 -40.05 -15.26 9.96
N MET A 290 -38.77 -15.00 9.72
CA MET A 290 -37.91 -16.00 9.10
C MET A 290 -37.80 -17.24 9.96
N GLU A 291 -37.75 -17.08 11.28
CA GLU A 291 -37.68 -18.25 12.16
C GLU A 291 -39.00 -19.01 12.20
N ARG A 292 -40.14 -18.29 12.14
CA ARG A 292 -41.43 -18.95 12.02
C ARG A 292 -41.49 -19.75 10.73
N ARG A 293 -40.97 -19.17 9.66
CA ARG A 293 -40.96 -19.82 8.36
C ARG A 293 -40.10 -21.06 8.38
N TYR A 294 -38.93 -20.97 9.03
CA TYR A 294 -38.03 -22.11 9.15
C TYR A 294 -38.61 -23.21 10.03
N ARG A 295 -39.25 -22.84 11.14
CA ARG A 295 -39.88 -23.84 12.00
C ARG A 295 -40.99 -24.58 11.25
N LEU A 296 -41.84 -23.83 10.54
CA LEU A 296 -42.97 -24.48 9.91
C LEU A 296 -42.55 -25.27 8.67
N MET A 297 -41.50 -24.85 7.97
CA MET A 297 -41.06 -25.64 6.83
C MET A 297 -40.19 -26.82 7.25
N ALA A 298 -39.52 -26.73 8.40
CA ALA A 298 -38.83 -27.91 8.92
C ALA A 298 -39.82 -28.92 9.45
N ALA A 299 -40.95 -28.45 9.99
CA ALA A 299 -41.98 -29.35 10.46
C ALA A 299 -42.70 -30.02 9.30
N MET A 300 -43.29 -29.22 8.40
CA MET A 300 -44.15 -29.78 7.37
C MET A 300 -43.36 -30.41 6.23
N GLY A 301 -42.06 -30.16 6.15
CA GLY A 301 -41.19 -31.02 5.37
C GLY A 301 -40.47 -30.41 4.18
N VAL A 302 -41.16 -29.62 3.37
CA VAL A 302 -40.56 -29.14 2.12
C VAL A 302 -39.71 -27.91 2.39
N ARG A 303 -38.94 -27.49 1.38
CA ARG A 303 -37.88 -26.52 1.55
C ARG A 303 -38.20 -25.15 0.96
N ASN A 304 -38.67 -25.09 -0.28
CA ASN A 304 -38.98 -23.81 -0.88
C ASN A 304 -40.27 -23.24 -0.30
N LEU A 305 -40.40 -21.92 -0.35
CA LEU A 305 -41.64 -21.29 0.08
C LEU A 305 -42.75 -21.61 -0.89
N ALA A 306 -42.52 -21.39 -2.19
CA ALA A 306 -43.54 -21.66 -3.20
C ALA A 306 -43.84 -23.14 -3.30
N GLY A 307 -42.86 -23.99 -2.97
CA GLY A 307 -43.14 -25.41 -2.84
C GLY A 307 -44.15 -25.68 -1.73
N PHE A 308 -44.02 -24.99 -0.61
CA PHE A 308 -45.00 -25.20 0.44
C PHE A 308 -46.34 -24.55 0.12
N ASN A 309 -46.33 -23.46 -0.63
CA ASN A 309 -47.60 -22.83 -0.96
C ASN A 309 -48.33 -23.63 -2.04
N ARG A 310 -47.59 -24.38 -2.86
CA ARG A 310 -48.22 -25.44 -3.63
C ARG A 310 -48.76 -26.52 -2.70
N LYS A 311 -47.96 -26.91 -1.71
CA LYS A 311 -48.28 -28.03 -0.84
C LYS A 311 -49.54 -27.81 -0.02
N VAL A 312 -49.86 -26.57 0.32
CA VAL A 312 -51.06 -26.33 1.12
C VAL A 312 -52.33 -26.46 0.28
N LYS A 313 -52.47 -25.63 -0.76
CA LYS A 313 -53.71 -25.61 -1.53
C LYS A 313 -53.86 -26.84 -2.41
N ASP A 314 -52.76 -27.31 -2.99
CA ASP A 314 -52.78 -28.51 -3.80
C ASP A 314 -52.88 -29.79 -2.98
N ALA A 315 -52.93 -29.68 -1.65
CA ALA A 315 -53.49 -30.74 -0.83
C ALA A 315 -54.94 -30.47 -0.48
N GLU A 316 -55.28 -29.22 -0.14
CA GLU A 316 -56.68 -28.91 0.17
C GLU A 316 -57.40 -28.33 -1.04
N GLU A 317 -57.35 -29.09 -2.14
CA GLU A 317 -58.44 -29.00 -3.12
C GLU A 317 -59.78 -29.21 -2.43
N ALA A 318 -59.93 -30.35 -1.77
CA ALA A 318 -61.07 -30.57 -0.89
C ALA A 318 -60.94 -29.68 0.32
N GLY A 319 -62.05 -29.12 0.77
CA GLY A 319 -62.02 -28.11 1.82
C GLY A 319 -61.56 -28.61 3.18
N THR A 320 -60.36 -28.22 3.56
CA THR A 320 -59.85 -28.41 4.91
C THR A 320 -58.84 -27.32 5.20
N PRO A 321 -58.78 -26.83 6.45
CA PRO A 321 -57.78 -25.79 6.78
C PRO A 321 -56.37 -26.29 6.91
N LEU A 322 -56.16 -27.62 6.97
CA LEU A 322 -54.86 -28.27 7.10
C LEU A 322 -54.15 -27.79 8.37
N THR A 323 -54.72 -28.21 9.50
CA THR A 323 -54.18 -27.81 10.80
C THR A 323 -52.76 -28.33 10.98
N ASP A 324 -51.96 -27.56 11.71
CA ASP A 324 -50.51 -27.61 11.63
C ASP A 324 -49.87 -27.11 12.91
N PRO A 325 -48.60 -27.50 13.18
CA PRO A 325 -47.94 -26.94 14.36
C PRO A 325 -47.54 -25.48 14.17
N PRO A 336 -54.47 -26.34 18.03
CA PRO A 336 -54.34 -26.73 16.62
C PRO A 336 -54.96 -25.71 15.68
N PRO A 337 -54.23 -24.65 15.34
CA PRO A 337 -54.77 -23.60 14.49
C PRO A 337 -54.79 -24.01 13.02
N GLN A 338 -55.36 -23.12 12.20
CA GLN A 338 -55.52 -23.37 10.78
C GLN A 338 -54.22 -23.09 10.03
N LEU A 339 -54.30 -23.12 8.70
CA LEU A 339 -53.19 -22.75 7.83
C LEU A 339 -53.71 -21.94 6.66
N SER A 340 -53.25 -20.69 6.56
CA SER A 340 -53.55 -19.84 5.43
C SER A 340 -52.53 -20.08 4.32
N THR A 341 -52.56 -19.26 3.28
CA THR A 341 -51.49 -19.33 2.29
C THR A 341 -50.24 -18.67 2.85
N LEU A 342 -49.12 -18.85 2.15
CA LEU A 342 -47.84 -18.37 2.65
C LEU A 342 -47.33 -17.24 1.79
N PRO A 343 -47.53 -15.99 2.19
CA PRO A 343 -47.23 -14.87 1.31
C PRO A 343 -45.74 -14.58 1.21
N THR A 344 -45.39 -13.86 0.14
CA THR A 344 -44.02 -13.43 -0.05
C THR A 344 -43.80 -12.15 0.73
N ILE A 345 -42.61 -12.01 1.31
CA ILE A 345 -42.23 -10.81 2.03
C ILE A 345 -41.09 -10.15 1.28
N VAL A 346 -41.20 -8.85 1.02
CA VAL A 346 -40.17 -8.11 0.33
C VAL A 346 -39.81 -6.91 1.19
N VAL A 347 -38.57 -6.87 1.65
CA VAL A 347 -38.07 -5.74 2.42
C VAL A 347 -37.46 -4.75 1.46
N VAL A 348 -38.13 -3.63 1.26
CA VAL A 348 -37.61 -2.55 0.44
C VAL A 348 -37.11 -1.44 1.35
N VAL A 349 -35.84 -1.10 1.22
CA VAL A 349 -35.22 -0.09 2.07
C VAL A 349 -34.78 1.06 1.17
N ASP A 350 -35.15 2.28 1.56
CA ASP A 350 -34.80 3.44 0.74
C ASP A 350 -33.32 3.77 0.83
N GLU A 351 -32.83 4.09 2.02
CA GLU A 351 -31.46 4.58 2.15
C GLU A 351 -30.84 3.98 3.41
N PHE A 352 -30.29 2.77 3.28
CA PHE A 352 -29.83 2.08 4.47
C PHE A 352 -28.47 2.57 4.93
N ALA A 353 -27.82 3.45 4.15
CA ALA A 353 -26.57 4.05 4.60
C ALA A 353 -26.78 4.88 5.84
N ASP A 354 -27.91 5.61 5.90
CA ASP A 354 -28.28 6.36 7.09
C ASP A 354 -28.47 5.44 8.29
N MET A 355 -29.12 4.29 8.07
CA MET A 355 -29.39 3.37 9.16
C MET A 355 -28.12 2.71 9.68
N MET A 356 -27.25 2.29 8.77
CA MET A 356 -26.00 1.66 9.21
C MET A 356 -25.07 2.66 9.86
N MET A 357 -25.11 3.93 9.44
CA MET A 357 -24.29 4.94 10.10
C MET A 357 -24.80 5.26 11.49
N ILE A 358 -26.09 5.57 11.62
CA ILE A 358 -26.59 6.13 12.87
C ILE A 358 -26.87 5.06 13.92
N VAL A 359 -26.80 3.78 13.56
CA VAL A 359 -26.92 2.73 14.57
C VAL A 359 -25.54 2.24 14.96
N GLY A 360 -24.76 1.82 13.96
CA GLY A 360 -23.48 1.18 14.24
C GLY A 360 -23.31 -0.11 13.49
N LYS A 361 -23.20 -1.22 14.20
CA LYS A 361 -23.00 -2.51 13.58
C LYS A 361 -24.12 -3.50 13.87
N LYS A 362 -25.08 -3.14 14.71
CA LYS A 362 -26.20 -4.04 15.03
C LYS A 362 -27.07 -4.31 13.81
N VAL A 363 -27.49 -3.24 13.13
CA VAL A 363 -28.29 -3.40 11.92
C VAL A 363 -27.45 -4.01 10.80
N GLU A 364 -26.15 -3.71 10.78
CA GLU A 364 -25.24 -4.36 9.85
C GLU A 364 -25.20 -5.87 10.05
N GLU A 365 -25.24 -6.32 11.30
CA GLU A 365 -25.34 -7.74 11.59
C GLU A 365 -26.70 -8.29 11.18
N LEU A 366 -27.75 -7.50 11.37
CA LEU A 366 -29.11 -7.92 11.02
C LEU A 366 -29.26 -8.15 9.53
N ILE A 367 -28.61 -7.32 8.71
CA ILE A 367 -28.75 -7.43 7.25
C ILE A 367 -28.16 -8.74 6.75
N ALA A 368 -26.97 -9.10 7.23
CA ALA A 368 -26.39 -10.38 6.85
C ALA A 368 -27.16 -11.54 7.46
N ARG A 369 -27.72 -11.35 8.66
CA ARG A 369 -28.47 -12.43 9.28
C ARG A 369 -29.76 -12.71 8.51
N ILE A 370 -30.34 -11.69 7.89
CA ILE A 370 -31.42 -11.94 6.94
C ILE A 370 -30.87 -12.61 5.70
N ALA A 371 -29.90 -11.96 5.04
CA ALA A 371 -29.47 -12.33 3.71
C ALA A 371 -28.63 -13.60 3.66
N GLN A 372 -28.38 -14.24 4.78
CA GLN A 372 -27.69 -15.53 4.79
C GLN A 372 -28.67 -16.70 4.83
N LYS A 373 -29.91 -16.47 5.23
CA LYS A 373 -30.91 -17.52 5.43
C LYS A 373 -32.23 -17.14 4.78
N ALA A 374 -32.20 -16.70 3.52
CA ALA A 374 -33.34 -16.00 2.96
C ALA A 374 -33.96 -16.62 1.72
N ARG A 375 -33.20 -17.31 0.88
CA ARG A 375 -33.67 -17.66 -0.47
C ARG A 375 -34.84 -18.64 -0.42
N ALA A 376 -34.83 -19.56 0.53
CA ALA A 376 -35.99 -20.40 0.73
C ALA A 376 -36.95 -19.82 1.75
N ALA A 377 -36.57 -18.75 2.42
CA ALA A 377 -37.42 -18.18 3.46
C ALA A 377 -38.58 -17.38 2.89
N GLY A 378 -38.48 -16.94 1.64
CA GLY A 378 -39.51 -16.07 1.13
C GLY A 378 -39.46 -14.67 1.72
N ILE A 379 -38.27 -14.20 2.03
CA ILE A 379 -38.04 -12.81 2.43
C ILE A 379 -36.91 -12.31 1.55
N HIS A 380 -37.22 -11.37 0.67
CA HIS A 380 -36.24 -10.86 -0.27
C HIS A 380 -35.94 -9.42 0.05
N LEU A 381 -34.70 -9.02 -0.22
CA LEU A 381 -34.18 -7.75 0.25
C LEU A 381 -33.88 -6.85 -0.94
N ILE A 382 -34.40 -5.63 -0.88
CA ILE A 382 -34.07 -4.59 -1.85
C ILE A 382 -33.40 -3.49 -1.06
N LEU A 383 -32.19 -3.12 -1.46
CA LEU A 383 -31.46 -2.06 -0.80
C LEU A 383 -31.08 -0.97 -1.78
N ALA A 384 -31.06 0.25 -1.28
CA ALA A 384 -30.53 1.37 -2.04
C ALA A 384 -29.77 2.27 -1.08
N THR A 385 -28.71 2.89 -1.60
CA THR A 385 -27.83 3.72 -0.80
C THR A 385 -27.48 4.96 -1.61
N GLN A 386 -26.55 5.74 -1.10
CA GLN A 386 -25.97 6.79 -1.93
C GLN A 386 -24.46 6.70 -2.02
N ARG A 387 -23.77 6.42 -0.91
CA ARG A 387 -22.39 6.01 -1.02
C ARG A 387 -22.35 4.49 -0.98
N PRO A 388 -21.84 3.84 -2.02
CA PRO A 388 -21.73 2.38 -2.01
C PRO A 388 -20.43 1.84 -1.45
N SER A 389 -19.66 2.67 -0.76
CA SER A 389 -18.30 2.30 -0.37
C SER A 389 -18.33 1.26 0.74
N VAL A 390 -17.14 0.73 1.04
CA VAL A 390 -17.00 -0.41 1.94
C VAL A 390 -17.15 0.03 3.39
N ASP A 391 -17.30 1.33 3.61
CA ASP A 391 -17.66 1.81 4.94
C ASP A 391 -19.08 1.39 5.31
N VAL A 392 -19.96 1.20 4.33
CA VAL A 392 -21.32 0.80 4.62
C VAL A 392 -21.66 -0.57 4.02
N ILE A 393 -21.01 -1.00 2.95
CA ILE A 393 -21.24 -2.33 2.40
C ILE A 393 -19.95 -3.11 2.54
N THR A 394 -19.82 -3.83 3.64
CA THR A 394 -18.61 -4.58 3.91
C THR A 394 -18.69 -5.94 3.24
N GLY A 395 -17.67 -6.76 3.44
CA GLY A 395 -17.72 -8.13 3.00
C GLY A 395 -18.67 -8.99 3.79
N LEU A 396 -19.10 -8.52 4.95
CA LEU A 396 -20.12 -9.17 5.74
C LEU A 396 -21.49 -9.17 5.04
N ILE A 397 -21.73 -8.25 4.12
CA ILE A 397 -22.91 -8.28 3.28
C ILE A 397 -22.59 -8.79 1.88
N LYS A 398 -21.39 -8.46 1.38
CA LYS A 398 -21.07 -8.47 -0.04
C LYS A 398 -21.17 -9.85 -0.67
N ALA A 399 -21.03 -10.92 0.11
CA ALA A 399 -21.23 -12.24 -0.45
C ALA A 399 -22.64 -12.76 -0.26
N ASN A 400 -23.48 -12.05 0.50
CA ASN A 400 -24.84 -12.49 0.74
C ASN A 400 -25.86 -11.81 -0.15
N ILE A 401 -25.45 -10.86 -0.99
CA ILE A 401 -26.33 -10.29 -1.99
C ILE A 401 -25.63 -10.42 -3.34
N PRO A 402 -25.98 -11.42 -4.13
CA PRO A 402 -25.30 -11.61 -5.41
C PRO A 402 -25.62 -10.53 -6.42
N THR A 403 -26.91 -10.32 -6.70
CA THR A 403 -27.34 -9.48 -7.81
C THR A 403 -27.35 -8.02 -7.42
N ARG A 404 -26.64 -7.21 -8.19
CA ARG A 404 -26.49 -5.81 -7.86
C ARG A 404 -26.89 -4.95 -9.06
N ILE A 405 -27.34 -3.74 -8.76
CA ILE A 405 -27.60 -2.72 -9.76
C ILE A 405 -26.94 -1.43 -9.31
N ALA A 406 -26.20 -0.80 -10.20
CA ALA A 406 -25.60 0.49 -9.90
C ALA A 406 -26.07 1.51 -10.94
N PHE A 407 -26.49 2.67 -10.47
CA PHE A 407 -26.84 3.74 -11.40
C PHE A 407 -25.57 4.54 -11.69
N GLN A 408 -25.70 5.74 -12.25
CA GLN A 408 -24.55 6.57 -12.57
C GLN A 408 -23.82 6.99 -11.30
N VAL A 409 -22.52 6.71 -11.24
CA VAL A 409 -21.72 6.91 -10.05
C VAL A 409 -20.58 7.86 -10.37
N SER A 410 -19.67 8.05 -9.41
CA SER A 410 -18.63 9.06 -9.53
C SER A 410 -17.23 8.48 -9.71
N SER A 411 -17.02 7.20 -9.46
CA SER A 411 -15.65 6.69 -9.48
C SER A 411 -15.63 5.24 -9.94
N LYS A 412 -14.54 4.86 -10.60
CA LYS A 412 -14.27 3.44 -10.81
C LYS A 412 -13.99 2.71 -9.51
N ILE A 413 -13.59 3.44 -8.48
CA ILE A 413 -13.50 2.90 -7.12
C ILE A 413 -14.85 2.34 -6.68
N ASP A 414 -15.86 3.22 -6.66
CA ASP A 414 -17.20 2.79 -6.27
C ASP A 414 -17.82 1.87 -7.31
N SER A 415 -17.42 2.02 -8.58
CA SER A 415 -17.89 1.14 -9.64
C SER A 415 -17.50 -0.29 -9.37
N ARG A 416 -16.19 -0.55 -9.21
CA ARG A 416 -15.73 -1.88 -8.80
C ARG A 416 -16.30 -2.29 -7.45
N THR A 417 -16.58 -1.33 -6.58
CA THR A 417 -17.06 -1.65 -5.24
C THR A 417 -18.43 -2.31 -5.27
N ILE A 418 -19.36 -1.79 -6.06
CA ILE A 418 -20.68 -2.40 -6.12
C ILE A 418 -20.96 -3.02 -7.49
N LEU A 419 -19.97 -3.05 -8.37
CA LEU A 419 -20.09 -3.85 -9.60
C LEU A 419 -18.67 -4.27 -9.94
N ASP A 420 -18.30 -5.48 -9.52
CA ASP A 420 -16.91 -5.93 -9.50
C ASP A 420 -16.26 -5.97 -10.87
N GLN A 421 -17.06 -6.05 -11.94
CA GLN A 421 -16.53 -5.85 -13.28
C GLN A 421 -15.98 -4.43 -13.44
N GLY A 422 -16.72 -3.44 -12.98
CA GLY A 422 -16.30 -2.07 -13.15
C GLY A 422 -16.60 -1.52 -14.53
N GLY A 423 -17.01 -0.27 -14.60
CA GLY A 423 -17.43 0.32 -15.86
C GLY A 423 -18.64 1.21 -15.68
N ALA A 424 -19.09 1.32 -14.43
CA ALA A 424 -20.28 2.09 -14.10
C ALA A 424 -20.01 3.58 -14.02
N GLU A 425 -18.77 4.02 -14.12
CA GLU A 425 -18.52 5.45 -14.12
C GLU A 425 -18.84 6.05 -15.48
N GLN A 426 -18.97 5.23 -16.52
CA GLN A 426 -19.26 5.70 -17.88
C GLN A 426 -20.75 5.69 -18.19
N LEU A 427 -21.60 5.98 -17.21
CA LEU A 427 -23.03 5.98 -17.48
C LEU A 427 -23.51 7.35 -17.93
N LEU A 428 -24.64 7.33 -18.63
CA LEU A 428 -25.15 8.54 -19.25
C LEU A 428 -25.91 9.41 -18.27
N GLY A 429 -26.31 8.84 -17.14
CA GLY A 429 -27.25 9.50 -16.25
C GLY A 429 -28.67 9.16 -16.62
N HIS A 430 -29.58 9.40 -15.67
CA HIS A 430 -31.01 9.20 -15.80
C HIS A 430 -31.35 7.75 -16.19
N GLY A 431 -31.07 6.84 -15.27
CA GLY A 431 -31.25 5.45 -15.57
C GLY A 431 -30.02 4.97 -16.31
N ASP A 432 -30.21 4.01 -17.24
CA ASP A 432 -29.14 3.31 -17.94
C ASP A 432 -28.16 2.69 -16.96
N MET A 433 -28.67 1.68 -16.28
CA MET A 433 -27.94 1.06 -15.18
C MET A 433 -27.15 -0.15 -15.61
N LEU A 434 -26.28 -0.61 -14.70
CA LEU A 434 -25.66 -1.91 -14.83
C LEU A 434 -26.42 -2.92 -14.01
N TYR A 435 -26.27 -4.18 -14.39
CA TYR A 435 -27.10 -5.24 -13.84
C TYR A 435 -26.37 -6.56 -14.01
N LEU A 436 -26.06 -7.22 -12.90
CA LEU A 436 -25.57 -8.55 -13.27
C LEU A 436 -26.63 -9.59 -12.98
N PRO A 437 -26.81 -10.55 -13.90
CA PRO A 437 -27.87 -11.55 -13.76
C PRO A 437 -27.52 -12.56 -12.67
N PRO A 438 -28.38 -13.56 -12.42
CA PRO A 438 -27.97 -14.67 -11.55
C PRO A 438 -26.99 -15.64 -12.18
N GLY A 439 -26.38 -15.33 -13.32
CA GLY A 439 -25.13 -15.95 -13.72
C GLY A 439 -23.98 -15.31 -12.99
N THR A 440 -22.92 -14.92 -13.70
CA THR A 440 -21.82 -14.24 -13.05
C THR A 440 -21.08 -13.37 -14.05
N GLY A 441 -20.22 -12.51 -13.49
CA GLY A 441 -19.14 -11.80 -14.16
C GLY A 441 -19.40 -11.10 -15.47
N LEU A 442 -20.66 -10.79 -15.76
CA LEU A 442 -20.99 -10.18 -17.04
C LEU A 442 -22.09 -9.16 -16.79
N PRO A 443 -21.76 -7.88 -16.77
CA PRO A 443 -22.78 -6.87 -16.51
C PRO A 443 -23.70 -6.69 -17.71
N ILE A 444 -24.91 -6.24 -17.44
CA ILE A 444 -25.92 -5.97 -18.47
C ILE A 444 -26.34 -4.52 -18.34
N ARG A 445 -26.28 -3.79 -19.45
CA ARG A 445 -26.75 -2.41 -19.49
C ARG A 445 -28.18 -2.39 -20.00
N VAL A 446 -29.13 -2.07 -19.13
CA VAL A 446 -30.54 -1.95 -19.49
C VAL A 446 -31.06 -0.63 -18.96
N HIS A 447 -31.71 0.13 -19.84
CA HIS A 447 -32.27 1.41 -19.45
C HIS A 447 -33.45 1.22 -18.53
N GLY A 448 -33.72 2.24 -17.73
CA GLY A 448 -34.84 2.22 -16.81
C GLY A 448 -36.12 2.61 -17.50
N ALA A 449 -37.13 2.89 -16.68
CA ALA A 449 -38.41 3.40 -17.17
C ALA A 449 -38.76 4.64 -16.37
N PHE A 450 -38.89 5.76 -17.06
CA PHE A 450 -39.20 7.03 -16.42
C PHE A 450 -40.65 6.98 -15.94
N VAL A 451 -40.84 6.70 -14.66
CA VAL A 451 -42.16 6.56 -14.09
C VAL A 451 -42.55 7.87 -13.42
N SER A 452 -43.65 8.46 -13.86
CA SER A 452 -44.12 9.70 -13.26
C SER A 452 -44.71 9.43 -11.88
N ASP A 453 -44.68 10.47 -11.05
CA ASP A 453 -45.32 10.38 -9.73
C ASP A 453 -46.83 10.30 -9.85
N ASP A 454 -47.39 10.88 -10.91
CA ASP A 454 -48.83 10.85 -11.05
C ASP A 454 -49.32 9.48 -11.48
N GLU A 455 -48.50 8.75 -12.24
CA GLU A 455 -48.78 7.34 -12.55
C GLU A 455 -48.89 6.54 -11.26
N VAL A 456 -47.92 6.76 -10.37
CA VAL A 456 -47.93 6.18 -9.02
C VAL A 456 -49.19 6.58 -8.28
N HIS A 457 -49.61 7.84 -8.38
CA HIS A 457 -50.77 8.31 -7.61
C HIS A 457 -52.06 7.69 -8.12
N ARG A 458 -52.18 7.50 -9.45
CA ARG A 458 -53.29 6.74 -10.01
C ARG A 458 -53.31 5.31 -9.52
N VAL A 459 -52.13 4.65 -9.49
CA VAL A 459 -52.08 3.26 -9.04
C VAL A 459 -52.42 3.15 -7.55
N VAL A 460 -51.97 4.12 -6.76
CA VAL A 460 -52.27 4.16 -5.33
C VAL A 460 -53.77 4.34 -5.09
N GLU A 461 -54.41 5.23 -5.86
CA GLU A 461 -55.85 5.38 -5.73
C GLU A 461 -56.60 4.14 -6.18
N ALA A 462 -56.10 3.47 -7.22
CA ALA A 462 -56.75 2.25 -7.68
C ALA A 462 -56.61 1.13 -6.66
N TRP A 463 -55.53 1.09 -5.90
CA TRP A 463 -55.45 0.09 -4.84
C TRP A 463 -56.25 0.46 -3.62
N LYS A 464 -56.30 1.74 -3.28
CA LYS A 464 -57.05 2.17 -2.10
C LYS A 464 -58.55 2.12 -2.34
N LEU A 465 -59.00 2.02 -3.58
CA LEU A 465 -60.41 1.69 -3.83
C LEU A 465 -60.67 0.20 -3.86
N ARG A 466 -59.73 -0.60 -4.36
CA ARG A 466 -59.90 -2.04 -4.48
C ARG A 466 -59.51 -2.80 -3.21
N GLY A 467 -59.39 -2.11 -2.08
CA GLY A 467 -58.94 -2.81 -0.89
C GLY A 467 -59.27 -2.14 0.43
N ALA A 468 -58.33 -2.21 1.37
CA ALA A 468 -58.54 -1.82 2.75
C ALA A 468 -57.17 -1.69 3.43
N PRO A 469 -57.10 -0.94 4.53
CA PRO A 469 -55.86 -0.91 5.32
C PRO A 469 -55.61 -2.19 6.10
N ASP A 470 -55.04 -3.21 5.44
CA ASP A 470 -54.68 -4.46 6.08
C ASP A 470 -53.32 -4.30 6.76
N TYR A 471 -53.19 -4.80 7.99
CA TYR A 471 -51.99 -4.61 8.78
C TYR A 471 -51.76 -5.77 9.73
N ILE A 472 -50.48 -6.09 9.94
CA ILE A 472 -50.04 -6.92 11.07
C ILE A 472 -49.33 -5.97 12.03
N GLU A 473 -50.00 -5.63 13.13
CA GLU A 473 -49.45 -4.65 14.04
C GLU A 473 -48.68 -5.34 15.16
N ASP A 474 -48.19 -4.51 16.10
CA ASP A 474 -47.13 -4.86 17.06
C ASP A 474 -45.89 -5.42 16.36
N ILE A 475 -45.61 -4.92 15.15
CA ILE A 475 -44.38 -5.24 14.47
C ILE A 475 -43.23 -4.37 14.99
N LEU A 476 -43.56 -3.24 15.61
CA LEU A 476 -42.56 -2.32 16.09
C LEU A 476 -42.17 -2.68 17.51
N LEU B 70 -26.46 -54.30 3.88
CA LEU B 70 -26.35 -54.49 2.44
C LEU B 70 -26.87 -53.27 1.69
N PRO B 71 -25.98 -52.35 1.34
CA PRO B 71 -26.38 -51.16 0.58
C PRO B 71 -26.48 -51.46 -0.91
N PRO B 72 -27.50 -50.96 -1.59
CA PRO B 72 -27.58 -51.09 -3.04
C PRO B 72 -26.92 -49.90 -3.74
N LEU B 73 -26.52 -50.14 -4.99
CA LEU B 73 -25.88 -49.09 -5.78
C LEU B 73 -26.73 -48.59 -6.93
N SER B 74 -27.62 -49.41 -7.47
CA SER B 74 -28.48 -49.02 -8.58
C SER B 74 -29.77 -48.37 -8.11
N LEU B 75 -29.80 -47.85 -6.88
CA LEU B 75 -31.01 -47.27 -6.33
C LEU B 75 -31.37 -45.96 -7.04
N LEU B 76 -30.39 -45.26 -7.58
CA LEU B 76 -30.61 -43.99 -8.25
C LEU B 76 -30.53 -44.16 -9.76
N ASP B 77 -30.64 -43.05 -10.48
CA ASP B 77 -30.87 -43.10 -11.92
C ASP B 77 -29.59 -43.42 -12.69
N PRO B 78 -29.69 -44.09 -13.86
CA PRO B 78 -28.49 -44.54 -14.57
C PRO B 78 -27.89 -43.49 -15.48
N ALA B 79 -26.90 -43.89 -16.26
CA ALA B 79 -26.26 -43.01 -17.25
C ALA B 79 -27.14 -42.97 -18.49
N GLU B 80 -28.01 -41.96 -18.57
CA GLU B 80 -28.91 -41.80 -19.70
C GLU B 80 -28.17 -41.51 -21.00
N VAL B 81 -27.53 -40.34 -21.09
CA VAL B 81 -26.87 -39.90 -22.32
C VAL B 81 -25.51 -39.32 -21.96
N LYS B 82 -24.74 -38.93 -22.98
CA LYS B 82 -23.49 -38.22 -22.77
C LYS B 82 -23.32 -37.01 -23.67
N GLN B 83 -24.34 -36.63 -24.43
CA GLN B 83 -24.55 -35.37 -25.14
C GLN B 83 -23.66 -35.19 -26.37
N LYS B 84 -22.68 -36.07 -26.61
CA LYS B 84 -21.83 -36.19 -27.81
C LYS B 84 -20.84 -35.01 -27.98
N SER B 85 -20.97 -33.95 -27.18
CA SER B 85 -20.05 -32.81 -27.11
C SER B 85 -19.80 -32.17 -28.47
N TYR B 86 -20.90 -31.85 -29.16
CA TYR B 86 -21.01 -31.08 -30.41
C TYR B 86 -20.50 -31.80 -31.65
N SER B 87 -19.72 -32.89 -31.46
CA SER B 87 -19.18 -33.80 -32.45
C SER B 87 -18.35 -34.87 -31.76
N PRO B 88 -18.25 -36.06 -32.33
CA PRO B 88 -17.16 -36.97 -31.95
C PRO B 88 -16.00 -36.89 -32.92
N GLU B 89 -16.19 -36.24 -34.06
CA GLU B 89 -15.21 -36.30 -35.13
C GLU B 89 -14.83 -34.92 -35.67
N SER B 90 -15.82 -34.02 -35.79
CA SER B 90 -15.59 -32.73 -36.40
C SER B 90 -15.09 -31.67 -35.43
N LEU B 91 -14.59 -32.06 -34.27
CA LEU B 91 -13.78 -31.14 -33.48
C LEU B 91 -12.36 -31.06 -34.03
N GLU B 92 -12.01 -31.97 -34.95
CA GLU B 92 -10.83 -31.78 -35.77
C GLU B 92 -10.94 -30.50 -36.59
N ALA B 93 -12.17 -30.16 -37.02
CA ALA B 93 -12.39 -28.88 -37.69
C ALA B 93 -12.18 -27.71 -36.74
N MET B 94 -12.57 -27.88 -35.48
CA MET B 94 -12.28 -26.86 -34.47
C MET B 94 -10.78 -26.71 -34.27
N SER B 95 -10.06 -27.82 -34.33
CA SER B 95 -8.61 -27.79 -34.19
C SER B 95 -7.94 -27.08 -35.36
N ARG B 96 -8.43 -27.34 -36.58
CA ARG B 96 -7.87 -26.65 -37.74
C ARG B 96 -8.20 -25.16 -37.71
N LEU B 97 -9.40 -24.82 -37.22
CA LEU B 97 -9.77 -23.42 -37.11
C LEU B 97 -8.89 -22.73 -36.07
N LEU B 98 -8.55 -23.43 -34.99
CA LEU B 98 -7.62 -22.91 -33.99
C LEU B 98 -6.23 -22.69 -34.58
N GLU B 99 -5.77 -23.65 -35.40
CA GLU B 99 -4.49 -23.51 -36.07
C GLU B 99 -4.45 -22.26 -36.96
N ILE B 100 -5.52 -22.05 -37.72
CA ILE B 100 -5.57 -20.88 -38.60
C ILE B 100 -5.65 -19.59 -37.78
N LYS B 101 -6.42 -19.59 -36.69
CA LYS B 101 -6.54 -18.37 -35.88
C LYS B 101 -5.23 -18.03 -35.19
N LEU B 102 -4.48 -19.03 -34.73
CA LEU B 102 -3.18 -18.71 -34.16
C LEU B 102 -2.18 -18.29 -35.22
N LYS B 103 -2.28 -18.82 -36.43
CA LYS B 103 -1.36 -18.34 -37.46
C LYS B 103 -1.73 -16.94 -37.93
N GLU B 104 -2.98 -16.52 -37.72
CA GLU B 104 -3.34 -15.13 -38.03
C GLU B 104 -2.61 -14.15 -37.13
N PHE B 105 -2.30 -14.54 -35.91
CA PHE B 105 -1.46 -13.70 -35.08
C PHE B 105 -0.02 -14.12 -35.29
N GLY B 106 0.88 -13.60 -34.46
CA GLY B 106 2.29 -13.77 -34.71
C GLY B 106 2.89 -15.05 -34.18
N VAL B 107 2.11 -16.11 -34.08
CA VAL B 107 2.66 -17.42 -33.71
C VAL B 107 2.36 -18.40 -34.82
N GLU B 108 3.22 -19.41 -34.92
CA GLU B 108 2.95 -20.59 -35.73
C GLU B 108 2.94 -21.79 -34.79
N VAL B 109 1.94 -22.65 -34.93
CA VAL B 109 1.67 -23.64 -33.91
C VAL B 109 1.25 -24.95 -34.59
N SER B 110 1.37 -26.04 -33.86
CA SER B 110 0.93 -27.34 -34.31
C SER B 110 0.09 -27.98 -33.22
N VAL B 111 -1.03 -28.58 -33.61
CA VAL B 111 -2.04 -29.07 -32.68
C VAL B 111 -2.03 -30.59 -32.72
N ASP B 112 -1.94 -31.20 -31.54
CA ASP B 112 -2.11 -32.64 -31.41
C ASP B 112 -3.51 -32.92 -30.83
N SER B 113 -3.75 -34.18 -30.46
CA SER B 113 -5.10 -34.70 -30.28
C SER B 113 -5.86 -34.03 -29.14
N VAL B 114 -7.17 -34.04 -29.26
CA VAL B 114 -8.09 -33.30 -28.39
C VAL B 114 -8.53 -34.22 -27.26
N HIS B 115 -8.70 -33.65 -26.07
CA HIS B 115 -9.23 -34.35 -24.90
C HIS B 115 -10.66 -33.85 -24.66
N PRO B 116 -11.67 -34.43 -25.31
CA PRO B 116 -13.01 -33.83 -25.30
C PRO B 116 -13.71 -33.99 -23.96
N GLY B 117 -13.42 -33.08 -23.03
CA GLY B 117 -13.86 -33.21 -21.66
C GLY B 117 -15.35 -33.05 -21.45
N PRO B 118 -15.77 -33.09 -20.18
CA PRO B 118 -17.20 -32.97 -19.85
C PRO B 118 -17.79 -31.63 -20.22
N VAL B 119 -17.23 -30.55 -19.67
CA VAL B 119 -17.66 -29.20 -19.99
C VAL B 119 -16.56 -28.45 -20.74
N ILE B 120 -15.40 -28.27 -20.10
CA ILE B 120 -14.23 -27.67 -20.72
C ILE B 120 -13.54 -28.72 -21.59
N THR B 121 -12.57 -28.29 -22.39
CA THR B 121 -11.86 -29.22 -23.27
C THR B 121 -10.44 -28.74 -23.48
N ARG B 122 -9.49 -29.56 -23.02
CA ARG B 122 -8.06 -29.29 -23.12
C ARG B 122 -7.52 -29.75 -24.47
N PHE B 123 -6.63 -28.94 -25.05
CA PHE B 123 -6.07 -29.19 -26.37
C PHE B 123 -4.57 -29.39 -26.28
N GLU B 124 -4.09 -30.49 -26.86
CA GLU B 124 -2.65 -30.67 -27.03
C GLU B 124 -2.16 -29.71 -28.10
N ILE B 125 -1.49 -28.65 -27.67
CA ILE B 125 -1.10 -27.57 -28.57
C ILE B 125 0.41 -27.40 -28.45
N GLN B 126 1.12 -27.66 -29.53
CA GLN B 126 2.57 -27.59 -29.54
C GLN B 126 3.03 -26.35 -30.27
N PRO B 127 3.60 -25.36 -29.59
CA PRO B 127 4.17 -24.22 -30.28
C PRO B 127 5.46 -24.59 -30.98
N ALA B 128 5.78 -23.80 -31.99
CA ALA B 128 7.04 -23.97 -32.70
C ALA B 128 8.18 -23.38 -31.87
N ALA B 129 9.37 -23.41 -32.44
CA ALA B 129 10.52 -22.90 -31.72
C ALA B 129 10.54 -21.39 -31.72
N GLY B 130 11.30 -20.83 -30.78
CA GLY B 130 11.49 -19.40 -30.68
C GLY B 130 10.41 -18.62 -29.95
N VAL B 131 9.17 -19.09 -30.03
CA VAL B 131 8.07 -18.36 -29.43
C VAL B 131 8.04 -18.63 -27.93
N LYS B 132 7.71 -17.60 -27.17
CA LYS B 132 7.50 -17.76 -25.74
C LYS B 132 6.02 -18.04 -25.48
N VAL B 133 5.72 -18.42 -24.24
CA VAL B 133 4.35 -18.77 -23.90
C VAL B 133 3.55 -17.53 -23.55
N SER B 134 4.22 -16.45 -23.18
CA SER B 134 3.55 -15.19 -22.92
C SER B 134 2.89 -14.60 -24.16
N ARG B 135 3.36 -14.98 -25.35
CA ARG B 135 2.69 -14.58 -26.58
C ARG B 135 1.40 -15.38 -26.81
N ILE B 136 1.14 -16.41 -26.02
CA ILE B 136 -0.18 -17.00 -25.96
C ILE B 136 -0.99 -16.39 -24.83
N SER B 137 -0.32 -16.07 -23.71
CA SER B 137 -1.02 -15.57 -22.55
C SER B 137 -1.54 -14.14 -22.75
N ASN B 138 -0.83 -13.32 -23.50
CA ASN B 138 -1.33 -11.99 -23.83
C ASN B 138 -2.27 -11.99 -25.01
N LEU B 139 -2.64 -13.16 -25.51
CA LEU B 139 -3.40 -13.28 -26.74
C LEU B 139 -4.62 -14.17 -26.55
N ALA B 140 -4.75 -14.75 -25.35
CA ALA B 140 -5.83 -15.69 -25.02
C ALA B 140 -7.21 -15.09 -25.23
N LYS B 141 -7.44 -13.83 -24.83
CA LYS B 141 -8.79 -13.30 -24.91
C LYS B 141 -9.22 -13.05 -26.35
N ASP B 142 -8.30 -12.71 -27.22
CA ASP B 142 -8.71 -12.47 -28.59
C ASP B 142 -8.69 -13.73 -29.42
N LEU B 143 -7.90 -14.72 -28.99
CA LEU B 143 -8.11 -16.07 -29.45
C LEU B 143 -9.51 -16.55 -29.10
N ALA B 144 -9.98 -16.19 -27.90
CA ALA B 144 -11.28 -16.64 -27.44
C ALA B 144 -12.41 -15.99 -28.22
N ARG B 145 -12.33 -14.68 -28.44
CA ARG B 145 -13.38 -14.05 -29.21
C ARG B 145 -13.30 -14.42 -30.69
N SER B 146 -12.11 -14.82 -31.16
CA SER B 146 -12.01 -15.29 -32.54
C SER B 146 -12.64 -16.66 -32.71
N LEU B 147 -12.40 -17.56 -31.77
CA LEU B 147 -12.83 -18.95 -31.88
C LEU B 147 -14.30 -19.17 -31.54
N ALA B 148 -15.09 -18.10 -31.43
CA ALA B 148 -16.53 -18.16 -31.16
C ALA B 148 -16.86 -18.89 -29.86
N VAL B 149 -16.00 -18.72 -28.85
CA VAL B 149 -16.22 -19.40 -27.58
C VAL B 149 -16.36 -18.35 -26.50
N ILE B 150 -16.49 -18.79 -25.25
CA ILE B 150 -16.87 -17.89 -24.17
C ILE B 150 -15.64 -17.27 -23.52
N SER B 151 -14.80 -18.11 -22.93
CA SER B 151 -13.70 -17.61 -22.12
C SER B 151 -12.70 -18.74 -21.94
N VAL B 152 -11.52 -18.62 -22.54
CA VAL B 152 -10.52 -19.66 -22.47
C VAL B 152 -9.40 -19.22 -21.56
N ARG B 153 -8.50 -20.15 -21.25
CA ARG B 153 -7.29 -19.84 -20.52
C ARG B 153 -6.25 -20.88 -20.87
N VAL B 154 -5.02 -20.61 -20.45
CA VAL B 154 -3.85 -21.37 -20.88
C VAL B 154 -3.23 -22.04 -19.67
N VAL B 155 -2.93 -23.33 -19.78
CA VAL B 155 -2.15 -24.04 -18.79
C VAL B 155 -0.73 -24.15 -19.33
N GLU B 156 0.20 -23.46 -18.67
CA GLU B 156 1.53 -23.24 -19.21
C GLU B 156 2.49 -24.40 -18.99
N VAL B 157 2.03 -25.54 -18.50
CA VAL B 157 2.92 -26.67 -18.29
C VAL B 157 2.12 -27.95 -18.42
N ILE B 158 2.75 -28.97 -18.98
CA ILE B 158 2.31 -30.36 -18.85
C ILE B 158 3.50 -31.17 -18.36
N PRO B 159 3.39 -31.86 -17.22
CA PRO B 159 4.50 -32.69 -16.75
C PRO B 159 4.68 -33.88 -17.67
N GLY B 160 5.85 -33.97 -18.27
CA GLY B 160 6.06 -34.96 -19.31
C GLY B 160 6.45 -34.33 -20.62
N LYS B 161 5.54 -34.37 -21.60
CA LYS B 161 5.86 -33.95 -22.95
C LYS B 161 5.92 -32.42 -23.04
N THR B 162 6.23 -31.93 -24.24
CA THR B 162 6.64 -30.54 -24.43
C THR B 162 5.50 -29.61 -24.78
N THR B 163 4.27 -30.08 -24.74
CA THR B 163 3.17 -29.30 -25.30
C THR B 163 2.74 -28.19 -24.34
N VAL B 164 1.77 -27.41 -24.77
CA VAL B 164 1.21 -26.31 -24.00
C VAL B 164 -0.30 -26.47 -24.00
N GLY B 165 -0.89 -26.44 -22.81
CA GLY B 165 -2.31 -26.69 -22.67
C GLY B 165 -3.17 -25.44 -22.80
N ILE B 166 -4.18 -25.52 -23.67
CA ILE B 166 -5.25 -24.54 -23.72
C ILE B 166 -6.57 -25.25 -23.57
N GLU B 167 -7.36 -24.82 -22.59
CA GLU B 167 -8.64 -25.44 -22.26
C GLU B 167 -9.79 -24.54 -22.67
N ILE B 168 -10.80 -25.13 -23.32
CA ILE B 168 -11.89 -24.37 -23.94
C ILE B 168 -13.25 -24.86 -23.46
N PRO B 169 -14.09 -23.98 -22.92
CA PRO B 169 -15.39 -24.40 -22.37
C PRO B 169 -16.49 -24.62 -23.39
N ASN B 170 -16.61 -25.85 -23.91
CA ASN B 170 -17.83 -26.23 -24.63
C ASN B 170 -19.05 -26.00 -23.76
N GLU B 171 -20.03 -25.30 -24.33
CA GLU B 171 -21.13 -24.72 -23.56
C GLU B 171 -22.17 -25.75 -23.15
N ASP B 172 -22.34 -26.84 -23.91
CA ASP B 172 -23.31 -27.88 -23.59
C ASP B 172 -22.79 -28.71 -22.41
N ARG B 173 -23.05 -28.19 -21.22
CA ARG B 173 -22.58 -28.82 -19.98
C ARG B 173 -23.31 -30.12 -19.74
N GLN B 174 -22.63 -31.24 -20.01
CA GLN B 174 -23.14 -32.55 -19.63
C GLN B 174 -23.31 -32.65 -18.12
N MET B 175 -24.55 -32.71 -17.66
CA MET B 175 -24.80 -32.79 -16.23
C MET B 175 -24.36 -34.15 -15.70
N VAL B 176 -23.54 -34.12 -14.65
CA VAL B 176 -22.72 -35.28 -14.28
C VAL B 176 -23.60 -36.28 -13.54
N ARG B 177 -23.81 -37.44 -14.16
CA ARG B 177 -24.65 -38.49 -13.60
C ARG B 177 -23.94 -39.13 -12.41
N PHE B 178 -24.58 -39.07 -11.24
CA PHE B 178 -23.89 -39.41 -10.01
C PHE B 178 -23.62 -40.91 -9.92
N SER B 179 -24.55 -41.73 -10.41
CA SER B 179 -24.33 -43.17 -10.41
C SER B 179 -23.25 -43.56 -11.40
N GLU B 180 -23.00 -42.73 -12.42
CA GLU B 180 -21.87 -43.00 -13.29
C GLU B 180 -20.56 -42.72 -12.57
N VAL B 181 -20.53 -41.71 -11.69
CA VAL B 181 -19.38 -41.50 -10.84
C VAL B 181 -19.19 -42.67 -9.89
N LEU B 182 -20.30 -43.19 -9.36
CA LEU B 182 -20.23 -44.35 -8.50
C LEU B 182 -19.86 -45.62 -9.25
N SER B 183 -20.02 -45.64 -10.57
CA SER B 183 -19.70 -46.83 -11.36
C SER B 183 -18.23 -46.94 -11.68
N SER B 184 -17.39 -46.17 -11.02
CA SER B 184 -15.96 -46.24 -11.26
C SER B 184 -15.39 -47.53 -10.68
N PRO B 185 -14.37 -48.11 -11.34
CA PRO B 185 -13.80 -49.37 -10.83
C PRO B 185 -13.05 -49.22 -9.52
N GLU B 186 -12.29 -48.14 -9.33
CA GLU B 186 -11.59 -48.00 -8.07
C GLU B 186 -12.50 -47.54 -6.94
N TYR B 187 -13.70 -47.06 -7.26
CA TYR B 187 -14.67 -46.78 -6.21
C TYR B 187 -15.16 -48.08 -5.58
N ASP B 188 -15.48 -49.07 -6.41
CA ASP B 188 -15.79 -50.38 -5.89
C ASP B 188 -14.56 -51.02 -5.26
N GLU B 189 -13.39 -50.78 -5.84
CA GLU B 189 -12.15 -51.33 -5.33
C GLU B 189 -11.46 -50.41 -4.34
N HIS B 190 -12.21 -49.56 -3.63
CA HIS B 190 -11.59 -48.66 -2.70
C HIS B 190 -11.32 -49.36 -1.37
N LYS B 191 -10.15 -49.07 -0.80
CA LYS B 191 -9.71 -49.76 0.41
C LYS B 191 -10.48 -49.29 1.63
N SER B 192 -10.46 -47.99 1.92
CA SER B 192 -11.05 -47.47 3.13
C SER B 192 -12.57 -47.51 3.06
N THR B 193 -13.20 -47.17 4.18
CA THR B 193 -14.64 -47.26 4.32
C THR B 193 -15.32 -45.90 4.21
N VAL B 194 -14.58 -44.81 4.26
CA VAL B 194 -15.17 -43.49 4.06
C VAL B 194 -14.46 -42.80 2.90
N PRO B 195 -14.91 -43.01 1.66
CA PRO B 195 -14.35 -42.27 0.54
C PRO B 195 -15.19 -41.03 0.23
N LEU B 196 -14.62 -40.15 -0.58
CA LEU B 196 -15.37 -39.03 -1.13
C LEU B 196 -15.24 -39.04 -2.65
N ALA B 197 -16.32 -39.40 -3.32
CA ALA B 197 -16.42 -39.28 -4.77
C ALA B 197 -16.99 -37.91 -5.10
N LEU B 198 -16.41 -37.27 -6.10
CA LEU B 198 -16.88 -35.96 -6.51
C LEU B 198 -17.31 -35.89 -7.97
N GLY B 199 -16.62 -36.58 -8.86
CA GLY B 199 -17.04 -36.62 -10.25
C GLY B 199 -15.95 -36.77 -11.28
N HIS B 200 -16.00 -35.93 -12.30
CA HIS B 200 -15.03 -35.95 -13.37
C HIS B 200 -13.99 -34.85 -13.18
N ASP B 201 -12.86 -35.03 -13.86
CA ASP B 201 -11.78 -34.06 -13.82
C ASP B 201 -11.78 -33.21 -15.07
N ILE B 202 -10.71 -32.43 -15.22
CA ILE B 202 -10.45 -31.66 -16.43
C ILE B 202 -10.42 -32.58 -17.65
N GLY B 203 -9.72 -33.70 -17.53
CA GLY B 203 -9.79 -34.73 -18.55
C GLY B 203 -11.00 -35.63 -18.38
N GLY B 204 -11.60 -35.63 -17.20
CA GLY B 204 -12.79 -36.41 -16.94
C GLY B 204 -12.59 -37.69 -16.14
N ARG B 205 -11.58 -37.77 -15.33
CA ARG B 205 -11.31 -39.02 -14.64
C ARG B 205 -12.17 -39.13 -13.38
N PRO B 206 -12.41 -40.34 -12.90
CA PRO B 206 -13.01 -40.48 -11.56
C PRO B 206 -12.04 -40.01 -10.48
N ILE B 207 -12.57 -39.24 -9.54
CA ILE B 207 -11.76 -38.46 -8.61
C ILE B 207 -12.12 -38.84 -7.17
N ILE B 208 -12.37 -40.12 -6.94
CA ILE B 208 -12.74 -40.63 -5.61
C ILE B 208 -11.57 -40.42 -4.66
N THR B 209 -11.73 -39.49 -3.74
CA THR B 209 -10.72 -39.21 -2.73
C THR B 209 -11.06 -39.99 -1.46
N ASP B 210 -10.37 -39.67 -0.37
CA ASP B 210 -10.50 -40.46 0.86
C ASP B 210 -10.32 -39.56 2.07
N LEU B 211 -11.43 -39.26 2.77
CA LEU B 211 -11.31 -38.43 3.95
C LEU B 211 -10.84 -39.20 5.17
N ALA B 212 -10.56 -40.50 5.01
CA ALA B 212 -9.71 -41.17 5.98
C ALA B 212 -8.24 -40.77 5.82
N LYS B 213 -7.90 -40.10 4.71
CA LYS B 213 -6.58 -39.56 4.49
C LYS B 213 -6.56 -38.05 4.29
N MET B 214 -7.70 -37.40 4.16
CA MET B 214 -7.71 -35.97 3.88
C MET B 214 -7.25 -35.13 5.06
N PRO B 215 -7.71 -35.38 6.29
CA PRO B 215 -8.84 -36.04 6.94
C PRO B 215 -9.69 -35.00 7.66
N HIS B 216 -9.56 -33.76 7.22
CA HIS B 216 -10.44 -32.68 7.64
C HIS B 216 -10.73 -31.86 6.39
N LEU B 217 -11.93 -31.29 6.33
CA LEU B 217 -12.41 -30.64 5.12
C LEU B 217 -13.19 -29.39 5.46
N LEU B 218 -13.03 -28.34 4.66
CA LEU B 218 -13.69 -27.08 4.87
C LEU B 218 -14.34 -26.66 3.56
N VAL B 219 -15.60 -26.20 3.62
CA VAL B 219 -16.32 -25.76 2.44
C VAL B 219 -16.69 -24.29 2.61
N ALA B 220 -16.47 -23.50 1.55
CA ALA B 220 -16.87 -22.11 1.57
C ALA B 220 -18.34 -21.99 1.16
N GLY B 221 -18.79 -20.78 0.86
CA GLY B 221 -20.19 -20.58 0.55
C GLY B 221 -20.50 -19.86 -0.74
N THR B 222 -21.32 -20.49 -1.57
CA THR B 222 -21.84 -19.89 -2.80
C THR B 222 -23.29 -20.31 -2.95
N THR B 223 -24.18 -19.32 -3.08
CA THR B 223 -25.61 -19.55 -3.06
C THR B 223 -26.11 -20.40 -4.22
N GLY B 224 -25.40 -20.39 -5.35
CA GLY B 224 -25.90 -21.09 -6.53
C GLY B 224 -24.90 -22.04 -7.14
N SER B 225 -24.12 -22.74 -6.32
CA SER B 225 -23.12 -23.67 -6.80
C SER B 225 -23.36 -25.09 -6.36
N GLY B 226 -24.11 -25.31 -5.30
CA GLY B 226 -24.32 -26.64 -4.81
C GLY B 226 -23.47 -26.96 -3.60
N LYS B 227 -23.34 -25.97 -2.72
CA LYS B 227 -22.80 -26.21 -1.39
C LYS B 227 -23.63 -27.24 -0.66
N SER B 228 -24.95 -27.18 -0.81
CA SER B 228 -25.81 -28.24 -0.31
C SER B 228 -25.62 -29.52 -1.12
N VAL B 229 -25.48 -29.39 -2.44
CA VAL B 229 -25.38 -30.54 -3.32
C VAL B 229 -24.09 -31.29 -3.09
N GLY B 230 -23.00 -30.56 -2.84
CA GLY B 230 -21.73 -31.21 -2.55
C GLY B 230 -21.74 -31.93 -1.21
N VAL B 231 -22.43 -31.35 -0.23
CA VAL B 231 -22.59 -32.02 1.06
C VAL B 231 -23.38 -33.31 0.92
N ASN B 232 -24.50 -33.25 0.18
CA ASN B 232 -25.28 -34.47 0.01
C ASN B 232 -24.56 -35.48 -0.88
N ALA B 233 -23.70 -35.01 -1.78
CA ALA B 233 -22.88 -35.92 -2.58
C ALA B 233 -21.88 -36.65 -1.72
N MET B 234 -21.22 -35.91 -0.83
CA MET B 234 -20.29 -36.51 0.11
C MET B 234 -21.01 -37.48 1.05
N LEU B 235 -22.21 -37.14 1.46
CA LEU B 235 -22.91 -37.99 2.41
C LEU B 235 -23.40 -39.28 1.76
N LEU B 236 -23.91 -39.19 0.53
CA LEU B 236 -24.22 -40.43 -0.19
C LEU B 236 -22.98 -41.23 -0.53
N SER B 237 -21.83 -40.56 -0.70
CA SER B 237 -20.59 -41.28 -0.88
C SER B 237 -20.23 -42.05 0.37
N ILE B 238 -20.50 -41.46 1.54
CA ILE B 238 -20.32 -42.19 2.80
C ILE B 238 -21.28 -43.36 2.88
N LEU B 239 -22.53 -43.17 2.46
CA LEU B 239 -23.57 -44.15 2.74
C LEU B 239 -23.41 -45.41 1.91
N PHE B 240 -23.03 -45.28 0.65
CA PHE B 240 -22.99 -46.47 -0.19
C PHE B 240 -21.74 -47.32 -0.02
N LYS B 241 -20.88 -47.03 0.94
CA LYS B 241 -19.69 -47.85 1.10
C LYS B 241 -19.42 -48.09 2.57
N SER B 242 -20.45 -48.47 3.31
CA SER B 242 -20.28 -48.83 4.72
C SER B 242 -21.33 -49.84 5.13
N THR B 243 -21.23 -50.27 6.37
CA THR B 243 -22.21 -51.06 7.10
C THR B 243 -22.51 -50.24 8.35
N PRO B 244 -23.65 -50.48 9.03
CA PRO B 244 -23.95 -49.67 10.23
C PRO B 244 -22.93 -49.78 11.34
N SER B 245 -22.28 -50.92 11.52
CA SER B 245 -21.25 -51.02 12.54
C SER B 245 -19.89 -50.48 12.08
N GLU B 246 -19.84 -49.82 10.92
CA GLU B 246 -18.60 -49.28 10.37
C GLU B 246 -18.55 -47.76 10.36
N ALA B 247 -19.63 -47.10 9.98
CA ALA B 247 -19.65 -45.64 9.92
C ALA B 247 -20.61 -45.07 10.94
N ARG B 248 -20.25 -43.91 11.47
CA ARG B 248 -21.12 -43.14 12.34
C ARG B 248 -21.05 -41.69 11.89
N LEU B 249 -22.14 -40.96 12.05
CA LEU B 249 -22.13 -39.55 11.67
C LEU B 249 -22.93 -38.74 12.68
N ILE B 250 -22.69 -37.43 12.64
CA ILE B 250 -23.32 -36.47 13.54
C ILE B 250 -23.31 -35.10 12.86
N MET B 251 -24.44 -34.42 12.91
CA MET B 251 -24.59 -33.13 12.24
C MET B 251 -24.94 -32.03 13.21
N ILE B 252 -24.56 -30.82 12.83
CA ILE B 252 -24.92 -29.59 13.52
C ILE B 252 -25.23 -28.55 12.44
N ASP B 253 -26.45 -28.03 12.43
CA ASP B 253 -26.81 -27.10 11.39
C ASP B 253 -27.87 -26.10 11.83
N PRO B 254 -27.52 -24.81 11.92
CA PRO B 254 -28.53 -23.81 12.28
C PRO B 254 -29.57 -23.58 11.19
N LYS B 255 -29.21 -23.73 9.92
CA LYS B 255 -30.20 -23.90 8.87
C LYS B 255 -30.73 -25.31 9.02
N MET B 256 -31.86 -25.47 9.72
CA MET B 256 -32.37 -26.82 9.90
C MET B 256 -33.27 -27.25 8.74
N LEU B 257 -32.81 -27.01 7.54
CA LEU B 257 -33.65 -27.12 6.35
C LEU B 257 -33.05 -27.98 5.26
N GLU B 258 -31.76 -27.82 4.99
CA GLU B 258 -31.14 -28.45 3.83
C GLU B 258 -30.63 -29.85 4.14
N LEU B 259 -30.75 -30.30 5.37
CA LEU B 259 -30.05 -31.50 5.81
C LEU B 259 -30.91 -32.44 6.62
N SER B 260 -32.00 -31.98 7.22
CA SER B 260 -32.79 -32.74 8.19
C SER B 260 -33.54 -33.91 7.60
N ILE B 261 -33.43 -34.15 6.28
CA ILE B 261 -33.85 -35.40 5.68
C ILE B 261 -33.00 -36.56 6.19
N TYR B 262 -31.81 -36.28 6.71
CA TYR B 262 -30.93 -37.29 7.29
C TYR B 262 -31.30 -37.65 8.72
N GLU B 263 -32.52 -37.41 9.15
CA GLU B 263 -33.00 -37.99 10.40
C GLU B 263 -33.68 -39.31 10.07
N GLY B 264 -33.54 -40.27 10.96
CA GLY B 264 -33.97 -41.62 10.70
C GLY B 264 -32.91 -42.50 10.09
N ILE B 265 -31.67 -42.02 10.05
CA ILE B 265 -30.56 -42.81 9.48
C ILE B 265 -30.03 -43.73 10.56
N PRO B 266 -29.92 -45.03 10.30
CA PRO B 266 -29.31 -45.94 11.28
C PRO B 266 -27.82 -45.73 11.42
N HIS B 267 -27.18 -45.08 10.46
CA HIS B 267 -25.77 -44.73 10.59
C HIS B 267 -25.53 -43.61 11.59
N LEU B 268 -26.57 -42.97 12.09
CA LEU B 268 -26.40 -41.91 13.08
C LEU B 268 -25.86 -42.46 14.40
N LEU B 269 -25.32 -41.55 15.19
CA LEU B 269 -25.02 -41.84 16.60
C LEU B 269 -25.39 -40.63 17.44
N CYS B 270 -26.38 -39.86 16.98
CA CYS B 270 -26.84 -38.63 17.60
C CYS B 270 -28.16 -38.22 16.96
N PRO B 271 -29.10 -37.65 17.72
CA PRO B 271 -30.25 -37.00 17.08
C PRO B 271 -29.79 -35.76 16.32
N VAL B 272 -30.47 -35.51 15.20
CA VAL B 272 -30.11 -34.43 14.29
C VAL B 272 -30.26 -33.09 15.00
N VAL B 273 -29.14 -32.42 15.24
CA VAL B 273 -29.11 -31.28 16.13
C VAL B 273 -29.71 -30.08 15.42
N THR B 274 -30.84 -29.61 15.92
CA THR B 274 -31.55 -28.47 15.35
C THR B 274 -31.15 -27.17 16.02
N ASP B 275 -31.05 -27.17 17.35
CA ASP B 275 -30.75 -25.96 18.09
C ASP B 275 -29.24 -25.77 18.19
N MET B 276 -28.81 -24.85 19.03
CA MET B 276 -27.39 -24.51 19.15
C MET B 276 -26.83 -24.73 20.54
N LYS B 277 -27.62 -24.56 21.59
CA LYS B 277 -27.16 -24.91 22.93
C LYS B 277 -26.98 -26.43 23.04
N GLU B 278 -27.86 -27.18 22.40
CA GLU B 278 -27.66 -28.61 22.29
C GLU B 278 -26.48 -28.95 21.38
N ALA B 279 -26.13 -28.07 20.44
CA ALA B 279 -24.91 -28.28 19.67
C ALA B 279 -23.67 -28.05 20.52
N ALA B 280 -23.74 -27.08 21.44
CA ALA B 280 -22.67 -26.90 22.41
C ALA B 280 -22.60 -28.06 23.39
N ASN B 281 -23.72 -28.73 23.64
CA ASN B 281 -23.71 -30.01 24.34
C ASN B 281 -23.20 -31.16 23.47
N ALA B 282 -23.25 -31.02 22.15
CA ALA B 282 -22.78 -32.08 21.25
C ALA B 282 -21.27 -32.05 21.10
N LEU B 283 -20.69 -30.85 21.00
CA LEU B 283 -19.26 -30.74 20.85
C LEU B 283 -18.52 -31.14 22.13
N ARG B 284 -19.20 -31.02 23.28
CA ARG B 284 -18.65 -31.51 24.54
C ARG B 284 -18.49 -33.03 24.52
N TRP B 285 -19.53 -33.74 24.08
CA TRP B 285 -19.42 -35.19 23.95
C TRP B 285 -18.46 -35.58 22.84
N SER B 286 -18.31 -34.70 21.84
CA SER B 286 -17.33 -34.91 20.79
C SER B 286 -15.91 -34.98 21.35
N VAL B 287 -15.47 -33.92 22.03
CA VAL B 287 -14.13 -33.95 22.62
C VAL B 287 -14.01 -34.95 23.76
N ALA B 288 -15.11 -35.26 24.45
CA ALA B 288 -15.04 -36.26 25.52
C ALA B 288 -14.78 -37.65 24.94
N GLU B 289 -15.52 -38.02 23.91
CA GLU B 289 -15.26 -39.27 23.20
C GLU B 289 -13.89 -39.25 22.55
N MET B 290 -13.46 -38.07 22.07
CA MET B 290 -12.14 -37.92 21.47
C MET B 290 -11.04 -38.27 22.45
N GLU B 291 -10.99 -37.58 23.59
CA GLU B 291 -9.91 -37.83 24.54
C GLU B 291 -10.06 -39.18 25.23
N ARG B 292 -11.28 -39.70 25.32
CA ARG B 292 -11.51 -41.05 25.85
C ARG B 292 -10.84 -42.09 24.99
N ARG B 293 -11.23 -42.18 23.70
CA ARG B 293 -10.54 -43.12 22.81
C ARG B 293 -9.12 -42.68 22.51
N TYR B 294 -8.77 -41.42 22.75
CA TYR B 294 -7.45 -40.94 22.38
C TYR B 294 -6.40 -41.31 23.40
N ARG B 295 -6.79 -41.39 24.67
CA ARG B 295 -5.88 -41.99 25.65
C ARG B 295 -6.04 -43.49 25.70
N LEU B 296 -7.19 -44.04 25.31
CA LEU B 296 -7.32 -45.49 25.19
C LEU B 296 -6.46 -46.02 24.07
N MET B 297 -6.26 -45.23 23.01
CA MET B 297 -5.39 -45.60 21.92
C MET B 297 -3.94 -45.64 22.36
N ALA B 298 -3.51 -44.66 23.16
CA ALA B 298 -2.16 -44.70 23.70
C ALA B 298 -2.01 -45.82 24.72
N ALA B 299 -3.11 -46.21 25.38
CA ALA B 299 -3.08 -47.39 26.23
C ALA B 299 -2.89 -48.66 25.42
N MET B 300 -3.52 -48.74 24.24
CA MET B 300 -3.33 -49.87 23.35
C MET B 300 -2.12 -49.72 22.43
N GLY B 301 -1.34 -48.65 22.58
CA GLY B 301 -0.01 -48.57 22.02
C GLY B 301 0.15 -48.49 20.52
N VAL B 302 -0.59 -47.60 19.86
CA VAL B 302 -0.28 -47.16 18.51
C VAL B 302 -0.29 -45.64 18.50
N ARG B 303 -0.10 -45.06 17.32
CA ARG B 303 0.05 -43.62 17.17
C ARG B 303 -1.20 -42.96 16.58
N ASN B 304 -1.65 -43.40 15.41
CA ASN B 304 -2.79 -42.81 14.75
C ASN B 304 -4.02 -43.69 14.88
N LEU B 305 -5.20 -43.09 14.65
CA LEU B 305 -6.43 -43.85 14.83
C LEU B 305 -6.63 -44.88 13.72
N ALA B 306 -5.99 -44.68 12.56
CA ALA B 306 -6.00 -45.72 11.55
C ALA B 306 -5.30 -46.97 12.08
N GLY B 307 -4.17 -46.77 12.76
CA GLY B 307 -3.54 -47.87 13.47
C GLY B 307 -4.40 -48.41 14.58
N PHE B 308 -5.14 -47.53 15.26
CA PHE B 308 -6.02 -47.97 16.35
C PHE B 308 -7.14 -48.86 15.84
N ASN B 309 -7.77 -48.47 14.74
CA ASN B 309 -8.85 -49.27 14.20
C ASN B 309 -8.33 -50.54 13.56
N ARG B 310 -7.12 -50.49 12.97
CA ARG B 310 -6.53 -51.70 12.43
C ARG B 310 -6.21 -52.70 13.54
N LYS B 311 -5.70 -52.22 14.66
CA LYS B 311 -5.34 -53.16 15.72
C LYS B 311 -6.55 -53.61 16.53
N VAL B 312 -7.58 -52.76 16.69
CA VAL B 312 -8.78 -53.25 17.36
C VAL B 312 -9.56 -54.17 16.42
N LYS B 313 -9.37 -54.03 15.11
CA LYS B 313 -9.91 -55.01 14.16
C LYS B 313 -9.18 -56.33 14.29
N ASP B 314 -7.84 -56.27 14.33
CA ASP B 314 -7.03 -57.47 14.52
C ASP B 314 -7.13 -58.05 15.91
N ALA B 315 -7.71 -57.32 16.86
CA ALA B 315 -8.03 -57.81 18.19
C ALA B 315 -9.42 -58.43 18.29
N GLU B 316 -10.43 -57.81 17.68
CA GLU B 316 -11.77 -58.39 17.74
C GLU B 316 -11.88 -59.61 16.83
N GLU B 317 -11.26 -59.57 15.65
CA GLU B 317 -11.17 -60.75 14.79
C GLU B 317 -9.97 -61.62 15.12
N ALA B 318 -9.28 -61.35 16.22
CA ALA B 318 -8.57 -62.40 16.92
C ALA B 318 -9.51 -63.23 17.78
N GLY B 319 -10.74 -62.76 17.98
CA GLY B 319 -11.74 -63.47 18.74
C GLY B 319 -11.66 -63.27 20.23
N THR B 320 -10.71 -62.49 20.72
CA THR B 320 -10.57 -62.33 22.16
C THR B 320 -11.45 -61.17 22.65
N PRO B 321 -12.27 -61.40 23.67
CA PRO B 321 -13.03 -60.29 24.27
C PRO B 321 -12.14 -59.48 25.21
N LEU B 322 -11.42 -58.51 24.63
CA LEU B 322 -10.60 -57.62 25.45
C LEU B 322 -11.47 -56.74 26.35
N THR B 323 -12.31 -55.89 25.74
CA THR B 323 -13.27 -54.97 26.39
C THR B 323 -12.65 -54.25 27.59
N ASP B 324 -11.48 -53.68 27.35
CA ASP B 324 -10.57 -53.32 28.45
C ASP B 324 -11.10 -52.25 29.39
N PRO B 325 -11.94 -51.29 28.96
CA PRO B 325 -12.72 -50.64 30.03
C PRO B 325 -13.84 -51.54 30.55
N LEU B 342 -14.05 -50.55 16.88
CA LEU B 342 -14.94 -49.42 17.12
C LEU B 342 -14.95 -48.53 15.87
N PRO B 343 -16.13 -48.12 15.44
CA PRO B 343 -16.30 -47.59 14.08
C PRO B 343 -15.75 -46.19 13.92
N THR B 344 -15.73 -45.75 12.67
CA THR B 344 -15.38 -44.38 12.34
C THR B 344 -16.46 -43.43 12.81
N ILE B 345 -16.15 -42.14 12.78
CA ILE B 345 -17.11 -41.12 13.19
C ILE B 345 -16.81 -39.83 12.44
N VAL B 346 -17.80 -39.31 11.72
CA VAL B 346 -17.63 -38.07 10.98
C VAL B 346 -18.59 -37.04 11.55
N VAL B 347 -18.18 -35.78 11.48
CA VAL B 347 -18.99 -34.68 12.00
C VAL B 347 -19.30 -33.78 10.81
N VAL B 348 -20.57 -33.73 10.41
CA VAL B 348 -20.94 -33.10 9.15
C VAL B 348 -21.59 -31.75 9.44
N VAL B 349 -21.14 -31.13 10.51
CA VAL B 349 -21.53 -29.77 10.89
C VAL B 349 -21.35 -28.80 9.73
N ASP B 350 -22.35 -27.96 9.52
CA ASP B 350 -22.28 -26.90 8.54
C ASP B 350 -23.09 -25.71 9.02
N GLU B 351 -23.00 -24.61 8.26
CA GLU B 351 -23.44 -23.26 8.67
C GLU B 351 -22.91 -22.90 10.06
N PHE B 352 -21.61 -23.13 10.25
CA PHE B 352 -20.99 -22.93 11.54
C PHE B 352 -20.79 -21.47 11.90
N ALA B 353 -21.09 -20.55 10.97
CA ALA B 353 -20.98 -19.13 11.27
C ALA B 353 -21.95 -18.69 12.35
N ASP B 354 -23.12 -19.32 12.41
CA ASP B 354 -24.11 -18.93 13.41
C ASP B 354 -23.69 -19.34 14.81
N MET B 355 -22.98 -20.45 14.95
CA MET B 355 -22.39 -20.81 16.24
C MET B 355 -21.34 -19.79 16.65
N MET B 356 -20.41 -19.50 15.74
CA MET B 356 -19.29 -18.62 16.05
C MET B 356 -19.67 -17.16 16.10
N MET B 357 -20.92 -16.81 15.78
CA MET B 357 -21.40 -15.45 15.98
C MET B 357 -22.43 -15.32 17.10
N ILE B 358 -23.23 -16.35 17.36
CA ILE B 358 -24.41 -16.22 18.21
C ILE B 358 -24.14 -16.71 19.64
N VAL B 359 -23.77 -17.98 19.81
CA VAL B 359 -23.61 -18.49 21.17
C VAL B 359 -22.30 -18.03 21.80
N GLY B 360 -21.22 -17.93 21.03
CA GLY B 360 -20.04 -17.27 21.58
C GLY B 360 -18.70 -17.89 21.25
N LYS B 361 -17.69 -17.52 22.03
CA LYS B 361 -16.31 -17.89 21.75
C LYS B 361 -15.99 -19.32 22.14
N LYS B 362 -16.84 -19.94 22.98
CA LYS B 362 -16.63 -21.32 23.43
C LYS B 362 -16.67 -22.29 22.27
N VAL B 363 -17.40 -21.94 21.19
CA VAL B 363 -17.44 -22.76 19.99
C VAL B 363 -16.06 -22.88 19.38
N GLU B 364 -15.46 -21.74 18.99
CA GLU B 364 -14.14 -21.78 18.36
C GLU B 364 -13.05 -22.25 19.33
N GLU B 365 -13.23 -22.00 20.63
CA GLU B 365 -12.32 -22.55 21.63
C GLU B 365 -12.38 -24.07 21.67
N LEU B 366 -13.53 -24.66 21.36
CA LEU B 366 -13.56 -26.11 21.28
C LEU B 366 -13.14 -26.60 19.91
N ILE B 367 -13.46 -25.84 18.86
CA ILE B 367 -13.22 -26.30 17.50
C ILE B 367 -11.73 -26.29 17.19
N ALA B 368 -10.97 -25.41 17.85
CA ALA B 368 -9.52 -25.38 17.67
C ALA B 368 -8.85 -26.65 18.18
N ARG B 369 -9.44 -27.28 19.19
CA ARG B 369 -8.86 -28.47 19.80
C ARG B 369 -9.61 -29.75 19.45
N ILE B 370 -10.70 -29.66 18.70
CA ILE B 370 -11.27 -30.84 18.04
C ILE B 370 -10.91 -30.68 16.57
N ALA B 371 -10.12 -29.66 16.26
CA ALA B 371 -9.67 -29.47 14.90
C ALA B 371 -8.31 -30.09 14.65
N GLN B 372 -7.31 -29.63 15.38
CA GLN B 372 -5.96 -30.05 15.09
C GLN B 372 -5.67 -31.41 15.66
N LYS B 373 -6.06 -31.64 16.90
CA LYS B 373 -5.69 -32.86 17.59
C LYS B 373 -6.54 -34.04 17.15
N ALA B 374 -7.69 -33.80 16.54
CA ALA B 374 -8.56 -34.90 16.13
C ALA B 374 -8.17 -35.49 14.78
N ARG B 375 -7.03 -35.10 14.20
CA ARG B 375 -6.60 -35.57 12.89
C ARG B 375 -6.34 -37.07 12.90
N ALA B 376 -5.49 -37.54 13.80
CA ALA B 376 -5.30 -38.97 13.95
C ALA B 376 -6.22 -39.52 15.02
N ALA B 377 -7.49 -39.13 14.95
CA ALA B 377 -8.47 -39.56 15.92
C ALA B 377 -9.78 -39.97 15.28
N GLY B 378 -9.85 -40.02 13.96
CA GLY B 378 -11.03 -40.53 13.28
C GLY B 378 -12.17 -39.55 13.15
N ILE B 379 -12.34 -38.64 14.11
CA ILE B 379 -13.30 -37.55 13.99
C ILE B 379 -12.81 -36.63 12.88
N HIS B 380 -13.51 -36.62 11.75
CA HIS B 380 -12.94 -35.97 10.58
C HIS B 380 -13.41 -34.54 10.36
N LEU B 381 -14.64 -34.21 10.76
CA LEU B 381 -15.10 -32.82 10.96
C LEU B 381 -15.05 -32.00 9.67
N ILE B 382 -15.94 -32.35 8.74
CA ILE B 382 -16.13 -31.45 7.62
C ILE B 382 -16.93 -30.24 8.08
N LEU B 383 -16.79 -29.14 7.35
CA LEU B 383 -17.37 -27.87 7.73
C LEU B 383 -17.84 -27.13 6.48
N ALA B 384 -18.83 -26.26 6.66
CA ALA B 384 -19.33 -25.46 5.55
C ALA B 384 -20.00 -24.22 6.10
N THR B 385 -19.67 -23.06 5.52
CA THR B 385 -20.28 -21.78 5.88
C THR B 385 -20.79 -21.08 4.63
N GLN B 386 -21.15 -19.82 4.78
CA GLN B 386 -21.51 -18.98 3.66
C GLN B 386 -20.47 -17.92 3.33
N ARG B 387 -19.90 -17.24 4.33
CA ARG B 387 -18.96 -16.15 4.08
C ARG B 387 -17.78 -16.32 5.02
N PRO B 388 -16.76 -17.07 4.63
CA PRO B 388 -15.57 -17.19 5.49
C PRO B 388 -14.56 -16.05 5.37
N SER B 389 -14.56 -15.10 6.31
CA SER B 389 -13.44 -14.15 6.29
C SER B 389 -12.67 -14.03 7.60
N VAL B 390 -13.32 -13.52 8.64
CA VAL B 390 -12.62 -13.10 9.86
C VAL B 390 -13.26 -13.74 11.09
N ASP B 391 -14.51 -13.35 11.36
CA ASP B 391 -15.28 -13.85 12.49
C ASP B 391 -15.80 -15.25 12.23
N VAL B 392 -16.14 -15.53 10.98
CA VAL B 392 -16.69 -16.83 10.64
C VAL B 392 -15.60 -17.91 10.71
N ILE B 393 -14.41 -17.61 10.19
CA ILE B 393 -13.26 -18.48 10.38
C ILE B 393 -12.11 -17.65 10.90
N THR B 394 -11.68 -17.94 12.12
CA THR B 394 -10.43 -17.45 12.66
C THR B 394 -9.33 -18.44 12.28
N GLY B 395 -8.08 -17.99 12.31
CA GLY B 395 -6.96 -18.77 11.82
C GLY B 395 -6.68 -20.06 12.58
N LEU B 396 -7.12 -20.10 13.84
CA LEU B 396 -6.92 -21.29 14.67
C LEU B 396 -7.93 -22.39 14.39
N ILE B 397 -8.75 -22.23 13.35
CA ILE B 397 -9.54 -23.30 12.76
C ILE B 397 -9.23 -23.47 11.29
N LYS B 398 -8.84 -22.39 10.60
CA LYS B 398 -8.39 -22.41 9.21
C LYS B 398 -7.19 -23.31 8.98
N ALA B 399 -6.23 -23.29 9.91
CA ALA B 399 -4.92 -23.85 9.63
C ALA B 399 -4.87 -25.36 9.85
N ASN B 400 -5.70 -25.87 10.76
CA ASN B 400 -5.61 -27.27 11.17
C ASN B 400 -6.10 -28.21 10.08
N ILE B 401 -7.15 -27.81 9.39
CA ILE B 401 -7.73 -28.57 8.29
C ILE B 401 -6.75 -28.62 7.12
N PRO B 402 -6.29 -29.80 6.71
CA PRO B 402 -5.33 -29.89 5.61
C PRO B 402 -5.92 -29.57 4.26
N THR B 403 -7.04 -30.22 3.95
CA THR B 403 -7.57 -30.25 2.59
C THR B 403 -8.88 -29.47 2.51
N ARG B 404 -9.05 -28.71 1.44
CA ARG B 404 -10.09 -27.69 1.38
C ARG B 404 -10.87 -27.85 0.09
N ILE B 405 -12.01 -27.16 0.03
CA ILE B 405 -12.89 -27.16 -1.14
C ILE B 405 -13.76 -25.91 -1.06
N ALA B 406 -14.08 -25.32 -2.20
CA ALA B 406 -14.78 -24.05 -2.18
C ALA B 406 -15.58 -23.91 -3.47
N PHE B 407 -16.25 -22.78 -3.62
CA PHE B 407 -16.98 -22.45 -4.83
C PHE B 407 -16.79 -20.96 -5.09
N GLN B 408 -17.52 -20.42 -6.06
CA GLN B 408 -17.24 -19.07 -6.55
C GLN B 408 -17.72 -18.05 -5.54
N VAL B 409 -16.81 -17.17 -5.14
CA VAL B 409 -16.99 -16.32 -3.96
C VAL B 409 -16.52 -14.92 -4.34
N SER B 410 -16.56 -14.00 -3.37
CA SER B 410 -16.13 -12.62 -3.55
C SER B 410 -14.68 -12.52 -4.01
N SER B 411 -14.44 -11.56 -4.90
CA SER B 411 -13.11 -11.31 -5.45
C SER B 411 -12.32 -10.41 -4.50
N LYS B 412 -12.06 -10.97 -3.33
CA LYS B 412 -11.47 -10.30 -2.17
C LYS B 412 -10.63 -11.35 -1.45
N ILE B 413 -10.35 -11.14 -0.16
CA ILE B 413 -9.58 -12.08 0.66
C ILE B 413 -10.25 -13.45 0.73
N ASP B 414 -11.57 -13.54 0.47
CA ASP B 414 -12.28 -14.80 0.35
C ASP B 414 -11.77 -15.67 -0.78
N SER B 415 -11.12 -15.08 -1.79
CA SER B 415 -10.71 -15.83 -2.95
C SER B 415 -9.55 -16.77 -2.64
N ARG B 416 -8.79 -16.50 -1.58
CA ARG B 416 -7.67 -17.34 -1.18
C ARG B 416 -7.64 -17.64 0.29
N THR B 417 -8.66 -17.23 1.06
CA THR B 417 -8.69 -17.58 2.49
C THR B 417 -8.85 -19.08 2.68
N ILE B 418 -9.81 -19.68 2.00
CA ILE B 418 -10.00 -21.12 2.03
C ILE B 418 -9.35 -21.81 0.84
N LEU B 419 -9.30 -21.13 -0.30
CA LEU B 419 -8.95 -21.75 -1.57
C LEU B 419 -7.45 -21.88 -1.79
N ASP B 420 -6.64 -21.04 -1.12
CA ASP B 420 -5.17 -21.03 -1.06
C ASP B 420 -4.54 -20.57 -2.37
N GLN B 421 -5.36 -20.25 -3.38
CA GLN B 421 -4.88 -19.78 -4.67
C GLN B 421 -5.84 -18.71 -5.18
N GLY B 422 -5.69 -18.35 -6.45
CA GLY B 422 -6.58 -17.40 -7.08
C GLY B 422 -7.76 -18.07 -7.75
N GLY B 423 -8.91 -18.06 -7.07
CA GLY B 423 -10.10 -18.72 -7.57
C GLY B 423 -11.34 -17.90 -7.38
N ALA B 424 -11.22 -16.58 -7.57
CA ALA B 424 -12.27 -15.62 -7.26
C ALA B 424 -13.53 -15.87 -8.08
N GLU B 425 -13.42 -15.70 -9.40
CA GLU B 425 -14.56 -15.98 -10.26
C GLU B 425 -14.19 -16.83 -11.46
N GLN B 426 -12.94 -17.29 -11.56
CA GLN B 426 -12.60 -18.22 -12.63
C GLN B 426 -13.29 -19.56 -12.45
N LEU B 427 -13.54 -19.96 -11.20
CA LEU B 427 -14.45 -21.07 -10.94
C LEU B 427 -15.84 -20.65 -11.37
N LEU B 428 -16.43 -21.43 -12.28
CA LEU B 428 -17.70 -21.05 -12.89
C LEU B 428 -18.82 -21.06 -11.87
N GLY B 429 -18.76 -21.96 -10.90
CA GLY B 429 -19.89 -22.24 -10.04
C GLY B 429 -20.88 -23.14 -10.73
N HIS B 430 -21.83 -23.66 -9.93
CA HIS B 430 -22.97 -24.45 -10.41
C HIS B 430 -22.49 -25.70 -11.15
N GLY B 431 -21.56 -26.42 -10.53
CA GLY B 431 -21.05 -27.65 -11.10
C GLY B 431 -19.57 -27.92 -10.91
N ASP B 432 -18.74 -26.89 -10.81
CA ASP B 432 -17.30 -27.10 -10.63
C ASP B 432 -16.84 -26.59 -9.27
N MET B 433 -15.60 -26.94 -8.95
CA MET B 433 -15.09 -26.84 -7.59
C MET B 433 -13.58 -27.05 -7.63
N LEU B 434 -12.89 -26.55 -6.60
CA LEU B 434 -11.43 -26.60 -6.51
C LEU B 434 -10.97 -27.44 -5.33
N TYR B 435 -10.51 -28.65 -5.64
CA TYR B 435 -10.03 -29.60 -4.65
C TYR B 435 -8.55 -29.41 -4.38
N LEU B 436 -8.16 -29.58 -3.12
CA LEU B 436 -6.75 -29.56 -2.74
C LEU B 436 -6.41 -30.87 -2.06
N PRO B 437 -5.59 -31.72 -2.66
CA PRO B 437 -5.05 -32.88 -1.95
C PRO B 437 -4.06 -32.43 -0.88
N PRO B 438 -3.68 -33.29 0.08
CA PRO B 438 -2.72 -32.82 1.10
C PRO B 438 -1.34 -32.50 0.55
N GLY B 439 -0.81 -33.32 -0.36
CA GLY B 439 0.39 -32.94 -1.08
C GLY B 439 0.07 -32.22 -2.35
N THR B 440 1.10 -31.59 -2.91
CA THR B 440 1.06 -30.87 -4.19
C THR B 440 -0.01 -29.78 -4.18
N GLY B 441 0.27 -28.75 -3.38
CA GLY B 441 -0.70 -27.70 -3.13
C GLY B 441 -1.02 -26.79 -4.31
N LEU B 442 -1.53 -27.37 -5.39
CA LEU B 442 -2.12 -26.68 -6.52
C LEU B 442 -3.55 -27.18 -6.71
N PRO B 443 -4.49 -26.32 -7.08
CA PRO B 443 -5.91 -26.70 -7.03
C PRO B 443 -6.32 -27.60 -8.19
N ILE B 444 -6.60 -28.86 -7.88
CA ILE B 444 -7.22 -29.74 -8.86
C ILE B 444 -8.68 -29.32 -9.02
N ARG B 445 -9.07 -28.96 -10.24
CA ARG B 445 -10.44 -28.56 -10.51
C ARG B 445 -11.28 -29.79 -10.85
N VAL B 446 -12.44 -29.89 -10.23
CA VAL B 446 -13.27 -31.09 -10.28
C VAL B 446 -14.63 -30.73 -10.85
N HIS B 447 -15.08 -31.47 -11.85
CA HIS B 447 -16.47 -31.41 -12.24
C HIS B 447 -17.29 -32.22 -11.24
N GLY B 448 -18.04 -31.52 -10.40
CA GLY B 448 -18.86 -32.18 -9.40
C GLY B 448 -20.05 -32.87 -10.02
N ALA B 449 -20.65 -33.76 -9.23
CA ALA B 449 -21.82 -34.52 -9.66
C ALA B 449 -23.03 -34.08 -8.86
N PHE B 450 -24.14 -33.83 -9.54
CA PHE B 450 -25.31 -33.41 -8.81
C PHE B 450 -25.94 -34.61 -8.13
N VAL B 451 -26.71 -34.34 -7.09
CA VAL B 451 -27.52 -35.35 -6.42
C VAL B 451 -28.91 -34.77 -6.24
N SER B 452 -29.92 -35.43 -6.80
CA SER B 452 -31.28 -35.02 -6.57
C SER B 452 -31.67 -35.24 -5.12
N ASP B 453 -32.55 -34.38 -4.61
CA ASP B 453 -33.14 -34.62 -3.31
C ASP B 453 -34.06 -35.83 -3.32
N ASP B 454 -34.57 -36.22 -4.48
CA ASP B 454 -35.31 -37.46 -4.59
C ASP B 454 -34.39 -38.66 -4.46
N GLU B 455 -33.17 -38.55 -4.99
CA GLU B 455 -32.15 -39.56 -4.75
C GLU B 455 -31.83 -39.66 -3.27
N VAL B 456 -31.73 -38.51 -2.61
CA VAL B 456 -31.49 -38.47 -1.18
C VAL B 456 -32.63 -39.14 -0.44
N HIS B 457 -33.87 -38.93 -0.88
CA HIS B 457 -35.00 -39.55 -0.20
C HIS B 457 -35.05 -41.05 -0.43
N ARG B 458 -34.63 -41.51 -1.62
CA ARG B 458 -34.54 -42.95 -1.85
C ARG B 458 -33.46 -43.59 -1.00
N VAL B 459 -32.35 -42.89 -0.79
CA VAL B 459 -31.29 -43.43 0.05
C VAL B 459 -31.70 -43.42 1.52
N VAL B 460 -32.37 -42.35 1.94
CA VAL B 460 -32.91 -42.27 3.30
C VAL B 460 -33.92 -43.38 3.55
N GLU B 461 -34.77 -43.67 2.55
CA GLU B 461 -35.76 -44.73 2.75
C GLU B 461 -35.12 -46.11 2.67
N ALA B 462 -34.08 -46.29 1.86
CA ALA B 462 -33.41 -47.59 1.80
C ALA B 462 -32.64 -47.88 3.08
N TRP B 463 -32.08 -46.85 3.71
CA TRP B 463 -31.51 -47.06 5.02
C TRP B 463 -32.57 -47.06 6.11
N LYS B 464 -33.76 -46.56 5.82
CA LYS B 464 -34.86 -46.55 6.77
C LYS B 464 -35.57 -47.89 6.83
N LEU B 465 -35.51 -48.69 5.75
CA LEU B 465 -35.92 -50.09 5.83
C LEU B 465 -35.05 -50.84 6.82
N ARG B 466 -33.75 -50.88 6.57
CA ARG B 466 -32.80 -51.45 7.51
C ARG B 466 -32.39 -50.38 8.52
N GLY B 467 -33.35 -49.98 9.33
CA GLY B 467 -33.28 -48.72 10.03
C GLY B 467 -33.36 -48.73 11.54
N ALA B 468 -32.72 -49.68 12.19
CA ALA B 468 -32.61 -49.64 13.65
C ALA B 468 -31.70 -48.49 14.06
N PRO B 469 -32.19 -47.49 14.78
CA PRO B 469 -31.37 -46.31 15.07
C PRO B 469 -30.40 -46.59 16.20
N ASP B 470 -29.62 -45.56 16.54
CA ASP B 470 -28.75 -45.62 17.71
C ASP B 470 -28.56 -44.17 18.17
N TYR B 471 -29.32 -43.77 19.18
CA TYR B 471 -29.21 -42.44 19.74
C TYR B 471 -28.39 -42.51 21.02
N ILE B 472 -27.80 -41.37 21.40
CA ILE B 472 -27.14 -41.22 22.67
C ILE B 472 -27.64 -39.92 23.30
N GLU B 473 -27.73 -39.92 24.63
CA GLU B 473 -28.39 -38.83 25.36
C GLU B 473 -27.47 -38.13 26.34
N ASP B 474 -26.16 -38.22 26.13
CA ASP B 474 -25.24 -37.39 26.92
C ASP B 474 -25.28 -35.95 26.47
N ILE B 475 -25.84 -35.70 25.28
CA ILE B 475 -25.96 -34.38 24.70
C ILE B 475 -27.29 -33.74 25.08
N LEU C 70 26.86 -46.07 22.21
CA LEU C 70 26.35 -45.56 20.94
C LEU C 70 25.75 -46.68 20.11
N PRO C 71 24.67 -46.39 19.39
CA PRO C 71 24.18 -47.33 18.39
C PRO C 71 25.15 -47.38 17.22
N PRO C 72 25.52 -48.57 16.78
CA PRO C 72 26.48 -48.67 15.68
C PRO C 72 25.82 -48.29 14.36
N LEU C 73 26.67 -48.17 13.33
CA LEU C 73 26.18 -47.82 12.01
C LEU C 73 25.39 -49.01 11.49
N SER C 74 24.10 -48.94 11.71
CA SER C 74 23.23 -50.09 11.76
C SER C 74 21.82 -49.55 11.86
N LEU C 75 20.85 -50.42 11.55
CA LEU C 75 19.41 -50.19 11.45
C LEU C 75 19.06 -49.28 10.28
N LEU C 76 20.04 -48.84 9.49
CA LEU C 76 19.82 -48.06 8.30
C LEU C 76 19.37 -48.97 7.15
N ASP C 77 18.77 -48.37 6.15
CA ASP C 77 18.55 -49.10 4.91
C ASP C 77 19.90 -49.33 4.25
N PRO C 78 20.22 -50.56 3.83
CA PRO C 78 21.42 -50.79 3.03
C PRO C 78 21.29 -50.06 1.70
N ALA C 79 22.26 -49.21 1.41
CA ALA C 79 22.27 -48.42 0.18
C ALA C 79 22.38 -49.36 -1.01
N GLU C 80 21.27 -49.54 -1.71
CA GLU C 80 21.15 -50.58 -2.73
C GLU C 80 22.03 -50.27 -3.94
N VAL C 81 22.30 -51.30 -4.73
CA VAL C 81 23.17 -51.17 -5.88
C VAL C 81 22.36 -50.54 -7.01
N LYS C 82 22.72 -49.33 -7.39
CA LYS C 82 22.14 -48.67 -8.56
C LYS C 82 23.26 -48.07 -9.37
N GLN C 83 23.12 -48.13 -10.69
CA GLN C 83 24.18 -47.69 -11.61
C GLN C 83 23.48 -47.17 -12.87
N LYS C 84 23.21 -45.88 -12.88
CA LYS C 84 22.51 -45.19 -13.96
C LYS C 84 23.17 -43.84 -14.22
N SER C 85 24.50 -43.81 -14.15
CA SER C 85 25.27 -42.60 -13.93
C SER C 85 25.51 -41.76 -15.18
N TYR C 86 24.68 -41.92 -16.23
CA TYR C 86 24.57 -40.99 -17.36
C TYR C 86 25.89 -40.87 -18.13
N SER C 87 26.20 -41.96 -18.83
CA SER C 87 27.38 -42.06 -19.68
C SER C 87 27.40 -40.93 -20.71
N PRO C 88 28.60 -40.40 -21.06
CA PRO C 88 28.69 -39.10 -21.75
C PRO C 88 28.21 -39.04 -23.19
N GLU C 89 27.79 -40.18 -23.75
CA GLU C 89 27.05 -40.16 -25.01
C GLU C 89 25.76 -39.38 -24.89
N SER C 90 24.88 -39.80 -23.97
CA SER C 90 23.62 -39.13 -23.73
C SER C 90 23.83 -37.72 -23.17
N LEU C 91 24.93 -37.52 -22.45
CA LEU C 91 25.22 -36.22 -21.90
C LEU C 91 25.62 -35.23 -22.99
N GLU C 92 26.46 -35.68 -23.93
CA GLU C 92 26.81 -34.85 -25.07
C GLU C 92 25.59 -34.57 -25.93
N ALA C 93 24.69 -35.55 -26.04
CA ALA C 93 23.44 -35.35 -26.77
C ALA C 93 22.59 -34.29 -26.11
N MET C 94 22.46 -34.34 -24.78
CA MET C 94 21.70 -33.34 -24.05
C MET C 94 22.33 -31.96 -24.15
N SER C 95 23.66 -31.90 -24.20
CA SER C 95 24.35 -30.62 -24.31
C SER C 95 24.10 -29.98 -25.67
N ARG C 96 24.21 -30.76 -26.75
CA ARG C 96 23.88 -30.21 -28.06
C ARG C 96 22.40 -29.88 -28.16
N LEU C 97 21.56 -30.63 -27.45
CA LEU C 97 20.13 -30.33 -27.44
C LEU C 97 19.86 -29.00 -26.76
N LEU C 98 20.57 -28.72 -25.66
CA LEU C 98 20.39 -27.43 -25.00
C LEU C 98 20.93 -26.30 -25.85
N GLU C 99 22.04 -26.54 -26.55
CA GLU C 99 22.59 -25.52 -27.44
C GLU C 99 21.60 -25.18 -28.56
N ILE C 100 20.95 -26.18 -29.13
CA ILE C 100 19.94 -25.93 -30.15
C ILE C 100 18.72 -25.23 -29.53
N LYS C 101 18.17 -25.78 -28.45
CA LYS C 101 16.93 -25.26 -27.90
C LYS C 101 17.08 -23.88 -27.26
N LEU C 102 18.30 -23.45 -26.97
CA LEU C 102 18.49 -22.03 -26.69
C LEU C 102 18.74 -21.23 -27.95
N LYS C 103 19.44 -21.82 -28.92
CA LYS C 103 19.70 -21.13 -30.19
C LYS C 103 18.41 -20.89 -30.97
N GLU C 104 17.39 -21.71 -30.72
CA GLU C 104 16.06 -21.43 -31.23
C GLU C 104 15.54 -20.10 -30.69
N PHE C 105 15.76 -19.83 -29.41
CA PHE C 105 15.41 -18.55 -28.85
C PHE C 105 16.52 -17.56 -29.15
N GLY C 106 16.40 -16.35 -28.64
CA GLY C 106 17.30 -15.30 -29.04
C GLY C 106 18.63 -15.24 -28.32
N VAL C 107 19.24 -16.38 -28.03
CA VAL C 107 20.56 -16.37 -27.41
C VAL C 107 21.51 -17.23 -28.22
N GLU C 108 22.79 -16.90 -28.14
CA GLU C 108 23.87 -17.76 -28.63
C GLU C 108 24.63 -18.30 -27.44
N VAL C 109 24.85 -19.61 -27.43
CA VAL C 109 25.31 -20.33 -26.27
C VAL C 109 26.46 -21.23 -26.68
N SER C 110 27.54 -21.24 -25.89
CA SER C 110 28.66 -22.16 -26.08
C SER C 110 28.82 -22.97 -24.82
N VAL C 111 28.31 -24.21 -24.84
CA VAL C 111 28.31 -25.05 -23.65
C VAL C 111 29.73 -25.56 -23.41
N ASP C 112 30.16 -25.54 -22.16
CA ASP C 112 31.57 -25.78 -21.86
C ASP C 112 31.81 -27.10 -21.15
N SER C 113 31.21 -27.32 -19.99
CA SER C 113 31.49 -28.55 -19.25
C SER C 113 30.30 -28.85 -18.36
N VAL C 114 30.16 -30.13 -18.00
CA VAL C 114 28.98 -30.63 -17.31
C VAL C 114 29.42 -31.33 -16.03
N HIS C 115 28.64 -31.14 -14.96
CA HIS C 115 28.82 -31.90 -13.72
C HIS C 115 27.57 -32.74 -13.47
N PRO C 116 27.57 -34.02 -13.85
CA PRO C 116 26.37 -34.85 -13.63
C PRO C 116 26.25 -35.32 -12.19
N GLY C 117 25.02 -35.31 -11.69
CA GLY C 117 24.77 -35.58 -10.29
C GLY C 117 23.66 -36.58 -10.07
N PRO C 118 23.25 -36.72 -8.81
CA PRO C 118 22.23 -37.74 -8.47
C PRO C 118 20.82 -37.31 -8.80
N VAL C 119 20.50 -36.03 -8.67
CA VAL C 119 19.14 -35.52 -8.84
C VAL C 119 19.05 -34.59 -10.04
N ILE C 120 19.88 -33.57 -10.08
CA ILE C 120 19.94 -32.68 -11.22
C ILE C 120 21.27 -32.87 -11.90
N THR C 121 21.51 -32.11 -12.96
CA THR C 121 22.75 -32.17 -13.69
C THR C 121 23.26 -30.75 -13.85
N ARG C 122 24.44 -30.48 -13.33
CA ARG C 122 25.01 -29.13 -13.38
C ARG C 122 25.63 -28.88 -14.76
N PHE C 123 25.32 -27.73 -15.34
CA PHE C 123 25.86 -27.33 -16.62
C PHE C 123 26.60 -26.01 -16.51
N GLU C 124 27.44 -25.76 -17.50
CA GLU C 124 28.20 -24.52 -17.57
C GLU C 124 28.04 -23.97 -18.97
N ILE C 125 27.22 -22.94 -19.10
CA ILE C 125 27.09 -22.20 -20.35
C ILE C 125 28.12 -21.09 -20.34
N GLN C 126 28.98 -21.07 -21.35
CA GLN C 126 29.71 -19.86 -21.66
C GLN C 126 28.93 -19.10 -22.72
N PRO C 127 28.26 -18.01 -22.38
CA PRO C 127 27.47 -17.29 -23.38
C PRO C 127 28.37 -16.48 -24.30
N ALA C 128 27.82 -16.09 -25.43
CA ALA C 128 28.60 -15.48 -26.49
C ALA C 128 28.90 -14.03 -26.17
N ALA C 129 29.50 -13.33 -27.13
CA ALA C 129 29.82 -11.93 -26.94
C ALA C 129 28.56 -11.08 -27.06
N GLY C 130 28.37 -10.20 -26.09
CA GLY C 130 27.26 -9.27 -26.17
C GLY C 130 25.92 -9.92 -25.88
N VAL C 131 25.80 -10.53 -24.72
CA VAL C 131 24.52 -11.02 -24.24
C VAL C 131 24.52 -10.93 -22.72
N LYS C 132 23.41 -10.49 -22.16
CA LYS C 132 23.29 -10.30 -20.73
C LYS C 132 22.99 -11.64 -20.06
N VAL C 133 22.60 -11.60 -18.79
CA VAL C 133 22.14 -12.79 -18.10
C VAL C 133 20.63 -12.85 -18.04
N SER C 134 19.95 -11.69 -18.11
CA SER C 134 18.49 -11.65 -18.11
C SER C 134 17.92 -12.35 -19.33
N ARG C 135 18.64 -12.36 -20.44
CA ARG C 135 18.21 -13.12 -21.61
C ARG C 135 18.32 -14.63 -21.40
N ILE C 136 18.89 -15.08 -20.29
CA ILE C 136 18.69 -16.44 -19.83
C ILE C 136 17.59 -16.52 -18.78
N SER C 137 17.65 -15.62 -17.80
CA SER C 137 16.81 -15.77 -16.61
C SER C 137 15.34 -15.46 -16.86
N ASN C 138 15.01 -14.68 -17.88
CA ASN C 138 13.59 -14.47 -18.19
C ASN C 138 12.94 -15.73 -18.70
N LEU C 139 13.67 -16.50 -19.51
CA LEU C 139 13.08 -17.64 -20.20
C LEU C 139 13.35 -18.95 -19.48
N ALA C 140 13.39 -18.94 -18.15
CA ALA C 140 13.46 -20.19 -17.40
C ALA C 140 12.20 -21.02 -17.60
N LYS C 141 11.03 -20.37 -17.50
CA LYS C 141 9.76 -21.04 -17.75
C LYS C 141 9.67 -21.56 -19.18
N ASP C 142 10.03 -20.71 -20.14
CA ASP C 142 9.88 -21.06 -21.54
C ASP C 142 10.85 -22.13 -21.97
N LEU C 143 12.05 -22.14 -21.39
CA LEU C 143 12.94 -23.26 -21.62
C LEU C 143 12.43 -24.50 -20.93
N ALA C 144 11.79 -24.32 -19.77
CA ALA C 144 11.35 -25.46 -18.97
C ALA C 144 10.23 -26.20 -19.64
N ARG C 145 9.40 -25.52 -20.42
CA ARG C 145 8.37 -26.24 -21.17
C ARG C 145 8.92 -26.87 -22.45
N SER C 146 10.24 -26.88 -22.63
CA SER C 146 10.85 -27.39 -23.85
C SER C 146 11.89 -28.45 -23.60
N LEU C 147 12.14 -28.84 -22.36
CA LEU C 147 13.16 -29.84 -22.08
C LEU C 147 12.59 -31.06 -21.38
N ALA C 148 11.26 -31.22 -21.39
CA ALA C 148 10.54 -32.33 -20.76
C ALA C 148 10.87 -32.44 -19.27
N VAL C 149 11.00 -31.29 -18.62
CA VAL C 149 11.32 -31.23 -17.20
C VAL C 149 10.21 -30.49 -16.49
N ILE C 150 10.31 -30.45 -15.17
CA ILE C 150 9.32 -29.70 -14.39
C ILE C 150 9.64 -28.21 -14.43
N SER C 151 10.83 -27.85 -13.95
CA SER C 151 11.31 -26.46 -14.04
C SER C 151 12.81 -26.46 -13.86
N VAL C 152 13.51 -25.82 -14.78
CA VAL C 152 14.95 -25.72 -14.68
C VAL C 152 15.32 -24.58 -13.73
N ARG C 153 16.57 -24.56 -13.26
CA ARG C 153 17.03 -23.52 -12.37
C ARG C 153 18.23 -22.81 -12.99
N VAL C 154 18.26 -21.49 -12.87
CA VAL C 154 19.30 -20.65 -13.44
C VAL C 154 20.19 -20.14 -12.32
N VAL C 155 21.47 -20.47 -12.38
CA VAL C 155 22.48 -19.90 -11.50
C VAL C 155 23.12 -18.74 -12.25
N GLU C 156 23.05 -17.56 -11.65
CA GLU C 156 23.53 -16.36 -12.34
C GLU C 156 24.97 -16.01 -12.02
N VAL C 157 25.59 -16.69 -11.07
CA VAL C 157 26.99 -16.41 -10.75
C VAL C 157 27.65 -17.70 -10.28
N ILE C 158 28.75 -18.05 -10.94
CA ILE C 158 29.52 -19.22 -10.54
C ILE C 158 30.76 -18.68 -9.83
N PRO C 159 31.25 -19.33 -8.79
CA PRO C 159 32.46 -18.84 -8.13
C PRO C 159 33.71 -19.00 -8.97
N GLY C 160 34.26 -17.88 -9.46
CA GLY C 160 35.58 -17.87 -10.06
C GLY C 160 35.65 -18.15 -11.54
N LYS C 161 34.56 -18.56 -12.17
CA LYS C 161 34.55 -18.80 -13.60
C LYS C 161 33.71 -17.74 -14.29
N THR C 162 33.67 -17.81 -15.61
CA THR C 162 32.88 -16.87 -16.40
C THR C 162 31.50 -17.39 -16.75
N THR C 163 31.20 -18.64 -16.42
CA THR C 163 30.02 -19.28 -16.98
C THR C 163 28.76 -18.84 -16.26
N VAL C 164 27.62 -19.32 -16.75
CA VAL C 164 26.31 -19.05 -16.18
C VAL C 164 25.62 -20.38 -15.98
N GLY C 165 25.23 -20.67 -14.75
CA GLY C 165 24.85 -22.01 -14.40
C GLY C 165 23.39 -22.33 -14.73
N ILE C 166 23.18 -23.56 -15.18
CA ILE C 166 21.86 -24.13 -15.39
C ILE C 166 21.84 -25.54 -14.81
N GLU C 167 20.87 -25.82 -13.97
CA GLU C 167 20.68 -27.11 -13.32
C GLU C 167 19.43 -27.76 -13.92
N ILE C 168 19.62 -28.69 -14.84
CA ILE C 168 18.50 -29.36 -15.48
C ILE C 168 17.98 -30.46 -14.57
N PRO C 169 16.67 -30.57 -14.36
CA PRO C 169 16.11 -31.74 -13.68
C PRO C 169 16.33 -32.98 -14.52
N ASN C 170 16.84 -34.03 -13.89
CA ASN C 170 17.13 -35.28 -14.57
C ASN C 170 16.07 -36.29 -14.20
N GLU C 171 15.44 -36.90 -15.22
CA GLU C 171 14.24 -37.69 -14.97
C GLU C 171 14.54 -39.16 -14.71
N ASP C 172 15.54 -39.41 -13.86
CA ASP C 172 15.70 -40.70 -13.19
C ASP C 172 16.57 -40.41 -11.97
N ARG C 173 15.94 -40.26 -10.81
CA ARG C 173 16.67 -39.85 -9.63
C ARG C 173 16.80 -41.02 -8.67
N GLN C 174 17.74 -40.87 -7.75
CA GLN C 174 17.83 -41.75 -6.59
C GLN C 174 17.17 -41.06 -5.42
N MET C 175 16.72 -41.84 -4.45
CA MET C 175 16.52 -41.29 -3.13
C MET C 175 17.86 -41.29 -2.42
N VAL C 176 18.23 -40.14 -1.86
CA VAL C 176 19.52 -40.04 -1.18
C VAL C 176 19.43 -40.84 0.11
N ARG C 177 20.15 -41.95 0.17
CA ARG C 177 20.09 -42.81 1.33
C ARG C 177 20.76 -42.15 2.52
N PHE C 178 20.13 -42.27 3.68
CA PHE C 178 20.64 -41.59 4.87
C PHE C 178 21.93 -42.23 5.35
N SER C 179 22.09 -43.54 5.09
CA SER C 179 23.32 -44.23 5.42
C SER C 179 24.49 -43.70 4.62
N GLU C 180 24.23 -43.33 3.36
CA GLU C 180 25.25 -42.77 2.50
C GLU C 180 25.75 -41.44 3.04
N VAL C 181 24.86 -40.68 3.68
CA VAL C 181 25.30 -39.48 4.37
C VAL C 181 26.11 -39.85 5.60
N LEU C 182 25.64 -40.84 6.35
CA LEU C 182 26.30 -41.19 7.60
C LEU C 182 27.64 -41.88 7.37
N SER C 183 27.79 -42.59 6.27
CA SER C 183 29.02 -43.35 6.04
C SER C 183 30.11 -42.52 5.39
N SER C 184 30.02 -41.20 5.46
CA SER C 184 31.09 -40.37 4.96
C SER C 184 32.27 -40.43 5.92
N PRO C 185 33.48 -40.16 5.43
CA PRO C 185 34.56 -39.86 6.36
C PRO C 185 34.31 -38.58 7.14
N GLU C 186 33.55 -37.64 6.57
CA GLU C 186 33.34 -36.36 7.20
C GLU C 186 32.44 -36.48 8.43
N TYR C 187 31.47 -37.38 8.40
CA TYR C 187 30.58 -37.53 9.55
C TYR C 187 31.30 -38.16 10.73
N ASP C 188 32.31 -38.98 10.46
CA ASP C 188 33.12 -39.55 11.52
C ASP C 188 34.15 -38.54 12.03
N GLU C 189 34.30 -37.42 11.36
CA GLU C 189 35.30 -36.44 11.73
C GLU C 189 34.71 -35.13 12.22
N HIS C 190 33.39 -35.01 12.34
CA HIS C 190 32.84 -33.85 13.02
C HIS C 190 33.01 -34.02 14.52
N LYS C 191 33.82 -33.13 15.09
CA LYS C 191 34.20 -33.22 16.49
C LYS C 191 33.03 -32.91 17.41
N SER C 192 32.09 -32.10 16.93
CA SER C 192 31.03 -31.59 17.78
C SER C 192 30.01 -32.66 18.10
N THR C 193 29.39 -32.52 19.28
CA THR C 193 28.40 -33.47 19.74
C THR C 193 27.07 -33.32 19.03
N VAL C 194 26.84 -32.19 18.38
CA VAL C 194 25.55 -31.96 17.76
C VAL C 194 25.69 -31.62 16.27
N PRO C 195 25.93 -32.60 15.40
CA PRO C 195 26.03 -32.31 13.97
C PRO C 195 24.65 -32.27 13.33
N LEU C 196 24.63 -31.86 12.07
CA LEU C 196 23.42 -31.84 11.26
C LEU C 196 23.73 -32.45 9.91
N ALA C 197 23.35 -33.70 9.72
CA ALA C 197 23.59 -34.41 8.48
C ALA C 197 22.38 -34.24 7.58
N LEU C 198 22.53 -33.45 6.52
CA LEU C 198 21.42 -33.14 5.64
C LEU C 198 21.38 -34.07 4.43
N GLY C 199 22.44 -34.05 3.63
CA GLY C 199 22.46 -34.89 2.45
C GLY C 199 23.61 -34.53 1.55
N HIS C 200 23.45 -34.83 0.28
CA HIS C 200 24.45 -34.50 -0.71
C HIS C 200 24.10 -33.22 -1.44
N ASP C 201 25.11 -32.62 -2.03
CA ASP C 201 24.93 -31.42 -2.83
C ASP C 201 24.67 -31.81 -4.28
N ILE C 202 24.77 -30.84 -5.19
CA ILE C 202 24.57 -31.10 -6.59
C ILE C 202 25.69 -31.92 -7.20
N GLY C 203 26.83 -31.99 -6.53
CA GLY C 203 27.90 -32.85 -6.99
C GLY C 203 27.77 -34.25 -6.42
N GLY C 204 26.95 -34.40 -5.39
CA GLY C 204 26.82 -35.66 -4.70
C GLY C 204 27.77 -35.84 -3.53
N ARG C 205 28.49 -34.81 -3.15
CA ARG C 205 29.35 -34.85 -1.99
C ARG C 205 28.54 -34.53 -0.73
N PRO C 206 28.81 -35.19 0.39
CA PRO C 206 27.96 -35.02 1.57
C PRO C 206 28.14 -33.66 2.22
N ILE C 207 27.01 -33.05 2.58
CA ILE C 207 26.99 -31.73 3.18
C ILE C 207 26.47 -31.88 4.60
N ILE C 208 27.37 -31.78 5.56
CA ILE C 208 27.03 -31.93 6.97
C ILE C 208 27.43 -30.64 7.67
N THR C 209 26.52 -30.09 8.47
CA THR C 209 26.77 -28.85 9.18
C THR C 209 26.77 -29.08 10.68
N ASP C 210 27.40 -28.16 11.38
CA ASP C 210 27.52 -28.21 12.83
C ASP C 210 26.48 -27.28 13.44
N LEU C 211 25.70 -27.80 14.38
CA LEU C 211 24.63 -27.01 14.96
C LEU C 211 25.15 -25.97 15.94
N ALA C 212 26.33 -26.18 16.49
CA ALA C 212 26.94 -25.20 17.39
C ALA C 212 27.39 -23.94 16.67
N LYS C 213 27.44 -23.94 15.34
CA LYS C 213 27.75 -22.73 14.59
C LYS C 213 26.68 -22.42 13.56
N MET C 214 25.42 -22.78 13.82
CA MET C 214 24.40 -22.30 12.90
C MET C 214 24.07 -20.84 13.18
N PRO C 215 23.78 -20.41 14.43
CA PRO C 215 23.53 -20.99 15.76
C PRO C 215 22.08 -21.42 15.90
N HIS C 216 21.27 -21.12 14.90
CA HIS C 216 19.86 -21.49 14.91
C HIS C 216 19.43 -21.80 13.50
N LEU C 217 18.17 -22.17 13.33
CA LEU C 217 17.74 -22.75 12.07
C LEU C 217 16.28 -22.48 11.78
N LEU C 218 15.99 -22.09 10.54
CA LEU C 218 14.64 -21.81 10.08
C LEU C 218 14.33 -22.71 8.89
N VAL C 219 13.18 -23.37 8.93
CA VAL C 219 12.78 -24.38 7.95
C VAL C 219 11.50 -23.91 7.26
N ALA C 220 11.47 -24.03 5.94
CA ALA C 220 10.35 -23.61 5.12
C ALA C 220 9.72 -24.83 4.43
N GLY C 221 8.84 -24.57 3.47
CA GLY C 221 8.26 -25.65 2.68
C GLY C 221 6.75 -25.67 2.70
N THR C 222 6.13 -25.61 1.53
CA THR C 222 4.68 -25.38 1.43
C THR C 222 3.92 -26.70 1.28
N THR C 223 4.10 -27.58 2.27
CA THR C 223 3.72 -29.00 2.22
C THR C 223 4.23 -29.61 0.93
N GLY C 224 5.51 -29.36 0.66
CA GLY C 224 6.02 -29.62 -0.66
C GLY C 224 6.90 -30.83 -0.70
N SER C 225 8.21 -30.60 -0.68
CA SER C 225 9.18 -31.66 -0.80
C SER C 225 9.17 -32.55 0.43
N GLY C 226 9.46 -31.96 1.57
CA GLY C 226 9.46 -32.66 2.83
C GLY C 226 9.79 -31.65 3.89
N LYS C 227 8.95 -31.57 4.91
CA LYS C 227 9.12 -30.54 5.92
C LYS C 227 9.12 -31.25 7.26
N SER C 228 8.38 -32.35 7.33
CA SER C 228 8.52 -33.28 8.44
C SER C 228 9.83 -34.04 8.32
N VAL C 229 10.01 -34.73 7.20
CA VAL C 229 11.30 -35.25 6.81
C VAL C 229 12.27 -34.08 6.66
N GLY C 230 13.44 -34.23 7.25
CA GLY C 230 14.43 -33.19 7.31
C GLY C 230 14.55 -32.75 8.75
N VAL C 231 13.41 -32.50 9.39
CA VAL C 231 13.39 -32.35 10.84
C VAL C 231 13.67 -33.69 11.49
N ASN C 232 12.96 -34.72 11.01
CA ASN C 232 13.22 -36.08 11.47
C ASN C 232 14.64 -36.50 11.12
N ALA C 233 15.13 -36.07 9.96
CA ALA C 233 16.47 -36.44 9.52
C ALA C 233 17.54 -35.83 10.43
N MET C 234 17.40 -34.53 10.72
CA MET C 234 18.35 -33.88 11.61
C MET C 234 18.26 -34.43 13.02
N LEU C 235 17.08 -34.85 13.44
CA LEU C 235 16.95 -35.32 14.81
C LEU C 235 17.58 -36.71 14.96
N LEU C 236 17.33 -37.59 13.98
CA LEU C 236 18.01 -38.89 13.99
C LEU C 236 19.51 -38.75 13.77
N SER C 237 19.96 -37.68 13.11
CA SER C 237 21.39 -37.48 12.99
C SER C 237 22.00 -36.94 14.27
N ILE C 238 21.23 -36.19 15.07
CA ILE C 238 21.64 -35.87 16.43
C ILE C 238 21.80 -37.14 17.24
N LEU C 239 20.87 -38.08 17.08
CA LEU C 239 20.83 -39.23 17.97
C LEU C 239 21.96 -40.21 17.72
N PHE C 240 22.48 -40.28 16.49
CA PHE C 240 23.51 -41.27 16.18
C PHE C 240 24.90 -40.87 16.64
N LYS C 241 25.13 -39.63 17.06
CA LYS C 241 26.44 -39.32 17.63
C LYS C 241 26.20 -38.36 18.79
N SER C 242 25.96 -38.93 19.97
CA SER C 242 25.57 -38.20 21.17
C SER C 242 25.52 -39.20 22.32
N THR C 243 25.33 -38.66 23.52
CA THR C 243 24.87 -39.38 24.70
C THR C 243 23.83 -38.48 25.37
N PRO C 244 22.93 -39.05 26.17
CA PRO C 244 21.98 -38.21 26.92
C PRO C 244 22.62 -37.30 27.94
N SER C 245 23.86 -37.56 28.34
CA SER C 245 24.59 -36.63 29.19
C SER C 245 25.31 -35.54 28.39
N GLU C 246 24.98 -35.38 27.11
CA GLU C 246 25.60 -34.35 26.30
C GLU C 246 24.58 -33.50 25.56
N ALA C 247 23.45 -34.10 25.18
CA ALA C 247 22.49 -33.40 24.34
C ALA C 247 21.10 -34.01 24.57
N ARG C 248 20.24 -33.25 25.24
CA ARG C 248 18.87 -33.67 25.49
C ARG C 248 17.94 -32.65 24.86
N LEU C 249 16.90 -33.12 24.18
CA LEU C 249 16.03 -32.22 23.45
C LEU C 249 14.68 -32.05 24.13
N ILE C 250 13.98 -31.00 23.68
CA ILE C 250 12.60 -30.73 24.06
C ILE C 250 11.88 -30.31 22.79
N MET C 251 10.82 -31.03 22.44
CA MET C 251 10.03 -30.65 21.28
C MET C 251 8.72 -30.01 21.72
N ILE C 252 8.16 -29.21 20.82
CA ILE C 252 6.84 -28.65 20.98
C ILE C 252 6.03 -29.05 19.76
N ASP C 253 4.91 -29.71 19.98
CA ASP C 253 4.16 -30.29 18.88
C ASP C 253 2.84 -29.58 18.72
N PRO C 254 2.68 -28.76 17.69
CA PRO C 254 1.37 -28.17 17.39
C PRO C 254 0.33 -29.19 16.99
N LYS C 255 0.60 -29.98 15.96
CA LYS C 255 -0.29 -31.05 15.55
C LYS C 255 0.32 -32.38 15.98
N MET C 256 -0.29 -33.00 16.99
CA MET C 256 0.24 -34.23 17.59
C MET C 256 0.03 -35.36 16.59
N LEU C 257 0.93 -35.42 15.62
CA LEU C 257 0.85 -36.32 14.49
C LEU C 257 2.00 -37.32 14.46
N GLU C 258 3.23 -36.84 14.42
CA GLU C 258 4.37 -37.68 14.10
C GLU C 258 5.42 -37.76 15.19
N LEU C 259 5.84 -36.64 15.75
CA LEU C 259 6.95 -36.63 16.69
C LEU C 259 6.49 -36.87 18.12
N SER C 260 5.27 -37.36 18.28
CA SER C 260 4.87 -38.11 19.46
C SER C 260 5.24 -39.59 19.32
N ILE C 261 6.49 -39.83 18.95
CA ILE C 261 7.00 -41.17 18.68
C ILE C 261 8.29 -41.29 19.47
N TYR C 262 8.80 -40.16 19.92
CA TYR C 262 10.08 -40.10 20.61
C TYR C 262 9.96 -40.37 22.10
N GLU C 263 8.74 -40.54 22.60
CA GLU C 263 8.54 -40.74 24.03
C GLU C 263 9.11 -42.09 24.45
N GLY C 264 9.99 -42.05 25.44
CA GLY C 264 10.65 -43.25 25.95
C GLY C 264 12.16 -43.22 25.85
N ILE C 265 12.76 -42.16 25.32
CA ILE C 265 14.20 -42.14 25.13
C ILE C 265 14.85 -41.44 26.32
N PRO C 266 16.05 -41.84 26.74
CA PRO C 266 16.68 -41.23 27.90
C PRO C 266 17.29 -39.86 27.68
N HIS C 267 17.14 -39.24 26.50
CA HIS C 267 17.35 -37.80 26.39
C HIS C 267 16.09 -37.19 25.78
N LEU C 268 15.15 -36.88 26.67
CA LEU C 268 13.97 -36.11 26.32
C LEU C 268 13.49 -35.54 27.65
N LEU C 269 13.66 -34.24 27.84
CA LEU C 269 13.52 -33.66 29.17
C LEU C 269 12.07 -33.57 29.63
N CYS C 270 11.12 -33.58 28.70
CA CYS C 270 9.71 -33.51 29.04
C CYS C 270 8.96 -34.36 28.04
N PRO C 271 7.71 -34.75 28.35
CA PRO C 271 6.90 -35.41 27.31
C PRO C 271 6.43 -34.43 26.23
N VAL C 272 5.55 -34.91 25.35
CA VAL C 272 5.16 -34.11 24.20
C VAL C 272 4.35 -32.91 24.66
N VAL C 273 4.57 -31.78 24.01
CA VAL C 273 3.87 -30.56 24.33
C VAL C 273 2.86 -30.30 23.21
N THR C 274 1.64 -29.98 23.57
CA THR C 274 0.56 -29.84 22.61
C THR C 274 0.06 -28.40 22.49
N ASP C 275 -0.40 -27.81 23.59
CA ASP C 275 -0.98 -26.49 23.56
C ASP C 275 0.10 -25.43 23.45
N MET C 276 -0.24 -24.32 22.80
CA MET C 276 0.66 -23.18 22.80
C MET C 276 0.70 -22.52 24.15
N LYS C 277 -0.42 -22.53 24.87
CA LYS C 277 -0.43 -22.02 26.24
C LYS C 277 0.32 -22.96 27.17
N GLU C 278 0.40 -24.25 26.80
CA GLU C 278 1.30 -25.13 27.51
C GLU C 278 2.74 -24.85 27.09
N ALA C 279 2.95 -24.53 25.81
CA ALA C 279 4.29 -24.36 25.28
C ALA C 279 4.96 -23.09 25.78
N ALA C 280 4.18 -22.09 26.17
CA ALA C 280 4.77 -20.87 26.72
C ALA C 280 5.45 -21.14 28.05
N ASN C 281 4.96 -22.12 28.82
CA ASN C 281 5.64 -22.53 30.03
C ASN C 281 6.97 -23.18 29.72
N ALA C 282 7.05 -23.96 28.63
CA ALA C 282 8.32 -24.56 28.26
C ALA C 282 9.29 -23.53 27.73
N LEU C 283 8.78 -22.53 27.00
CA LEU C 283 9.64 -21.46 26.50
C LEU C 283 10.18 -20.62 27.64
N ARG C 284 9.34 -20.30 28.63
CA ARG C 284 9.83 -19.56 29.79
C ARG C 284 10.75 -20.42 30.64
N TRP C 285 10.56 -21.74 30.63
CA TRP C 285 11.53 -22.63 31.27
C TRP C 285 12.88 -22.55 30.57
N SER C 286 12.88 -22.47 29.25
CA SER C 286 14.13 -22.36 28.51
C SER C 286 14.81 -21.02 28.76
N VAL C 287 14.02 -19.95 28.86
CA VAL C 287 14.57 -18.63 29.18
C VAL C 287 15.20 -18.64 30.57
N ALA C 288 14.51 -19.25 31.53
CA ALA C 288 15.03 -19.33 32.90
C ALA C 288 16.27 -20.21 32.97
N GLU C 289 16.30 -21.28 32.16
CA GLU C 289 17.46 -22.15 32.15
C GLU C 289 18.66 -21.48 31.51
N MET C 290 18.41 -20.68 30.47
CA MET C 290 19.45 -19.86 29.85
C MET C 290 19.98 -18.81 30.82
N GLU C 291 19.09 -18.24 31.63
CA GLU C 291 19.51 -17.21 32.57
C GLU C 291 20.37 -17.80 33.67
N ARG C 292 19.94 -18.92 34.27
CA ARG C 292 20.78 -19.56 35.28
C ARG C 292 22.03 -20.15 34.66
N ARG C 293 21.97 -20.50 33.38
CA ARG C 293 23.15 -20.94 32.64
C ARG C 293 24.18 -19.81 32.56
N TYR C 294 23.73 -18.59 32.25
CA TYR C 294 24.66 -17.47 32.21
C TYR C 294 25.16 -17.09 33.60
N ARG C 295 24.30 -17.19 34.62
CA ARG C 295 24.73 -16.95 35.98
C ARG C 295 25.83 -17.94 36.38
N LEU C 296 25.64 -19.20 36.00
CA LEU C 296 26.61 -20.24 36.33
C LEU C 296 27.90 -20.05 35.53
N MET C 297 27.80 -19.57 34.29
CA MET C 297 29.00 -19.34 33.50
C MET C 297 29.80 -18.17 34.03
N ALA C 298 29.12 -17.05 34.31
CA ALA C 298 29.82 -15.87 34.81
C ALA C 298 30.31 -16.05 36.24
N ALA C 299 29.75 -17.02 36.98
CA ALA C 299 30.36 -17.40 38.25
C ALA C 299 31.58 -18.28 38.06
N MET C 300 31.82 -18.77 36.85
CA MET C 300 32.98 -19.61 36.56
C MET C 300 33.96 -18.96 35.58
N GLY C 301 33.67 -17.76 35.10
CA GLY C 301 34.64 -17.00 34.33
C GLY C 301 34.72 -17.36 32.86
N VAL C 302 34.52 -18.64 32.55
CA VAL C 302 34.63 -19.13 31.18
C VAL C 302 33.47 -18.60 30.35
N ARG C 303 33.72 -18.30 29.08
CA ARG C 303 32.74 -17.61 28.24
C ARG C 303 31.54 -18.51 27.94
N ASN C 304 31.75 -19.58 27.18
CA ASN C 304 30.65 -20.38 26.67
C ASN C 304 30.70 -21.80 27.24
N LEU C 305 29.88 -22.68 26.67
CA LEU C 305 29.62 -23.97 27.29
C LEU C 305 30.75 -24.97 27.09
N ALA C 306 31.36 -24.99 25.90
CA ALA C 306 32.36 -26.01 25.59
C ALA C 306 33.64 -25.82 26.41
N GLY C 307 34.06 -24.56 26.57
CA GLY C 307 35.17 -24.28 27.47
C GLY C 307 34.85 -24.64 28.90
N PHE C 308 33.60 -24.47 29.30
CA PHE C 308 33.18 -24.87 30.64
C PHE C 308 33.23 -26.39 30.81
N ASN C 309 32.88 -27.15 29.78
CA ASN C 309 32.89 -28.59 29.95
C ASN C 309 34.30 -29.15 29.91
N ARG C 310 35.19 -28.57 29.09
CA ARG C 310 36.58 -28.98 29.22
C ARG C 310 37.20 -28.51 30.52
N LYS C 311 36.66 -27.43 31.10
CA LYS C 311 37.08 -27.03 32.44
C LYS C 311 36.63 -28.04 33.48
N VAL C 312 35.42 -28.58 33.36
CA VAL C 312 35.00 -29.54 34.38
C VAL C 312 35.71 -30.89 34.17
N LYS C 313 36.10 -31.21 32.93
CA LYS C 313 36.99 -32.34 32.69
C LYS C 313 38.32 -32.17 33.42
N ASP C 314 39.00 -31.05 33.15
CA ASP C 314 40.30 -30.83 33.78
C ASP C 314 40.20 -30.53 35.27
N ALA C 315 39.01 -30.23 35.77
CA ALA C 315 38.82 -30.04 37.21
C ALA C 315 38.65 -31.36 37.93
N GLU C 316 37.60 -32.12 37.58
CA GLU C 316 37.36 -33.39 38.26
C GLU C 316 37.96 -34.57 37.52
N GLU C 317 39.05 -34.34 36.78
CA GLU C 317 39.80 -35.42 36.15
C GLU C 317 40.41 -36.37 37.17
N ALA C 318 41.34 -35.89 37.98
CA ALA C 318 41.95 -36.70 39.02
C ALA C 318 41.16 -36.66 40.33
N GLY C 319 40.09 -35.86 40.38
CA GLY C 319 39.32 -35.70 41.60
C GLY C 319 39.62 -34.40 42.30
N THR C 320 38.78 -33.40 42.06
CA THR C 320 38.88 -32.10 42.72
C THR C 320 37.46 -31.55 42.73
N PRO C 321 36.71 -31.74 43.82
CA PRO C 321 35.26 -31.55 43.77
C PRO C 321 34.84 -30.10 43.63
N LEU C 322 33.74 -29.89 42.90
CA LEU C 322 33.07 -28.60 42.83
C LEU C 322 31.61 -28.85 42.48
N THR C 323 30.74 -28.65 43.46
CA THR C 323 29.30 -28.68 43.27
C THR C 323 28.72 -27.43 43.92
N ASP C 324 27.52 -27.07 43.47
CA ASP C 324 26.73 -25.92 43.91
C ASP C 324 27.53 -24.61 43.89
N PRO C 325 27.80 -24.02 42.73
CA PRO C 325 28.49 -22.71 42.71
C PRO C 325 27.59 -21.52 42.97
N LEU C 326 26.33 -21.73 43.33
CA LEU C 326 25.46 -20.64 43.77
C LEU C 326 24.70 -21.03 45.02
N LEU C 339 27.92 -32.48 40.18
CA LEU C 339 27.82 -31.51 39.10
C LEU C 339 28.61 -31.97 37.89
N SER C 340 27.92 -32.16 36.76
CA SER C 340 28.49 -32.75 35.57
C SER C 340 28.43 -31.73 34.42
N THR C 341 28.68 -32.23 33.21
CA THR C 341 28.55 -31.41 32.02
C THR C 341 27.09 -31.03 31.81
N LEU C 342 26.85 -29.76 31.57
CA LEU C 342 25.50 -29.32 31.24
C LEU C 342 25.22 -29.67 29.79
N PRO C 343 24.10 -30.34 29.51
CA PRO C 343 23.88 -30.86 28.16
C PRO C 343 23.50 -29.76 27.18
N THR C 344 23.80 -30.02 25.92
CA THR C 344 23.47 -29.09 24.85
C THR C 344 21.99 -29.24 24.53
N ILE C 345 21.18 -28.37 25.09
CA ILE C 345 19.74 -28.48 24.95
C ILE C 345 19.34 -28.05 23.55
N VAL C 346 18.47 -28.83 22.92
CA VAL C 346 17.93 -28.50 21.61
C VAL C 346 16.42 -28.34 21.75
N VAL C 347 15.90 -27.22 21.28
CA VAL C 347 14.47 -27.00 21.25
C VAL C 347 14.05 -26.99 19.80
N VAL C 348 13.06 -27.79 19.44
CA VAL C 348 12.60 -27.90 18.07
C VAL C 348 11.11 -27.57 18.02
N VAL C 349 10.69 -27.02 16.89
CA VAL C 349 9.30 -26.61 16.67
C VAL C 349 8.84 -27.20 15.36
N ASP C 350 7.71 -27.92 15.38
CA ASP C 350 7.18 -28.49 14.16
C ASP C 350 6.49 -27.43 13.30
N GLU C 351 5.46 -26.76 13.84
CA GLU C 351 4.61 -25.86 13.08
C GLU C 351 4.56 -24.51 13.80
N PHE C 352 5.48 -23.63 13.45
CA PHE C 352 5.58 -22.32 14.09
C PHE C 352 4.42 -21.41 13.73
N ALA C 353 3.75 -21.69 12.61
CA ALA C 353 2.62 -20.88 12.17
C ALA C 353 1.46 -20.92 13.15
N ASP C 354 1.12 -22.13 13.63
CA ASP C 354 0.04 -22.26 14.61
C ASP C 354 0.44 -21.69 15.95
N MET C 355 1.74 -21.71 16.25
CA MET C 355 2.24 -21.18 17.50
C MET C 355 2.08 -19.67 17.54
N MET C 356 2.35 -18.99 16.41
CA MET C 356 2.04 -17.57 16.34
C MET C 356 0.55 -17.33 16.24
N MET C 357 -0.19 -18.22 15.58
CA MET C 357 -1.59 -17.93 15.28
C MET C 357 -2.47 -18.10 16.52
N ILE C 358 -2.09 -18.97 17.43
CA ILE C 358 -2.81 -19.08 18.69
C ILE C 358 -2.32 -17.99 19.64
N VAL C 359 -1.03 -17.99 19.95
CA VAL C 359 -0.43 -16.99 20.84
C VAL C 359 0.36 -16.03 19.96
N GLY C 360 -0.12 -14.80 19.84
CA GLY C 360 0.47 -13.89 18.88
C GLY C 360 1.72 -13.16 19.34
N LYS C 361 1.75 -12.71 20.59
CA LYS C 361 2.74 -11.72 20.97
C LYS C 361 3.78 -12.27 21.92
N LYS C 362 3.36 -13.12 22.86
CA LYS C 362 4.27 -13.66 23.87
C LYS C 362 5.33 -14.56 23.24
N VAL C 363 4.90 -15.39 22.28
CA VAL C 363 5.78 -16.38 21.68
C VAL C 363 6.88 -15.72 20.88
N GLU C 364 6.53 -14.76 20.02
CA GLU C 364 7.49 -14.17 19.09
C GLU C 364 8.56 -13.37 19.82
N GLU C 365 8.16 -12.70 20.90
CA GLU C 365 9.12 -11.96 21.69
C GLU C 365 9.99 -12.90 22.52
N LEU C 366 9.43 -14.01 23.01
CA LEU C 366 10.27 -15.00 23.68
C LEU C 366 11.24 -15.68 22.72
N ILE C 367 10.81 -15.89 21.48
CA ILE C 367 11.68 -16.50 20.48
C ILE C 367 12.82 -15.57 20.14
N ALA C 368 12.54 -14.27 20.00
CA ALA C 368 13.63 -13.33 19.77
C ALA C 368 14.51 -13.17 20.99
N ARG C 369 13.96 -13.35 22.19
CA ARG C 369 14.76 -13.34 23.42
C ARG C 369 15.78 -14.49 23.43
N ILE C 370 15.30 -15.69 23.14
CA ILE C 370 16.18 -16.86 23.11
C ILE C 370 17.14 -16.77 21.92
N ALA C 371 16.69 -16.20 20.80
CA ALA C 371 17.55 -16.05 19.64
C ALA C 371 18.64 -15.02 19.90
N GLN C 372 18.36 -14.05 20.75
CA GLN C 372 19.41 -13.17 21.25
C GLN C 372 20.44 -13.93 22.06
N LYS C 373 20.02 -14.52 23.19
CA LYS C 373 21.00 -14.97 24.16
C LYS C 373 21.24 -16.47 24.19
N ALA C 374 20.95 -17.19 23.11
CA ALA C 374 21.00 -18.64 23.20
C ALA C 374 22.31 -19.27 22.76
N ARG C 375 23.10 -18.60 21.91
CA ARG C 375 24.27 -19.23 21.28
C ARG C 375 25.33 -19.63 22.30
N ALA C 376 25.64 -18.72 23.23
CA ALA C 376 26.64 -19.04 24.23
C ALA C 376 26.14 -20.04 25.25
N ALA C 377 24.83 -20.09 25.47
CA ALA C 377 24.29 -20.92 26.53
C ALA C 377 24.21 -22.39 26.17
N GLY C 378 24.38 -22.76 24.91
CA GLY C 378 24.17 -24.12 24.51
C GLY C 378 22.74 -24.51 24.23
N ILE C 379 21.77 -23.70 24.65
CA ILE C 379 20.39 -23.93 24.27
C ILE C 379 20.22 -23.50 22.83
N HIS C 380 19.56 -24.33 22.03
CA HIS C 380 19.37 -24.02 20.63
C HIS C 380 17.92 -24.15 20.24
N LEU C 381 17.61 -23.58 19.08
CA LEU C 381 16.25 -23.46 18.60
C LEU C 381 16.20 -23.84 17.13
N ILE C 382 15.32 -24.76 16.78
CA ILE C 382 15.12 -25.19 15.39
C ILE C 382 13.67 -24.91 15.05
N LEU C 383 13.45 -23.92 14.20
CA LEU C 383 12.09 -23.53 13.83
C LEU C 383 11.72 -24.17 12.50
N ALA C 384 10.42 -24.17 12.22
CA ALA C 384 9.89 -24.77 10.99
C ALA C 384 8.50 -24.22 10.72
N THR C 385 8.35 -23.45 9.66
CA THR C 385 7.05 -22.98 9.21
C THR C 385 6.62 -23.68 7.93
N GLN C 386 5.33 -23.93 7.83
CA GLN C 386 4.77 -24.56 6.64
C GLN C 386 4.12 -23.51 5.75
N ARG C 387 4.05 -22.27 6.21
CA ARG C 387 3.62 -21.16 5.38
C ARG C 387 4.72 -20.10 5.38
N PRO C 388 5.24 -19.74 4.21
CA PRO C 388 6.28 -18.71 4.12
C PRO C 388 5.74 -17.29 4.02
N SER C 389 4.73 -16.99 4.82
CA SER C 389 4.13 -15.67 4.75
C SER C 389 4.97 -14.69 5.56
N VAL C 390 4.69 -13.40 5.36
CA VAL C 390 5.35 -12.37 6.16
C VAL C 390 4.60 -12.18 7.48
N ASP C 391 3.37 -12.70 7.58
CA ASP C 391 2.67 -12.75 8.86
C ASP C 391 3.39 -13.66 9.85
N VAL C 392 3.98 -14.74 9.36
CA VAL C 392 4.71 -15.67 10.22
C VAL C 392 6.16 -15.22 10.34
N ILE C 393 6.88 -15.21 9.21
CA ILE C 393 8.27 -14.78 9.19
C ILE C 393 8.27 -13.26 9.21
N THR C 394 8.68 -12.68 10.33
CA THR C 394 8.81 -11.24 10.46
C THR C 394 10.28 -10.87 10.55
N GLY C 395 10.53 -9.58 10.75
CA GLY C 395 11.87 -9.18 11.14
C GLY C 395 12.20 -9.60 12.56
N LEU C 396 11.19 -9.88 13.37
CA LEU C 396 11.43 -10.27 14.76
C LEU C 396 11.92 -11.71 14.84
N ILE C 397 11.54 -12.53 13.85
CA ILE C 397 12.03 -13.90 13.75
C ILE C 397 13.32 -13.93 12.94
N LYS C 398 13.43 -13.05 11.95
CA LYS C 398 14.68 -12.82 11.25
C LYS C 398 15.59 -11.87 12.00
N ALA C 399 15.34 -11.66 13.30
CA ALA C 399 16.22 -10.84 14.12
C ALA C 399 17.55 -11.51 14.35
N ASN C 400 17.55 -12.77 14.75
CA ASN C 400 18.81 -13.42 15.11
C ASN C 400 18.94 -14.85 14.61
N ILE C 401 18.17 -15.27 13.61
CA ILE C 401 18.34 -16.59 13.02
C ILE C 401 18.71 -16.40 11.56
N PRO C 402 20.00 -16.25 11.24
CA PRO C 402 20.37 -15.97 9.85
C PRO C 402 20.47 -17.21 9.00
N THR C 403 20.68 -18.38 9.58
CA THR C 403 20.83 -19.59 8.80
C THR C 403 19.45 -20.07 8.37
N ARG C 404 19.27 -20.24 7.07
CA ARG C 404 17.97 -20.58 6.52
C ARG C 404 18.04 -21.88 5.78
N ILE C 405 17.07 -22.75 6.00
CA ILE C 405 16.84 -23.90 5.15
C ILE C 405 15.45 -23.74 4.54
N ALA C 406 15.40 -23.59 3.24
CA ALA C 406 14.13 -23.48 2.55
C ALA C 406 13.99 -24.65 1.59
N PHE C 407 12.87 -25.33 1.68
CA PHE C 407 12.53 -26.37 0.72
C PHE C 407 11.86 -25.72 -0.49
N GLN C 408 11.22 -26.53 -1.31
CA GLN C 408 10.49 -25.98 -2.45
C GLN C 408 9.29 -25.18 -1.97
N VAL C 409 9.19 -23.93 -2.40
CA VAL C 409 8.03 -23.09 -2.16
C VAL C 409 7.48 -22.68 -3.50
N SER C 410 6.23 -22.22 -3.49
CA SER C 410 5.48 -21.96 -4.71
C SER C 410 5.35 -20.48 -5.00
N SER C 411 6.30 -19.68 -4.56
CA SER C 411 6.19 -18.23 -4.70
C SER C 411 7.58 -17.61 -4.72
N LYS C 412 7.88 -16.87 -5.79
CA LYS C 412 9.12 -16.10 -5.84
C LYS C 412 9.15 -15.04 -4.75
N ILE C 413 7.98 -14.49 -4.40
CA ILE C 413 7.87 -13.61 -3.25
C ILE C 413 8.26 -14.34 -1.98
N ASP C 414 7.86 -15.61 -1.86
CA ASP C 414 8.30 -16.37 -0.70
C ASP C 414 9.76 -16.78 -0.81
N SER C 415 10.24 -16.97 -2.04
CA SER C 415 11.66 -17.25 -2.27
C SER C 415 12.54 -16.11 -1.83
N ARG C 416 12.07 -14.87 -1.92
CA ARG C 416 12.80 -13.77 -1.30
C ARG C 416 12.31 -13.47 0.12
N THR C 417 11.27 -14.16 0.59
CA THR C 417 10.91 -14.03 2.00
C THR C 417 11.89 -14.78 2.88
N ILE C 418 12.10 -16.08 2.62
CA ILE C 418 13.05 -16.83 3.44
C ILE C 418 14.47 -16.41 3.13
N LEU C 419 14.89 -16.57 1.88
CA LEU C 419 16.24 -16.20 1.52
C LEU C 419 16.30 -14.72 1.19
N ASP C 420 17.43 -14.12 1.51
CA ASP C 420 17.69 -12.78 1.02
C ASP C 420 17.91 -12.74 -0.49
N GLN C 421 18.26 -13.87 -1.10
CA GLN C 421 18.31 -13.98 -2.56
C GLN C 421 16.94 -14.37 -3.08
N GLY C 422 16.88 -14.76 -4.35
CA GLY C 422 15.66 -15.26 -4.94
C GLY C 422 15.97 -16.45 -5.83
N GLY C 423 14.91 -17.19 -6.15
CA GLY C 423 15.03 -18.36 -7.01
C GLY C 423 14.65 -19.66 -6.34
N ALA C 424 14.19 -19.65 -5.09
CA ALA C 424 13.89 -20.88 -4.35
C ALA C 424 12.55 -21.47 -4.72
N GLU C 425 11.86 -20.93 -5.72
CA GLU C 425 10.67 -21.55 -6.25
C GLU C 425 10.99 -22.60 -7.31
N GLN C 426 12.12 -22.46 -7.97
CA GLN C 426 12.54 -23.38 -9.03
C GLN C 426 13.27 -24.58 -8.47
N LEU C 427 12.66 -25.31 -7.56
CA LEU C 427 13.19 -26.58 -7.11
C LEU C 427 12.26 -27.70 -7.56
N LEU C 428 12.54 -28.94 -7.13
CA LEU C 428 11.88 -30.08 -7.71
C LEU C 428 10.97 -30.85 -6.77
N GLY C 429 11.26 -30.89 -5.49
CA GLY C 429 10.46 -31.65 -4.57
C GLY C 429 11.14 -32.94 -4.12
N HIS C 430 10.47 -33.60 -3.17
CA HIS C 430 10.88 -34.86 -2.56
C HIS C 430 12.28 -34.74 -1.93
N GLY C 431 12.36 -33.93 -0.90
CA GLY C 431 13.58 -33.81 -0.11
C GLY C 431 14.61 -32.88 -0.69
N ASP C 432 14.19 -31.78 -1.30
CA ASP C 432 15.10 -30.84 -1.92
C ASP C 432 15.05 -29.54 -1.13
N MET C 433 16.21 -29.11 -0.63
CA MET C 433 16.29 -27.88 0.14
C MET C 433 17.38 -26.99 -0.42
N LEU C 434 17.22 -25.70 -0.20
CA LEU C 434 18.32 -24.76 -0.37
C LEU C 434 18.88 -24.45 1.00
N TYR C 435 20.18 -24.68 1.17
CA TYR C 435 20.86 -24.38 2.40
C TYR C 435 21.49 -23.01 2.28
N LEU C 436 21.15 -22.14 3.22
CA LEU C 436 21.73 -20.81 3.25
C LEU C 436 22.63 -20.73 4.46
N PRO C 437 23.95 -20.59 4.28
CA PRO C 437 24.88 -20.79 5.38
C PRO C 437 24.84 -19.61 6.34
N PRO C 438 25.50 -19.72 7.50
CA PRO C 438 25.67 -18.53 8.34
C PRO C 438 26.39 -17.40 7.65
N GLY C 439 25.66 -16.30 7.47
CA GLY C 439 26.27 -15.09 6.98
C GLY C 439 26.32 -14.94 5.49
N THR C 440 27.28 -15.59 4.84
CA THR C 440 27.62 -15.24 3.47
C THR C 440 26.54 -15.66 2.49
N GLY C 441 26.31 -14.81 1.49
CA GLY C 441 25.24 -15.05 0.55
C GLY C 441 25.69 -15.91 -0.61
N LEU C 442 25.47 -17.21 -0.47
CA LEU C 442 25.84 -18.18 -1.47
C LEU C 442 24.99 -19.41 -1.20
N PRO C 443 23.79 -19.50 -1.78
CA PRO C 443 22.85 -20.57 -1.42
C PRO C 443 23.30 -21.94 -1.88
N ILE C 444 23.67 -22.77 -0.92
CA ILE C 444 23.99 -24.16 -1.21
C ILE C 444 22.71 -24.91 -1.52
N ARG C 445 22.74 -25.75 -2.56
CA ARG C 445 21.63 -26.63 -2.87
C ARG C 445 21.92 -28.02 -2.32
N VAL C 446 21.04 -28.51 -1.46
CA VAL C 446 21.26 -29.74 -0.72
C VAL C 446 20.08 -30.67 -0.97
N HIS C 447 20.36 -31.91 -1.37
CA HIS C 447 19.32 -32.90 -1.52
C HIS C 447 19.19 -33.66 -0.22
N GLY C 448 18.08 -33.46 0.49
CA GLY C 448 17.92 -34.07 1.79
C GLY C 448 17.67 -35.55 1.69
N ALA C 449 18.07 -36.27 2.73
CA ALA C 449 18.03 -37.73 2.72
C ALA C 449 16.66 -38.21 3.17
N PHE C 450 15.98 -38.95 2.31
CA PHE C 450 14.67 -39.49 2.67
C PHE C 450 14.85 -40.66 3.62
N VAL C 451 14.52 -40.44 4.89
CA VAL C 451 14.59 -41.48 5.90
C VAL C 451 13.16 -41.86 6.30
N SER C 452 12.93 -43.16 6.44
CA SER C 452 11.58 -43.66 6.63
C SER C 452 11.15 -43.59 8.08
N ASP C 453 9.85 -43.74 8.31
CA ASP C 453 9.32 -43.86 9.66
C ASP C 453 9.81 -45.14 10.32
N ASP C 454 10.08 -46.16 9.49
CA ASP C 454 10.58 -47.45 9.97
C ASP C 454 11.88 -47.29 10.74
N GLU C 455 12.84 -46.55 10.18
CA GLU C 455 14.10 -46.38 10.89
C GLU C 455 13.94 -45.50 12.10
N VAL C 456 12.93 -44.61 12.09
CA VAL C 456 12.65 -43.77 13.26
C VAL C 456 12.24 -44.63 14.44
N HIS C 457 11.17 -45.41 14.29
CA HIS C 457 10.74 -46.25 15.40
C HIS C 457 11.43 -47.62 15.42
N ARG C 458 12.53 -47.78 14.69
CA ARG C 458 13.51 -48.80 15.05
C ARG C 458 14.62 -48.23 15.93
N VAL C 459 15.12 -47.04 15.60
CA VAL C 459 16.18 -46.43 16.40
C VAL C 459 15.65 -46.00 17.77
N VAL C 460 14.38 -45.61 17.84
CA VAL C 460 13.73 -45.36 19.13
C VAL C 460 13.76 -46.60 20.01
N GLU C 461 13.42 -47.76 19.44
CA GLU C 461 13.40 -49.00 20.19
C GLU C 461 14.80 -49.46 20.56
N ALA C 462 15.77 -49.27 19.66
CA ALA C 462 17.14 -49.62 19.96
C ALA C 462 17.77 -48.65 20.93
N TRP C 463 17.17 -47.47 21.11
CA TRP C 463 17.69 -46.47 22.02
C TRP C 463 17.04 -46.51 23.39
N LYS C 464 15.83 -47.09 23.50
CA LYS C 464 15.18 -47.23 24.79
C LYS C 464 15.89 -48.17 25.76
N LEU C 465 16.88 -48.94 25.29
CA LEU C 465 17.72 -49.73 26.19
C LEU C 465 18.48 -48.84 27.17
N ARG C 466 18.86 -47.64 26.74
CA ARG C 466 19.85 -46.87 27.48
C ARG C 466 19.27 -46.25 28.74
N GLY C 467 17.95 -46.17 28.86
CA GLY C 467 17.37 -45.70 30.10
C GLY C 467 15.90 -45.38 30.07
N ALA C 468 15.48 -44.48 30.95
CA ALA C 468 14.12 -44.03 31.13
C ALA C 468 14.00 -42.56 30.77
N PRO C 469 12.81 -42.09 30.32
CA PRO C 469 12.66 -40.66 30.00
C PRO C 469 12.63 -39.79 31.24
N ASP C 470 13.81 -39.48 31.78
CA ASP C 470 13.89 -38.70 33.01
C ASP C 470 13.45 -37.27 32.75
N TYR C 471 12.63 -36.74 33.65
CA TYR C 471 11.93 -35.49 33.44
C TYR C 471 12.25 -34.49 34.54
N ILE C 472 12.31 -33.23 34.17
CA ILE C 472 12.30 -32.11 35.11
C ILE C 472 10.97 -31.42 34.92
N GLU C 473 10.05 -31.66 35.84
CA GLU C 473 8.67 -31.20 35.69
C GLU C 473 8.48 -29.74 36.04
N ASP C 474 9.55 -28.99 36.29
CA ASP C 474 9.50 -27.54 36.46
C ASP C 474 9.34 -26.83 35.13
N ILE C 475 9.34 -27.56 34.01
CA ILE C 475 9.13 -26.97 32.69
C ILE C 475 7.69 -26.49 32.52
N LEU C 476 6.74 -27.02 33.27
CA LEU C 476 5.34 -26.67 33.08
C LEU C 476 4.76 -25.99 34.32
N LEU D 70 49.89 4.82 28.60
CA LEU D 70 49.45 4.15 27.38
C LEU D 70 50.54 3.19 26.89
N PRO D 71 50.15 2.07 26.29
CA PRO D 71 51.13 1.11 25.81
C PRO D 71 51.79 1.60 24.54
N PRO D 72 52.98 1.11 24.22
CA PRO D 72 53.58 1.42 22.93
C PRO D 72 52.84 0.69 21.81
N LEU D 73 52.98 1.25 20.61
CA LEU D 73 52.27 0.73 19.45
C LEU D 73 52.77 -0.64 19.05
N SER D 74 54.02 -0.95 19.35
CA SER D 74 54.64 -2.18 18.90
C SER D 74 54.10 -3.42 19.58
N LEU D 75 53.08 -3.41 20.43
CA LEU D 75 52.59 -4.66 21.01
C LEU D 75 51.82 -5.51 20.02
N LEU D 76 51.34 -4.94 18.93
CA LEU D 76 50.56 -5.69 17.97
C LEU D 76 51.44 -6.03 16.77
N ASP D 77 50.82 -6.59 15.73
CA ASP D 77 51.56 -7.11 14.57
C ASP D 77 52.19 -5.97 13.80
N PRO D 78 53.48 -6.05 13.49
CA PRO D 78 54.07 -5.11 12.51
C PRO D 78 53.58 -5.35 11.09
N ALA D 79 54.10 -4.55 10.17
CA ALA D 79 53.56 -4.48 8.82
C ALA D 79 53.81 -5.76 8.04
N GLU D 80 52.85 -6.09 7.18
CA GLU D 80 52.96 -7.22 6.26
C GLU D 80 54.08 -6.92 5.28
N VAL D 81 55.20 -7.63 5.40
CA VAL D 81 56.33 -7.37 4.52
C VAL D 81 56.05 -8.15 3.25
N LYS D 82 55.24 -7.56 2.39
CA LYS D 82 54.72 -8.19 1.19
C LYS D 82 54.04 -7.16 0.32
N GLN D 83 54.38 -7.13 -0.96
CA GLN D 83 53.56 -6.47 -1.96
C GLN D 83 53.69 -7.27 -3.25
N LYS D 84 52.56 -7.61 -3.85
CA LYS D 84 52.59 -8.30 -5.13
C LYS D 84 52.35 -7.25 -6.20
N SER D 85 53.45 -6.76 -6.77
CA SER D 85 53.42 -5.65 -7.73
C SER D 85 52.78 -6.12 -9.02
N TYR D 86 51.51 -5.80 -9.19
CA TYR D 86 50.80 -6.10 -10.43
C TYR D 86 51.39 -5.24 -11.53
N SER D 87 52.02 -5.90 -12.50
CA SER D 87 52.92 -5.25 -13.44
C SER D 87 52.17 -4.29 -14.35
N PRO D 88 52.88 -3.29 -14.89
CA PRO D 88 52.29 -2.50 -15.98
C PRO D 88 51.92 -3.34 -17.19
N GLU D 89 52.61 -4.45 -17.40
CA GLU D 89 52.15 -5.45 -18.36
C GLU D 89 50.79 -6.00 -17.97
N SER D 90 50.64 -6.42 -16.71
CA SER D 90 49.38 -7.04 -16.29
C SER D 90 48.26 -6.02 -16.21
N LEU D 91 48.57 -4.80 -15.76
CA LEU D 91 47.57 -3.75 -15.75
C LEU D 91 47.18 -3.32 -17.16
N GLU D 92 48.14 -3.33 -18.09
CA GLU D 92 47.81 -3.01 -19.47
C GLU D 92 46.97 -4.12 -20.10
N ALA D 93 47.25 -5.37 -19.72
CA ALA D 93 46.43 -6.47 -20.18
C ALA D 93 45.01 -6.38 -19.64
N MET D 94 44.86 -6.01 -18.37
CA MET D 94 43.54 -5.81 -17.80
C MET D 94 42.82 -4.64 -18.46
N SER D 95 43.57 -3.60 -18.81
CA SER D 95 42.97 -2.45 -19.47
C SER D 95 42.43 -2.82 -20.84
N ARG D 96 43.21 -3.56 -21.63
CA ARG D 96 42.72 -3.98 -22.93
C ARG D 96 41.62 -5.02 -22.82
N LEU D 97 41.65 -5.84 -21.77
CA LEU D 97 40.58 -6.81 -21.57
C LEU D 97 39.28 -6.11 -21.21
N LEU D 98 39.36 -5.08 -20.37
CA LEU D 98 38.19 -4.28 -20.02
C LEU D 98 37.66 -3.56 -21.23
N GLU D 99 38.55 -3.06 -22.08
CA GLU D 99 38.15 -2.39 -23.32
C GLU D 99 37.39 -3.33 -24.24
N ILE D 100 37.93 -4.53 -24.47
CA ILE D 100 37.32 -5.44 -25.43
C ILE D 100 36.01 -6.01 -24.88
N LYS D 101 35.96 -6.32 -23.59
CA LYS D 101 34.72 -6.83 -23.01
C LYS D 101 33.63 -5.79 -23.00
N LEU D 102 33.95 -4.52 -22.76
CA LEU D 102 32.89 -3.54 -22.88
C LEU D 102 32.54 -3.22 -24.33
N LYS D 103 33.48 -3.41 -25.25
CA LYS D 103 33.15 -3.21 -26.65
C LYS D 103 32.22 -4.30 -27.15
N GLU D 104 32.30 -5.50 -26.54
CA GLU D 104 31.38 -6.56 -26.92
C GLU D 104 29.96 -6.25 -26.50
N PHE D 105 29.77 -5.57 -25.37
CA PHE D 105 28.42 -5.14 -25.06
C PHE D 105 28.13 -3.83 -25.79
N GLY D 106 26.95 -3.27 -25.52
CA GLY D 106 26.52 -2.11 -26.27
C GLY D 106 27.06 -0.77 -25.81
N VAL D 107 28.33 -0.72 -25.41
CA VAL D 107 29.00 0.53 -25.10
C VAL D 107 30.35 0.53 -25.80
N GLU D 108 30.94 1.72 -25.87
CA GLU D 108 32.27 1.89 -26.43
C GLU D 108 33.07 2.73 -25.45
N VAL D 109 34.34 2.36 -25.25
CA VAL D 109 35.04 2.71 -24.02
C VAL D 109 36.50 3.00 -24.36
N SER D 110 37.20 3.65 -23.43
CA SER D 110 38.62 3.90 -23.57
C SER D 110 39.24 4.08 -22.19
N VAL D 111 40.06 3.11 -21.79
CA VAL D 111 40.80 3.22 -20.54
C VAL D 111 41.93 4.22 -20.73
N ASP D 112 42.12 5.10 -19.77
CA ASP D 112 43.29 5.97 -19.85
C ASP D 112 44.27 5.81 -18.70
N SER D 113 43.77 5.63 -17.48
CA SER D 113 44.64 5.69 -16.31
C SER D 113 44.21 4.66 -15.29
N VAL D 114 45.18 3.89 -14.81
CA VAL D 114 44.97 2.81 -13.87
C VAL D 114 45.61 3.22 -12.54
N HIS D 115 44.89 3.01 -11.44
CA HIS D 115 45.39 3.34 -10.11
C HIS D 115 45.17 2.14 -9.21
N PRO D 116 46.15 1.25 -9.10
CA PRO D 116 45.95 0.03 -8.31
C PRO D 116 45.99 0.33 -6.82
N GLY D 117 45.60 -0.67 -6.04
CA GLY D 117 45.53 -0.51 -4.62
C GLY D 117 45.53 -1.81 -3.86
N PRO D 118 45.20 -1.74 -2.57
CA PRO D 118 45.31 -2.93 -1.72
C PRO D 118 44.30 -4.01 -2.04
N VAL D 119 43.03 -3.64 -2.23
CA VAL D 119 41.98 -4.61 -2.46
C VAL D 119 41.44 -4.52 -3.89
N ILE D 120 41.31 -3.31 -4.41
CA ILE D 120 40.72 -3.13 -5.72
C ILE D 120 41.71 -2.46 -6.65
N THR D 121 41.28 -2.17 -7.87
CA THR D 121 42.11 -1.47 -8.84
C THR D 121 41.20 -0.54 -9.62
N ARG D 122 41.28 0.75 -9.32
CA ARG D 122 40.43 1.74 -9.96
C ARG D 122 40.84 1.95 -11.41
N PHE D 123 39.88 1.87 -12.32
CA PHE D 123 40.09 2.22 -13.72
C PHE D 123 39.32 3.49 -13.99
N GLU D 124 40.01 4.59 -14.19
CA GLU D 124 39.33 5.73 -14.78
C GLU D 124 39.09 5.45 -16.25
N ILE D 125 38.03 6.02 -16.79
CA ILE D 125 37.60 5.78 -18.16
C ILE D 125 37.14 7.08 -18.77
N GLN D 126 37.72 7.45 -19.90
CA GLN D 126 37.04 8.37 -20.80
C GLN D 126 36.17 7.52 -21.71
N PRO D 127 34.85 7.53 -21.55
CA PRO D 127 33.99 6.74 -22.43
C PRO D 127 33.93 7.38 -23.80
N ALA D 128 33.34 6.66 -24.74
CA ALA D 128 33.24 7.21 -26.08
C ALA D 128 32.21 8.32 -26.12
N ALA D 129 32.25 9.08 -27.20
CA ALA D 129 31.27 10.12 -27.39
C ALA D 129 29.90 9.52 -27.67
N GLY D 130 28.90 9.98 -26.93
CA GLY D 130 27.54 9.58 -27.17
C GLY D 130 26.96 8.65 -26.13
N VAL D 131 27.79 7.92 -25.42
CA VAL D 131 27.28 6.93 -24.49
C VAL D 131 26.89 7.61 -23.18
N LYS D 132 25.84 7.11 -22.54
CA LYS D 132 25.38 7.58 -21.26
C LYS D 132 26.23 6.96 -20.16
N VAL D 133 25.78 7.06 -18.91
CA VAL D 133 26.43 6.43 -17.78
C VAL D 133 25.59 5.31 -17.19
N SER D 134 24.26 5.47 -17.19
CA SER D 134 23.40 4.40 -16.70
C SER D 134 23.47 3.17 -17.59
N ARG D 135 23.80 3.36 -18.87
CA ARG D 135 24.06 2.21 -19.72
C ARG D 135 25.35 1.51 -19.32
N ILE D 136 26.27 2.18 -18.64
CA ILE D 136 27.37 1.46 -18.01
C ILE D 136 26.90 0.80 -16.72
N SER D 137 26.17 1.53 -15.89
CA SER D 137 25.86 1.05 -14.55
C SER D 137 24.87 -0.10 -14.53
N ASN D 138 24.13 -0.33 -15.62
CA ASN D 138 23.35 -1.55 -15.74
C ASN D 138 24.14 -2.69 -16.35
N LEU D 139 25.46 -2.64 -16.29
CA LEU D 139 26.28 -3.74 -16.79
C LEU D 139 27.17 -4.33 -15.71
N ALA D 140 26.78 -4.17 -14.44
CA ALA D 140 27.61 -4.63 -13.33
C ALA D 140 27.75 -6.14 -13.32
N LYS D 141 26.63 -6.85 -13.36
CA LYS D 141 26.66 -8.32 -13.31
C LYS D 141 27.33 -8.90 -14.54
N ASP D 142 27.07 -8.29 -15.70
CA ASP D 142 27.61 -8.82 -16.94
C ASP D 142 29.10 -8.61 -17.03
N LEU D 143 29.56 -7.43 -16.60
CA LEU D 143 30.99 -7.17 -16.56
C LEU D 143 31.67 -8.03 -15.51
N ALA D 144 30.96 -8.35 -14.43
CA ALA D 144 31.50 -9.20 -13.39
C ALA D 144 31.76 -10.60 -13.92
N ARG D 145 30.77 -11.20 -14.56
CA ARG D 145 30.98 -12.55 -15.09
C ARG D 145 31.89 -12.53 -16.31
N SER D 146 32.07 -11.39 -16.98
CA SER D 146 33.05 -11.37 -18.04
C SER D 146 34.45 -11.11 -17.54
N LEU D 147 34.61 -10.70 -16.28
CA LEU D 147 35.93 -10.49 -15.72
C LEU D 147 36.28 -11.44 -14.59
N ALA D 148 35.33 -12.28 -14.17
CA ALA D 148 35.50 -13.28 -13.13
C ALA D 148 35.94 -12.65 -11.80
N VAL D 149 35.06 -11.81 -11.27
CA VAL D 149 35.17 -11.30 -9.91
C VAL D 149 33.84 -11.58 -9.23
N ILE D 150 33.66 -11.07 -8.03
CA ILE D 150 32.35 -11.19 -7.40
C ILE D 150 31.48 -9.97 -7.68
N SER D 151 32.07 -8.78 -7.76
CA SER D 151 31.28 -7.59 -8.05
C SER D 151 32.17 -6.52 -8.66
N VAL D 152 31.56 -5.67 -9.48
CA VAL D 152 32.25 -4.56 -10.12
C VAL D 152 31.51 -3.29 -9.71
N ARG D 153 32.00 -2.61 -8.70
CA ARG D 153 31.38 -1.36 -8.29
C ARG D 153 31.76 -0.27 -9.27
N VAL D 154 30.76 0.47 -9.73
CA VAL D 154 30.91 1.40 -10.85
C VAL D 154 30.61 2.79 -10.31
N VAL D 155 31.66 3.57 -10.08
CA VAL D 155 31.48 4.94 -9.62
C VAL D 155 31.00 5.80 -10.76
N GLU D 156 29.89 6.50 -10.56
CA GLU D 156 29.27 7.22 -11.66
C GLU D 156 29.75 8.66 -11.80
N VAL D 157 30.53 9.18 -10.85
CA VAL D 157 31.04 10.54 -10.95
C VAL D 157 32.32 10.71 -10.15
N ILE D 158 33.31 11.36 -10.75
CA ILE D 158 34.51 11.79 -10.03
C ILE D 158 34.72 13.25 -10.38
N PRO D 159 34.79 14.16 -9.41
CA PRO D 159 34.92 15.58 -9.72
C PRO D 159 36.27 15.91 -10.30
N GLY D 160 36.31 17.01 -11.05
CA GLY D 160 37.52 17.47 -11.68
C GLY D 160 37.86 16.80 -12.99
N LYS D 161 37.26 15.66 -13.31
CA LYS D 161 37.56 14.97 -14.55
C LYS D 161 36.26 14.54 -15.20
N THR D 162 36.37 14.14 -16.46
CA THR D 162 35.24 13.53 -17.17
C THR D 162 35.39 12.01 -17.18
N THR D 163 35.43 11.42 -16.00
CA THR D 163 35.72 10.00 -15.89
C THR D 163 34.58 9.24 -15.24
N VAL D 164 34.44 7.99 -15.65
CA VAL D 164 33.50 7.04 -15.05
C VAL D 164 34.35 5.99 -14.37
N GLY D 165 34.33 5.98 -13.04
CA GLY D 165 35.18 5.06 -12.30
C GLY D 165 34.62 3.66 -12.29
N ILE D 166 35.45 2.70 -12.71
CA ILE D 166 35.17 1.28 -12.52
C ILE D 166 36.20 0.74 -11.54
N GLU D 167 35.70 0.06 -10.51
CA GLU D 167 36.53 -0.55 -9.49
C GLU D 167 36.46 -2.06 -9.62
N ILE D 168 37.62 -2.70 -9.77
CA ILE D 168 37.70 -4.13 -10.00
C ILE D 168 38.56 -4.75 -8.91
N PRO D 169 38.12 -5.84 -8.29
CA PRO D 169 38.94 -6.49 -7.25
C PRO D 169 40.16 -7.16 -7.84
N ASN D 170 41.15 -7.37 -6.99
CA ASN D 170 42.41 -7.92 -7.45
C ASN D 170 42.39 -9.43 -7.46
N GLU D 171 43.56 -10.02 -7.73
CA GLU D 171 43.74 -11.47 -7.66
C GLU D 171 44.02 -11.90 -6.23
N ASP D 172 45.08 -11.35 -5.63
CA ASP D 172 45.45 -11.63 -4.24
C ASP D 172 45.04 -10.43 -3.40
N ARG D 173 43.88 -10.54 -2.76
CA ARG D 173 43.40 -9.51 -1.85
C ARG D 173 44.27 -9.51 -0.60
N GLN D 174 45.14 -8.53 -0.48
CA GLN D 174 46.01 -8.50 0.68
C GLN D 174 45.24 -7.98 1.89
N MET D 175 45.87 -8.10 3.05
CA MET D 175 45.23 -7.77 4.32
C MET D 175 45.81 -6.48 4.86
N VAL D 176 44.96 -5.70 5.52
CA VAL D 176 45.33 -4.40 6.04
C VAL D 176 45.84 -4.58 7.46
N ARG D 177 47.15 -4.44 7.65
CA ARG D 177 47.73 -4.52 8.98
C ARG D 177 47.44 -3.26 9.76
N PHE D 178 47.18 -3.43 11.05
CA PHE D 178 46.67 -2.33 11.84
C PHE D 178 47.77 -1.38 12.29
N SER D 179 49.00 -1.88 12.48
CA SER D 179 50.10 -0.97 12.75
C SER D 179 50.41 -0.10 11.56
N GLU D 180 50.19 -0.63 10.35
CA GLU D 180 50.28 0.17 9.15
C GLU D 180 49.26 1.30 9.16
N VAL D 181 48.09 1.07 9.76
CA VAL D 181 47.11 2.14 9.90
C VAL D 181 47.58 3.16 10.91
N LEU D 182 48.07 2.70 12.05
CA LEU D 182 48.57 3.67 13.03
C LEU D 182 49.99 4.12 12.76
N SER D 183 50.58 3.72 11.64
CA SER D 183 51.86 4.28 11.23
C SER D 183 51.73 5.63 10.55
N SER D 184 50.54 6.14 10.42
CA SER D 184 50.40 7.32 9.61
C SER D 184 50.72 8.57 10.41
N PRO D 185 51.28 9.60 9.77
CA PRO D 185 51.40 10.89 10.43
C PRO D 185 50.05 11.55 10.67
N GLU D 186 49.03 11.22 9.86
CA GLU D 186 47.70 11.74 10.11
C GLU D 186 47.02 11.07 11.29
N TYR D 187 47.56 9.97 11.79
CA TYR D 187 47.21 9.55 13.14
C TYR D 187 48.15 10.13 14.18
N ASP D 188 49.43 10.24 13.82
CA ASP D 188 50.48 10.52 14.79
C ASP D 188 50.39 11.94 15.31
N GLU D 189 50.37 12.90 14.40
CA GLU D 189 50.21 14.30 14.79
C GLU D 189 48.77 14.65 15.13
N HIS D 190 47.82 13.76 14.87
CA HIS D 190 46.44 14.00 15.24
C HIS D 190 46.29 13.97 16.75
N LYS D 191 45.54 14.93 17.28
CA LYS D 191 45.52 15.16 18.72
C LYS D 191 44.12 15.31 19.29
N SER D 192 43.08 15.02 18.52
CA SER D 192 41.76 14.90 19.13
C SER D 192 41.72 13.64 19.96
N THR D 193 40.93 13.68 21.03
CA THR D 193 40.96 12.58 21.99
C THR D 193 40.25 11.33 21.51
N VAL D 194 39.42 11.42 20.48
CA VAL D 194 38.70 10.24 20.03
C VAL D 194 38.87 9.94 18.54
N PRO D 195 40.06 9.59 18.06
CA PRO D 195 40.17 9.22 16.65
C PRO D 195 39.68 7.81 16.43
N LEU D 196 39.08 7.58 15.26
CA LEU D 196 38.65 6.25 14.86
C LEU D 196 39.37 5.90 13.57
N ALA D 197 40.57 5.35 13.70
CA ALA D 197 41.36 4.93 12.56
C ALA D 197 40.68 3.74 11.89
N LEU D 198 40.11 3.97 10.72
CA LEU D 198 39.37 2.93 10.02
C LEU D 198 40.28 2.13 9.11
N GLY D 199 41.14 2.79 8.37
CA GLY D 199 42.12 2.05 7.60
C GLY D 199 42.48 2.79 6.33
N HIS D 200 42.78 2.00 5.30
CA HIS D 200 43.28 2.55 4.05
C HIS D 200 42.16 2.85 3.08
N ASP D 201 42.37 3.91 2.30
CA ASP D 201 41.59 4.19 1.11
C ASP D 201 42.11 3.29 -0.02
N ILE D 202 41.48 3.40 -1.20
CA ILE D 202 41.82 2.55 -2.32
C ILE D 202 43.21 2.84 -2.87
N GLY D 203 43.76 4.01 -2.59
CA GLY D 203 45.11 4.30 -3.03
C GLY D 203 46.12 4.05 -1.92
N GLY D 204 45.76 3.22 -0.95
CA GLY D 204 46.63 2.95 0.17
C GLY D 204 46.78 4.08 1.16
N ARG D 205 46.05 5.17 0.98
CA ARG D 205 46.12 6.33 1.84
C ARG D 205 45.40 6.04 3.15
N PRO D 206 45.98 6.42 4.29
CA PRO D 206 45.31 6.19 5.56
C PRO D 206 44.15 7.16 5.74
N ILE D 207 43.12 6.70 6.45
CA ILE D 207 41.94 7.50 6.72
C ILE D 207 41.65 7.40 8.21
N ILE D 208 41.75 8.52 8.91
CA ILE D 208 41.36 8.62 10.30
C ILE D 208 40.39 9.78 10.41
N THR D 209 39.21 9.51 10.93
CA THR D 209 38.18 10.53 11.08
C THR D 209 37.93 10.78 12.56
N ASP D 210 37.76 12.03 12.92
CA ASP D 210 37.51 12.38 14.32
C ASP D 210 36.09 12.04 14.69
N LEU D 211 35.94 11.28 15.77
CA LEU D 211 34.61 11.04 16.31
C LEU D 211 34.07 12.29 17.01
N ALA D 212 34.95 13.18 17.46
CA ALA D 212 34.47 14.41 18.05
C ALA D 212 33.90 15.38 17.03
N LYS D 213 34.02 15.10 15.75
CA LYS D 213 33.45 15.97 14.73
C LYS D 213 32.27 15.34 13.99
N MET D 214 32.05 14.04 14.11
CA MET D 214 31.07 13.41 13.24
C MET D 214 29.61 13.62 13.64
N PRO D 215 29.21 13.52 14.91
CA PRO D 215 29.71 13.05 16.20
C PRO D 215 29.03 11.77 16.61
N HIS D 216 28.39 11.15 15.62
CA HIS D 216 27.75 9.86 15.81
C HIS D 216 27.99 9.06 14.55
N LEU D 217 27.95 7.75 14.65
CA LEU D 217 28.02 6.96 13.44
C LEU D 217 27.24 5.67 13.61
N LEU D 218 26.61 5.26 12.52
CA LEU D 218 25.85 4.03 12.46
C LEU D 218 26.64 3.04 11.61
N VAL D 219 26.63 1.77 12.00
CA VAL D 219 27.34 0.71 11.30
C VAL D 219 26.35 -0.37 10.92
N ALA D 220 26.44 -0.88 9.70
CA ALA D 220 25.56 -1.96 9.29
C ALA D 220 26.31 -2.96 8.43
N GLY D 221 25.72 -4.15 8.31
CA GLY D 221 26.27 -5.17 7.44
C GLY D 221 25.36 -6.37 7.37
N THR D 222 25.90 -7.45 6.81
CA THR D 222 25.25 -8.76 6.79
C THR D 222 26.09 -9.69 7.63
N THR D 223 25.42 -10.47 8.49
CA THR D 223 25.95 -10.98 9.76
C THR D 223 27.27 -11.71 9.61
N GLY D 224 28.33 -11.11 10.15
CA GLY D 224 29.65 -11.64 9.94
C GLY D 224 30.40 -11.03 8.77
N SER D 225 30.02 -9.84 8.32
CA SER D 225 30.82 -9.16 7.32
C SER D 225 31.91 -8.30 7.95
N GLY D 226 32.00 -8.26 9.27
CA GLY D 226 33.03 -7.48 9.92
C GLY D 226 32.49 -6.26 10.62
N LYS D 227 31.27 -6.35 11.15
CA LYS D 227 30.74 -5.30 12.00
C LYS D 227 31.57 -5.13 13.26
N SER D 228 31.64 -6.18 14.08
CA SER D 228 32.33 -6.11 15.35
C SER D 228 33.84 -5.97 15.18
N VAL D 229 34.37 -6.36 14.02
CA VAL D 229 35.78 -6.12 13.74
C VAL D 229 36.06 -4.63 13.66
N GLY D 230 35.17 -3.89 12.99
CA GLY D 230 35.30 -2.44 12.97
C GLY D 230 35.10 -1.81 14.33
N VAL D 231 34.26 -2.43 15.17
CA VAL D 231 34.07 -1.92 16.53
C VAL D 231 35.31 -2.12 17.35
N ASN D 232 35.97 -3.27 17.19
CA ASN D 232 37.23 -3.50 17.87
C ASN D 232 38.30 -2.54 17.37
N ALA D 233 38.27 -2.22 16.08
CA ALA D 233 39.20 -1.26 15.52
C ALA D 233 38.99 0.12 16.11
N MET D 234 37.73 0.52 16.28
CA MET D 234 37.42 1.80 16.89
C MET D 234 37.87 1.85 18.34
N LEU D 235 37.69 0.75 19.06
CA LEU D 235 38.04 0.76 20.47
C LEU D 235 39.54 0.78 20.69
N LEU D 236 40.29 0.05 19.87
CA LEU D 236 41.74 0.15 19.96
C LEU D 236 42.24 1.50 19.47
N SER D 237 41.55 2.10 18.50
CA SER D 237 41.92 3.43 18.06
C SER D 237 41.70 4.46 19.16
N ILE D 238 40.71 4.23 20.02
CA ILE D 238 40.60 5.05 21.23
C ILE D 238 41.77 4.76 22.17
N LEU D 239 42.00 3.48 22.46
CA LEU D 239 42.89 3.10 23.55
C LEU D 239 44.35 3.46 23.29
N PHE D 240 44.77 3.51 22.04
CA PHE D 240 46.17 3.87 21.81
C PHE D 240 46.41 5.37 21.84
N LYS D 241 45.41 6.20 22.09
CA LYS D 241 45.63 7.63 22.30
C LYS D 241 44.77 8.11 23.47
N SER D 242 44.86 7.43 24.60
CA SER D 242 43.95 7.73 25.69
C SER D 242 44.63 7.62 27.04
N THR D 243 44.20 8.47 27.96
CA THR D 243 44.28 8.30 29.39
C THR D 243 42.84 8.37 29.91
N PRO D 244 42.54 7.79 31.07
CA PRO D 244 41.15 7.83 31.55
C PRO D 244 40.64 9.22 31.88
N SER D 245 41.52 10.19 32.09
CA SER D 245 41.06 11.58 32.17
C SER D 245 40.58 12.07 30.82
N GLU D 246 41.26 11.67 29.74
CA GLU D 246 40.85 12.08 28.41
C GLU D 246 39.56 11.38 28.00
N ALA D 247 39.60 10.06 27.88
CA ALA D 247 38.51 9.28 27.32
C ALA D 247 37.85 8.43 28.40
N ARG D 248 36.71 7.85 28.03
CA ARG D 248 35.88 7.16 28.99
C ARG D 248 34.86 6.33 28.22
N LEU D 249 34.57 5.13 28.70
CA LEU D 249 33.84 4.15 27.91
C LEU D 249 32.64 3.61 28.67
N ILE D 250 31.58 3.30 27.92
CA ILE D 250 30.46 2.48 28.36
C ILE D 250 30.10 1.57 27.20
N MET D 251 30.04 0.26 27.45
CA MET D 251 29.89 -0.71 26.37
C MET D 251 28.60 -1.51 26.59
N ILE D 252 27.50 -1.00 26.06
CA ILE D 252 26.27 -1.77 26.05
C ILE D 252 26.38 -2.83 24.96
N ASP D 253 26.20 -4.09 25.33
CA ASP D 253 26.23 -5.17 24.36
C ASP D 253 25.19 -6.22 24.70
N PRO D 254 24.18 -6.42 23.84
CA PRO D 254 23.14 -7.41 24.11
C PRO D 254 23.52 -8.85 23.82
N LYS D 255 24.78 -9.15 23.53
CA LYS D 255 25.15 -10.53 23.22
C LYS D 255 26.33 -11.07 24.01
N MET D 256 27.14 -10.21 24.63
CA MET D 256 28.26 -10.54 25.51
C MET D 256 29.38 -11.30 24.78
N LEU D 257 29.32 -11.35 23.45
CA LEU D 257 30.16 -12.27 22.68
C LEU D 257 31.60 -11.79 22.61
N GLU D 258 31.83 -10.65 21.99
CA GLU D 258 33.18 -10.20 21.71
C GLU D 258 33.59 -8.94 22.45
N LEU D 259 32.66 -8.06 22.78
CA LEU D 259 33.01 -6.80 23.42
C LEU D 259 33.32 -6.97 24.91
N SER D 260 33.09 -8.16 25.45
CA SER D 260 33.32 -8.41 26.86
C SER D 260 34.80 -8.52 27.22
N ILE D 261 35.69 -8.56 26.23
CA ILE D 261 37.11 -8.77 26.47
C ILE D 261 37.72 -7.57 27.20
N TYR D 262 37.20 -6.37 26.92
CA TYR D 262 37.69 -5.13 27.49
C TYR D 262 37.42 -5.00 28.98
N GLU D 263 36.63 -5.89 29.55
CA GLU D 263 36.08 -5.72 30.90
C GLU D 263 37.20 -5.78 31.92
N GLY D 264 37.59 -4.63 32.45
CA GLY D 264 38.65 -4.56 33.43
C GLY D 264 39.57 -3.38 33.21
N ILE D 265 39.42 -2.69 32.09
CA ILE D 265 40.27 -1.55 31.76
C ILE D 265 39.85 -0.36 32.62
N PRO D 266 40.73 0.63 32.86
CA PRO D 266 40.30 1.81 33.62
C PRO D 266 39.31 2.69 32.90
N HIS D 267 39.20 2.57 31.59
CA HIS D 267 38.43 3.53 30.82
C HIS D 267 36.93 3.29 30.88
N LEU D 268 36.46 2.27 31.59
CA LEU D 268 35.04 2.00 31.65
C LEU D 268 34.37 2.88 32.69
N LEU D 269 33.06 2.65 32.86
CA LEU D 269 32.29 3.21 33.96
C LEU D 269 31.46 2.13 34.62
N CYS D 270 31.08 1.13 33.85
CA CYS D 270 30.30 0.00 34.31
C CYS D 270 30.92 -1.24 33.69
N PRO D 271 30.57 -2.44 34.16
CA PRO D 271 30.94 -3.64 33.40
C PRO D 271 30.24 -3.69 32.06
N VAL D 272 30.65 -4.67 31.25
CA VAL D 272 30.08 -4.84 29.92
C VAL D 272 28.64 -5.29 30.09
N VAL D 273 27.70 -4.37 29.91
CA VAL D 273 26.31 -4.59 30.32
C VAL D 273 25.66 -5.54 29.33
N THR D 274 25.24 -6.70 29.84
CA THR D 274 24.64 -7.73 28.98
C THR D 274 23.14 -7.57 28.92
N ASP D 275 22.48 -7.65 30.07
CA ASP D 275 21.04 -7.55 30.16
C ASP D 275 20.60 -6.15 29.77
N MET D 276 19.52 -6.04 29.01
CA MET D 276 19.20 -4.78 28.36
C MET D 276 18.39 -3.82 29.21
N LYS D 277 17.77 -4.28 30.31
CA LYS D 277 17.02 -3.32 31.12
C LYS D 277 17.94 -2.45 31.97
N GLU D 278 19.02 -3.02 32.49
CA GLU D 278 20.04 -2.20 33.12
C GLU D 278 20.85 -1.43 32.10
N ALA D 279 20.86 -1.87 30.84
CA ALA D 279 21.38 -1.03 29.76
C ALA D 279 20.48 0.19 29.55
N ALA D 280 19.17 0.01 29.69
CA ALA D 280 18.28 1.17 29.64
C ALA D 280 18.49 2.09 30.83
N ASN D 281 18.80 1.51 32.01
CA ASN D 281 19.23 2.32 33.15
C ASN D 281 20.49 3.13 32.83
N ALA D 282 21.44 2.50 32.14
CA ALA D 282 22.65 3.21 31.75
C ALA D 282 22.38 4.30 30.74
N LEU D 283 21.39 4.11 29.86
CA LEU D 283 21.07 5.16 28.90
C LEU D 283 20.36 6.32 29.57
N ARG D 284 19.50 6.04 30.54
CA ARG D 284 18.91 7.14 31.30
C ARG D 284 19.96 7.87 32.12
N TRP D 285 20.97 7.13 32.60
CA TRP D 285 22.11 7.76 33.26
C TRP D 285 22.90 8.62 32.28
N SER D 286 22.95 8.19 31.02
CA SER D 286 23.63 8.98 29.99
C SER D 286 22.90 10.29 29.75
N VAL D 287 21.57 10.25 29.67
CA VAL D 287 20.78 11.46 29.50
C VAL D 287 20.93 12.37 30.71
N ALA D 288 20.97 11.79 31.91
CA ALA D 288 21.11 12.59 33.12
C ALA D 288 22.49 13.23 33.23
N GLU D 289 23.53 12.49 32.88
CA GLU D 289 24.89 13.04 32.85
C GLU D 289 25.02 14.12 31.78
N MET D 290 24.30 13.97 30.66
CA MET D 290 24.23 15.00 29.64
C MET D 290 23.64 16.29 30.19
N GLU D 291 22.52 16.18 30.91
CA GLU D 291 21.88 17.38 31.45
C GLU D 291 22.73 18.03 32.53
N ARG D 292 23.30 17.22 33.43
CA ARG D 292 24.16 17.72 34.50
C ARG D 292 25.40 18.39 33.93
N ARG D 293 25.95 17.83 32.86
CA ARG D 293 27.12 18.41 32.23
C ARG D 293 26.78 19.71 31.51
N TYR D 294 25.58 19.80 30.92
CA TYR D 294 25.11 21.05 30.36
C TYR D 294 24.95 22.14 31.40
N ARG D 295 24.35 21.81 32.55
CA ARG D 295 24.25 22.79 33.62
C ARG D 295 25.62 23.17 34.16
N LEU D 296 26.56 22.24 34.16
CA LEU D 296 27.91 22.56 34.63
C LEU D 296 28.60 23.53 33.69
N MET D 297 28.48 23.30 32.37
CA MET D 297 29.08 24.22 31.41
C MET D 297 28.37 25.56 31.40
N ALA D 298 27.04 25.56 31.59
CA ALA D 298 26.30 26.82 31.57
C ALA D 298 26.56 27.63 32.82
N ALA D 299 26.85 26.98 33.95
CA ALA D 299 27.31 27.72 35.12
C ALA D 299 28.73 28.21 34.94
N MET D 300 29.56 27.46 34.23
CA MET D 300 30.92 27.93 33.99
C MET D 300 31.03 28.80 32.75
N GLY D 301 30.05 28.75 31.85
CA GLY D 301 29.99 29.71 30.77
C GLY D 301 30.88 29.43 29.58
N VAL D 302 30.99 28.17 29.15
CA VAL D 302 31.72 27.79 27.94
C VAL D 302 30.76 27.00 27.06
N ARG D 303 30.85 27.19 25.74
CA ARG D 303 29.96 26.52 24.80
C ARG D 303 30.14 25.01 24.82
N ASN D 304 31.28 24.52 24.37
CA ASN D 304 31.45 23.10 24.16
C ASN D 304 32.39 22.50 25.19
N LEU D 305 32.69 21.22 25.04
CA LEU D 305 33.53 20.55 26.02
C LEU D 305 34.99 20.95 25.90
N ALA D 306 35.46 21.17 24.67
CA ALA D 306 36.89 21.33 24.42
C ALA D 306 37.43 22.63 24.99
N GLY D 307 36.74 23.74 24.70
CA GLY D 307 37.13 25.01 25.30
C GLY D 307 36.95 25.02 26.81
N PHE D 308 36.03 24.20 27.30
CA PHE D 308 35.87 24.09 28.73
C PHE D 308 37.06 23.39 29.37
N ASN D 309 37.56 22.33 28.75
CA ASN D 309 38.76 21.69 29.25
C ASN D 309 39.96 22.62 29.16
N ARG D 310 40.01 23.46 28.11
CA ARG D 310 41.06 24.48 27.99
C ARG D 310 41.04 25.43 29.16
N LYS D 311 39.87 25.99 29.48
CA LYS D 311 39.75 26.93 30.58
C LYS D 311 40.09 26.28 31.92
N VAL D 312 39.63 25.04 32.11
CA VAL D 312 39.88 24.34 33.38
C VAL D 312 41.36 24.09 33.59
N LYS D 313 42.04 23.55 32.58
CA LYS D 313 43.46 23.23 32.77
C LYS D 313 44.33 24.47 32.82
N ASP D 314 43.94 25.55 32.12
CA ASP D 314 44.74 26.77 32.20
C ASP D 314 44.53 27.47 33.53
N ALA D 315 43.35 27.36 34.14
CA ALA D 315 43.20 27.87 35.50
C ALA D 315 43.87 26.95 36.51
N GLU D 316 44.00 25.66 36.18
CA GLU D 316 44.76 24.75 37.03
C GLU D 316 46.23 25.09 37.04
N GLU D 317 46.77 25.54 35.89
CA GLU D 317 48.18 25.90 35.84
C GLU D 317 48.53 27.13 36.66
N ALA D 318 47.54 27.98 36.97
CA ALA D 318 47.79 29.08 37.91
C ALA D 318 47.85 28.58 39.35
N GLY D 319 47.30 27.41 39.63
CA GLY D 319 47.32 26.84 40.97
C GLY D 319 45.97 26.69 41.61
N THR D 320 44.88 27.10 40.96
CA THR D 320 43.54 27.00 41.53
C THR D 320 42.68 26.11 40.66
N PRO D 321 42.39 24.88 41.09
CA PRO D 321 41.30 24.13 40.46
C PRO D 321 39.99 24.85 40.68
N LEU D 322 39.22 25.01 39.62
CA LEU D 322 37.96 25.71 39.70
C LEU D 322 36.95 24.85 40.46
N THR D 323 36.34 25.43 41.48
CA THR D 323 35.50 24.66 42.38
C THR D 323 34.15 24.34 41.72
N ASP D 324 33.42 23.44 42.37
CA ASP D 324 32.25 22.82 41.78
C ASP D 324 30.99 23.50 42.26
N PRO D 325 30.18 24.12 41.38
CA PRO D 325 28.85 24.58 41.76
C PRO D 325 27.82 23.46 41.64
N THR D 341 39.30 17.49 35.24
CA THR D 341 38.59 18.10 34.13
C THR D 341 37.31 17.31 33.86
N LEU D 342 37.01 17.09 32.58
CA LEU D 342 35.90 16.22 32.23
C LEU D 342 36.36 15.19 31.20
N PRO D 343 35.83 13.97 31.27
CA PRO D 343 36.22 12.95 30.30
C PRO D 343 35.37 12.98 29.05
N THR D 344 35.98 12.57 27.95
CA THR D 344 35.24 12.38 26.71
C THR D 344 34.64 10.99 26.78
N ILE D 345 33.42 10.92 27.31
CA ILE D 345 32.73 9.65 27.46
C ILE D 345 32.20 9.19 26.11
N VAL D 346 32.58 7.99 25.71
CA VAL D 346 32.05 7.35 24.52
C VAL D 346 31.21 6.18 24.96
N VAL D 347 29.96 6.17 24.57
CA VAL D 347 29.04 5.10 24.92
C VAL D 347 28.71 4.37 23.63
N VAL D 348 29.32 3.23 23.44
CA VAL D 348 29.08 2.44 22.25
C VAL D 348 27.90 1.52 22.53
N VAL D 349 27.17 1.19 21.48
CA VAL D 349 26.13 0.17 21.54
C VAL D 349 26.36 -0.71 20.32
N ASP D 350 27.01 -1.85 20.50
CA ASP D 350 26.95 -2.88 19.48
C ASP D 350 25.53 -3.43 19.46
N GLU D 351 24.99 -3.59 18.25
CA GLU D 351 23.76 -4.35 17.96
C GLU D 351 22.57 -3.78 18.75
N PHE D 352 22.18 -2.57 18.39
CA PHE D 352 20.99 -2.00 19.02
C PHE D 352 19.70 -2.50 18.40
N ALA D 353 19.77 -3.47 17.48
CA ALA D 353 18.58 -4.11 16.97
C ALA D 353 17.83 -4.85 18.07
N ASP D 354 18.55 -5.62 18.88
CA ASP D 354 17.92 -6.26 20.03
C ASP D 354 17.55 -5.26 21.11
N MET D 355 18.24 -4.13 21.18
CA MET D 355 17.84 -3.09 22.12
C MET D 355 16.48 -2.50 21.74
N MET D 356 16.29 -2.21 20.46
CA MET D 356 15.00 -1.71 20.00
C MET D 356 13.96 -2.80 19.88
N MET D 357 14.34 -4.07 19.95
CA MET D 357 13.31 -5.08 19.88
C MET D 357 12.84 -5.55 21.25
N ILE D 358 13.76 -5.79 22.19
CA ILE D 358 13.37 -6.28 23.50
C ILE D 358 12.61 -5.21 24.27
N VAL D 359 13.26 -4.11 24.52
CA VAL D 359 12.60 -2.96 25.11
C VAL D 359 12.11 -2.09 23.97
N GLY D 360 10.93 -1.48 24.14
CA GLY D 360 10.26 -0.81 23.05
C GLY D 360 10.82 0.54 22.62
N LYS D 361 9.95 1.43 22.19
CA LYS D 361 10.35 2.66 21.53
C LYS D 361 10.95 3.69 22.48
N LYS D 362 10.89 3.45 23.79
CA LYS D 362 11.51 4.38 24.73
C LYS D 362 13.02 4.38 24.62
N VAL D 363 13.61 3.22 24.29
CA VAL D 363 15.04 3.17 24.00
C VAL D 363 15.36 3.96 22.74
N GLU D 364 14.46 3.93 21.76
CA GLU D 364 14.63 4.71 20.54
C GLU D 364 14.59 6.21 20.84
N GLU D 365 13.73 6.63 21.75
CA GLU D 365 13.71 8.04 22.11
C GLU D 365 14.92 8.42 22.97
N LEU D 366 15.47 7.48 23.73
CA LEU D 366 16.72 7.74 24.43
C LEU D 366 17.86 7.97 23.45
N ILE D 367 17.93 7.14 22.41
CA ILE D 367 18.90 7.34 21.33
C ILE D 367 18.65 8.68 20.65
N ALA D 368 17.38 9.04 20.47
CA ALA D 368 17.02 10.31 19.86
C ALA D 368 17.53 11.50 20.66
N ARG D 369 17.29 11.51 21.97
CA ARG D 369 17.66 12.68 22.76
C ARG D 369 19.17 12.74 23.00
N ILE D 370 19.81 11.59 23.22
CA ILE D 370 21.27 11.54 23.26
C ILE D 370 21.88 12.08 21.98
N ALA D 371 21.41 11.64 20.82
CA ALA D 371 22.00 12.09 19.57
C ALA D 371 21.54 13.49 19.19
N GLN D 372 20.50 14.01 19.83
CA GLN D 372 20.17 15.42 19.73
C GLN D 372 21.20 16.27 20.42
N LYS D 373 21.34 16.11 21.74
CA LYS D 373 22.25 16.97 22.50
C LYS D 373 23.57 16.27 22.77
N ALA D 374 24.48 16.24 21.80
CA ALA D 374 25.70 15.50 22.09
C ALA D 374 27.00 16.23 21.79
N ARG D 375 27.05 16.98 20.70
CA ARG D 375 28.33 17.40 20.13
C ARG D 375 29.07 18.39 21.03
N ALA D 376 28.35 19.15 21.84
CA ALA D 376 28.95 19.93 22.89
C ALA D 376 29.10 19.16 24.18
N ALA D 377 28.38 18.05 24.34
CA ALA D 377 28.44 17.31 25.59
C ALA D 377 29.66 16.39 25.66
N GLY D 378 30.28 16.09 24.53
CA GLY D 378 31.33 15.09 24.54
C GLY D 378 30.83 13.68 24.81
N ILE D 379 29.56 13.43 24.54
CA ILE D 379 28.96 12.12 24.74
C ILE D 379 28.62 11.58 23.36
N HIS D 380 29.52 10.80 22.79
CA HIS D 380 29.33 10.33 21.43
C HIS D 380 28.75 8.93 21.45
N LEU D 381 28.28 8.48 20.29
CA LEU D 381 27.52 7.25 20.25
C LEU D 381 27.99 6.43 19.05
N ILE D 382 28.21 5.15 19.26
CA ILE D 382 28.60 4.22 18.21
C ILE D 382 27.55 3.14 18.14
N LEU D 383 26.98 2.94 16.97
CA LEU D 383 25.92 1.97 16.83
C LEU D 383 26.33 0.87 15.86
N ALA D 384 25.48 -0.14 15.74
CA ALA D 384 25.74 -1.32 14.93
C ALA D 384 24.42 -2.03 14.70
N THR D 385 24.27 -2.62 13.52
CA THR D 385 23.09 -3.45 13.27
C THR D 385 23.39 -4.56 12.28
N GLN D 386 22.95 -5.77 12.59
CA GLN D 386 23.00 -6.84 11.61
C GLN D 386 21.83 -6.79 10.65
N ARG D 387 20.77 -6.07 11.02
CA ARG D 387 19.65 -5.87 10.11
C ARG D 387 19.51 -4.39 9.80
N PRO D 388 19.77 -3.96 8.59
CA PRO D 388 19.46 -2.58 8.17
C PRO D 388 18.07 -2.46 7.56
N SER D 389 17.09 -3.05 8.22
CA SER D 389 15.73 -3.00 7.71
C SER D 389 15.02 -1.79 8.30
N VAL D 390 13.98 -1.35 7.60
CA VAL D 390 13.40 -0.02 7.80
C VAL D 390 12.74 0.10 9.17
N ASP D 391 12.23 -1.00 9.71
CA ASP D 391 11.59 -0.94 11.01
C ASP D 391 12.59 -0.97 12.17
N VAL D 392 13.89 -1.05 11.90
CA VAL D 392 14.91 -1.02 12.93
C VAL D 392 15.74 0.25 12.87
N ILE D 393 15.98 0.75 11.67
CA ILE D 393 16.86 1.88 11.46
C ILE D 393 15.95 3.08 11.18
N THR D 394 14.79 3.07 11.85
CA THR D 394 13.69 4.04 11.70
C THR D 394 14.17 5.48 11.74
N GLY D 395 13.38 6.35 11.10
CA GLY D 395 13.70 7.76 10.87
C GLY D 395 14.09 8.55 12.10
N LEU D 396 13.68 8.11 13.29
CA LEU D 396 14.11 8.73 14.52
C LEU D 396 15.56 8.37 14.83
N ILE D 397 15.99 7.16 14.49
CA ILE D 397 17.41 6.82 14.63
C ILE D 397 18.23 7.57 13.60
N LYS D 398 17.73 7.59 12.36
CA LYS D 398 18.37 8.32 11.26
C LYS D 398 18.20 9.83 11.36
N ALA D 399 17.53 10.32 12.40
CA ALA D 399 17.22 11.73 12.51
C ALA D 399 18.49 12.55 12.75
N ASN D 400 19.17 12.31 13.86
CA ASN D 400 20.32 13.13 14.18
C ASN D 400 21.54 12.70 13.38
N ILE D 401 21.83 11.39 13.41
CA ILE D 401 23.13 10.81 13.08
C ILE D 401 23.52 11.05 11.63
N PRO D 402 24.45 11.94 11.37
CA PRO D 402 24.82 12.21 9.98
C PRO D 402 25.64 11.08 9.37
N THR D 403 26.73 10.75 10.06
CA THR D 403 27.74 9.86 9.52
C THR D 403 27.27 8.43 9.57
N ARG D 404 27.40 7.72 8.45
CA ARG D 404 27.04 6.32 8.43
C ARG D 404 28.16 5.52 7.78
N ILE D 405 28.33 4.29 8.26
CA ILE D 405 29.30 3.36 7.71
C ILE D 405 28.56 2.10 7.32
N ALA D 406 28.66 1.71 6.06
CA ALA D 406 28.01 0.51 5.59
C ALA D 406 29.06 -0.51 5.13
N PHE D 407 28.94 -1.73 5.64
CA PHE D 407 29.68 -2.84 5.07
C PHE D 407 28.85 -3.46 3.96
N GLN D 408 29.18 -4.68 3.56
CA GLN D 408 28.46 -5.33 2.47
C GLN D 408 27.04 -5.67 2.91
N VAL D 409 26.08 -4.92 2.40
CA VAL D 409 24.69 -5.17 2.71
C VAL D 409 24.07 -5.95 1.55
N SER D 410 22.87 -6.49 1.78
CA SER D 410 22.38 -7.59 0.95
C SER D 410 21.94 -7.12 -0.42
N SER D 411 21.20 -6.02 -0.50
CA SER D 411 20.69 -5.56 -1.79
C SER D 411 20.52 -4.06 -1.74
N LYS D 412 20.14 -3.48 -2.88
CA LYS D 412 20.07 -2.04 -2.99
C LYS D 412 18.88 -1.43 -2.28
N ILE D 413 17.88 -2.24 -1.89
CA ILE D 413 16.85 -1.74 -0.98
C ILE D 413 17.48 -1.32 0.34
N ASP D 414 18.41 -2.12 0.85
CA ASP D 414 19.07 -1.79 2.10
C ASP D 414 20.11 -0.70 1.92
N SER D 415 20.72 -0.59 0.73
CA SER D 415 21.67 0.49 0.49
C SER D 415 20.95 1.83 0.43
N ARG D 416 19.83 1.89 -0.30
CA ARG D 416 18.96 3.07 -0.27
C ARG D 416 18.39 3.31 1.11
N THR D 417 18.23 2.25 1.91
CA THR D 417 17.74 2.41 3.27
C THR D 417 18.74 3.13 4.13
N ILE D 418 19.92 2.56 4.33
CA ILE D 418 20.84 3.17 5.28
C ILE D 418 21.59 4.34 4.64
N LEU D 419 22.28 4.14 3.52
CA LEU D 419 23.15 5.19 3.03
C LEU D 419 22.42 6.32 2.32
N ASP D 420 21.10 6.18 2.13
CA ASP D 420 20.25 7.14 1.41
C ASP D 420 20.79 7.39 0.01
N GLN D 421 21.39 6.36 -0.57
CA GLN D 421 22.18 6.41 -1.78
C GLN D 421 22.46 4.99 -2.19
N GLY D 422 22.28 4.68 -3.48
CA GLY D 422 22.56 3.35 -3.96
C GLY D 422 24.04 3.05 -3.98
N GLY D 423 24.36 1.77 -4.02
CA GLY D 423 25.75 1.38 -4.23
C GLY D 423 26.24 0.30 -3.30
N ALA D 424 25.73 0.25 -2.08
CA ALA D 424 26.36 -0.57 -1.06
C ALA D 424 26.12 -2.06 -1.22
N GLU D 425 25.38 -2.48 -2.25
CA GLU D 425 25.31 -3.88 -2.59
C GLU D 425 26.68 -4.41 -3.01
N GLN D 426 27.44 -3.60 -3.74
CA GLN D 426 28.50 -4.11 -4.59
C GLN D 426 29.87 -4.06 -3.92
N LEU D 427 29.92 -4.21 -2.61
CA LEU D 427 31.20 -4.37 -1.95
C LEU D 427 31.59 -5.85 -1.93
N LEU D 428 32.75 -6.15 -1.36
CA LEU D 428 33.27 -7.51 -1.37
C LEU D 428 33.09 -8.23 -0.05
N GLY D 429 33.14 -7.51 1.06
CA GLY D 429 33.11 -8.09 2.38
C GLY D 429 34.45 -7.96 3.08
N HIS D 430 34.50 -8.57 4.27
CA HIS D 430 35.71 -8.63 5.12
C HIS D 430 36.22 -7.23 5.47
N GLY D 431 35.31 -6.31 5.77
CA GLY D 431 35.72 -5.00 6.23
C GLY D 431 35.81 -3.94 5.17
N ASP D 432 34.80 -3.85 4.32
CA ASP D 432 34.72 -2.81 3.30
C ASP D 432 33.80 -1.71 3.79
N MET D 433 34.37 -0.60 4.21
CA MET D 433 33.58 0.52 4.70
C MET D 433 33.33 1.48 3.55
N LEU D 434 32.07 1.58 3.13
CA LEU D 434 31.64 2.79 2.45
C LEU D 434 31.45 3.83 3.53
N TYR D 435 32.49 4.59 3.80
CA TYR D 435 32.39 5.66 4.77
C TYR D 435 31.54 6.78 4.18
N LEU D 436 30.83 7.49 5.05
CA LEU D 436 29.98 8.59 4.63
C LEU D 436 30.10 9.72 5.64
N PRO D 437 30.94 10.72 5.37
CA PRO D 437 31.09 11.85 6.27
C PRO D 437 29.84 12.72 6.21
N PRO D 438 29.64 13.62 7.17
CA PRO D 438 28.46 14.50 7.10
C PRO D 438 28.59 15.47 5.95
N GLY D 439 27.48 15.68 5.27
CA GLY D 439 27.49 16.57 4.12
C GLY D 439 27.13 15.85 2.85
N THR D 440 26.59 16.58 1.88
CA THR D 440 26.12 16.01 0.62
C THR D 440 27.35 15.63 -0.20
N GLY D 441 27.87 14.45 0.08
CA GLY D 441 29.09 13.99 -0.54
C GLY D 441 28.95 12.59 -1.08
N LEU D 442 29.72 12.31 -2.11
CA LEU D 442 29.89 10.94 -2.56
C LEU D 442 30.61 10.14 -1.48
N PRO D 443 30.20 8.90 -1.24
CA PRO D 443 30.76 8.14 -0.12
C PRO D 443 32.17 7.66 -0.40
N ILE D 444 32.97 7.65 0.64
CA ILE D 444 34.37 7.22 0.58
C ILE D 444 34.42 5.73 0.84
N ARG D 445 35.10 4.99 -0.03
CA ARG D 445 35.28 3.55 0.13
C ARG D 445 36.63 3.29 0.78
N VAL D 446 36.62 2.82 2.02
CA VAL D 446 37.85 2.46 2.71
C VAL D 446 37.72 1.05 3.25
N HIS D 447 38.85 0.50 3.66
CA HIS D 447 38.93 -0.86 4.16
C HIS D 447 39.29 -0.83 5.63
N GLY D 448 38.67 -1.71 6.42
CA GLY D 448 39.05 -1.84 7.80
C GLY D 448 40.44 -2.45 7.94
N ALA D 449 41.01 -2.30 9.13
CA ALA D 449 42.22 -3.04 9.45
C ALA D 449 41.83 -4.25 10.29
N PHE D 450 42.24 -5.43 9.85
CA PHE D 450 41.88 -6.64 10.57
C PHE D 450 42.70 -6.71 11.85
N VAL D 451 42.11 -6.30 12.94
CA VAL D 451 42.67 -6.49 14.26
C VAL D 451 42.20 -7.84 14.79
N SER D 452 43.11 -8.59 15.38
CA SER D 452 42.78 -9.94 15.81
C SER D 452 42.02 -9.91 17.13
N ASP D 453 41.62 -11.09 17.59
CA ASP D 453 41.24 -11.20 18.99
C ASP D 453 42.46 -11.14 19.87
N ASP D 454 43.59 -11.62 19.37
CA ASP D 454 44.80 -11.76 20.18
C ASP D 454 45.39 -10.41 20.54
N GLU D 455 45.42 -9.48 19.58
CA GLU D 455 45.90 -8.13 19.87
C GLU D 455 45.01 -7.41 20.85
N VAL D 456 43.70 -7.67 20.77
CA VAL D 456 42.75 -7.14 21.74
C VAL D 456 43.07 -7.68 23.13
N HIS D 457 43.36 -8.98 23.23
CA HIS D 457 43.79 -9.55 24.51
C HIS D 457 45.08 -8.93 25.00
N ARG D 458 46.01 -8.63 24.09
CA ARG D 458 47.28 -8.01 24.47
C ARG D 458 47.06 -6.62 25.05
N VAL D 459 46.17 -5.85 24.43
CA VAL D 459 45.88 -4.50 24.90
C VAL D 459 45.13 -4.53 26.24
N VAL D 460 44.21 -5.48 26.39
CA VAL D 460 43.50 -5.66 27.65
C VAL D 460 44.47 -6.00 28.78
N GLU D 461 45.42 -6.89 28.52
CA GLU D 461 46.42 -7.23 29.53
C GLU D 461 47.32 -6.04 29.82
N ALA D 462 47.69 -5.28 28.79
CA ALA D 462 48.61 -4.16 28.97
C ALA D 462 47.97 -3.04 29.79
N TRP D 463 46.67 -2.81 29.60
CA TRP D 463 46.02 -1.78 30.41
C TRP D 463 45.70 -2.27 31.81
N LYS D 464 45.25 -3.52 31.97
CA LYS D 464 44.97 -4.02 33.31
C LYS D 464 46.24 -4.20 34.13
N LEU D 465 47.40 -4.28 33.49
CA LEU D 465 48.66 -4.04 34.18
C LEU D 465 48.88 -2.56 34.44
N ARG D 466 48.62 -1.71 33.45
CA ARG D 466 48.98 -0.31 33.56
C ARG D 466 47.95 0.48 34.37
N GLY D 467 46.66 0.27 34.10
CA GLY D 467 45.62 0.95 34.84
C GLY D 467 44.79 0.03 35.69
N ALA D 468 44.22 0.57 36.75
CA ALA D 468 43.38 -0.17 37.68
C ALA D 468 41.91 0.03 37.31
N PRO D 469 41.03 -0.93 37.61
CA PRO D 469 39.62 -0.76 37.30
C PRO D 469 38.98 0.36 38.10
N ASP D 470 37.91 0.91 37.54
CA ASP D 470 37.21 2.04 38.13
C ASP D 470 35.77 1.96 37.65
N TYR D 471 34.82 2.19 38.56
CA TYR D 471 33.42 2.02 38.22
C TYR D 471 32.58 3.05 38.96
N ILE D 472 31.27 2.94 38.80
CA ILE D 472 30.30 3.66 39.61
C ILE D 472 29.30 2.64 40.14
N GLU D 473 29.04 2.70 41.44
CA GLU D 473 28.13 1.76 42.10
C GLU D 473 26.70 1.91 41.59
N ASP D 474 26.10 3.08 41.79
CA ASP D 474 24.69 3.31 41.50
C ASP D 474 24.52 3.99 40.15
N ILE D 475 25.30 3.56 39.15
CA ILE D 475 25.14 4.07 37.80
C ILE D 475 23.82 3.62 37.20
N LEU D 476 23.29 2.47 37.64
CA LEU D 476 22.11 1.90 37.02
C LEU D 476 20.86 2.17 37.86
N LEU E 70 20.75 52.38 16.87
CA LEU E 70 20.78 51.32 15.88
C LEU E 70 22.16 51.25 15.23
N PRO E 71 22.70 50.04 15.12
CA PRO E 71 24.06 49.88 14.58
C PRO E 71 24.09 50.12 13.08
N PRO E 72 25.12 50.76 12.58
CA PRO E 72 25.25 50.97 11.14
C PRO E 72 25.75 49.71 10.46
N LEU E 73 25.98 49.83 9.15
CA LEU E 73 26.41 48.69 8.34
C LEU E 73 27.87 48.33 8.55
N SER E 74 28.61 49.10 9.34
CA SER E 74 30.05 49.00 9.39
C SER E 74 30.56 47.93 10.33
N LEU E 75 29.73 46.98 10.74
CA LEU E 75 30.20 45.84 11.52
C LEU E 75 30.67 44.70 10.65
N LEU E 76 30.77 44.91 9.34
CA LEU E 76 30.89 43.83 8.39
C LEU E 76 32.18 43.97 7.58
N ASP E 77 32.77 42.84 7.22
CA ASP E 77 33.77 42.79 6.17
C ASP E 77 33.09 43.28 4.90
N PRO E 78 33.59 44.36 4.26
CA PRO E 78 32.83 45.00 3.18
C PRO E 78 32.57 44.12 1.96
N ALA E 79 33.62 43.62 1.33
CA ALA E 79 33.53 42.72 0.18
C ALA E 79 34.92 42.16 -0.07
N GLU E 80 35.07 41.50 -1.20
CA GLU E 80 36.35 41.27 -1.85
C GLU E 80 36.32 41.95 -3.20
N VAL E 81 37.36 41.74 -3.99
CA VAL E 81 37.38 42.18 -5.38
C VAL E 81 37.08 40.97 -6.24
N LYS E 82 36.00 41.03 -7.01
CA LYS E 82 35.70 39.94 -7.91
C LYS E 82 36.71 39.94 -9.05
N GLN E 83 37.00 38.75 -9.56
CA GLN E 83 37.91 38.60 -10.67
C GLN E 83 37.13 38.31 -11.94
N LYS E 84 37.54 38.96 -13.03
CA LYS E 84 36.87 38.80 -14.31
C LYS E 84 37.21 37.42 -14.84
N SER E 85 36.44 36.43 -14.41
CA SER E 85 36.88 35.04 -14.54
C SER E 85 36.79 34.54 -15.97
N TYR E 86 35.92 35.12 -16.79
CA TYR E 86 35.75 34.64 -18.15
C TYR E 86 35.52 35.80 -19.10
N SER E 87 36.42 35.92 -20.08
CA SER E 87 36.22 36.82 -21.20
C SER E 87 35.13 36.27 -22.10
N PRO E 88 34.53 37.09 -22.96
CA PRO E 88 33.56 36.56 -23.92
C PRO E 88 34.15 35.62 -24.94
N GLU E 89 35.46 35.67 -25.16
CA GLU E 89 36.11 34.67 -25.99
C GLU E 89 36.09 33.30 -25.32
N SER E 90 36.35 33.28 -24.01
CA SER E 90 36.28 32.04 -23.24
C SER E 90 34.86 31.52 -23.15
N LEU E 91 33.89 32.41 -22.99
CA LEU E 91 32.49 32.00 -22.92
C LEU E 91 32.00 31.49 -24.26
N GLU E 92 32.46 32.09 -25.35
CA GLU E 92 32.06 31.62 -26.68
C GLU E 92 32.69 30.27 -26.98
N ALA E 93 33.93 30.05 -26.51
CA ALA E 93 34.54 28.73 -26.67
C ALA E 93 33.83 27.68 -25.83
N MET E 94 33.44 28.06 -24.61
CA MET E 94 32.59 27.21 -23.77
C MET E 94 31.29 26.87 -24.46
N SER E 95 30.71 27.85 -25.15
CA SER E 95 29.44 27.66 -25.84
C SER E 95 29.58 26.69 -27.00
N ARG E 96 30.64 26.84 -27.79
CA ARG E 96 30.87 25.91 -28.90
C ARG E 96 31.15 24.52 -28.39
N LEU E 97 31.87 24.41 -27.27
CA LEU E 97 32.12 23.10 -26.68
C LEU E 97 30.82 22.48 -26.17
N LEU E 98 29.89 23.31 -25.68
CA LEU E 98 28.63 22.77 -25.22
C LEU E 98 27.76 22.30 -26.39
N GLU E 99 27.81 23.03 -27.51
CA GLU E 99 27.14 22.56 -28.72
C GLU E 99 27.69 21.23 -29.18
N ILE E 100 29.01 21.06 -29.09
CA ILE E 100 29.61 19.79 -29.49
C ILE E 100 29.21 18.68 -28.53
N LYS E 101 29.22 18.94 -27.23
CA LYS E 101 28.89 17.88 -26.28
C LYS E 101 27.41 17.50 -26.32
N LEU E 102 26.53 18.43 -26.66
CA LEU E 102 25.15 18.03 -26.84
C LEU E 102 24.91 17.36 -28.19
N LYS E 103 25.67 17.77 -29.21
CA LYS E 103 25.47 17.19 -30.54
C LYS E 103 25.93 15.74 -30.60
N GLU E 104 26.88 15.37 -29.73
CA GLU E 104 27.29 13.98 -29.66
C GLU E 104 26.20 13.08 -29.09
N PHE E 105 25.30 13.63 -28.30
CA PHE E 105 24.12 12.90 -27.87
C PHE E 105 23.06 13.06 -28.96
N GLY E 106 21.83 12.67 -28.64
CA GLY E 106 20.81 12.74 -29.66
C GLY E 106 20.23 14.11 -29.94
N VAL E 107 20.71 15.17 -29.31
CA VAL E 107 20.07 16.47 -29.43
C VAL E 107 20.94 17.41 -30.25
N GLU E 108 20.30 18.42 -30.84
CA GLU E 108 20.96 19.43 -31.64
C GLU E 108 20.50 20.79 -31.15
N VAL E 109 21.42 21.75 -31.11
CA VAL E 109 21.20 23.01 -30.41
C VAL E 109 22.20 24.03 -30.91
N SER E 110 21.86 25.31 -30.78
CA SER E 110 22.81 26.39 -31.00
C SER E 110 22.70 27.37 -29.84
N VAL E 111 23.85 27.83 -29.34
CA VAL E 111 23.88 28.73 -28.19
C VAL E 111 23.39 30.10 -28.62
N ASP E 112 22.37 30.61 -27.95
CA ASP E 112 21.83 31.91 -28.34
C ASP E 112 22.51 33.04 -27.60
N SER E 113 22.38 33.08 -26.27
CA SER E 113 22.90 34.21 -25.52
C SER E 113 23.44 33.72 -24.18
N VAL E 114 24.38 34.48 -23.63
CA VAL E 114 25.16 34.09 -22.47
C VAL E 114 24.83 35.07 -21.35
N HIS E 115 24.87 34.59 -20.11
CA HIS E 115 24.76 35.47 -18.94
C HIS E 115 25.77 35.04 -17.89
N PRO E 116 26.92 35.72 -17.82
CA PRO E 116 27.87 35.41 -16.75
C PRO E 116 27.36 35.92 -15.42
N GLY E 117 27.65 35.17 -14.38
CA GLY E 117 27.12 35.48 -13.07
C GLY E 117 28.15 35.35 -11.96
N PRO E 118 27.72 35.60 -10.72
CA PRO E 118 28.66 35.55 -9.61
C PRO E 118 29.13 34.15 -9.28
N VAL E 119 28.26 33.16 -9.42
CA VAL E 119 28.60 31.78 -9.14
C VAL E 119 28.41 30.89 -10.37
N ILE E 120 27.21 30.92 -10.94
CA ILE E 120 26.95 30.07 -12.09
C ILE E 120 26.83 30.95 -13.32
N THR E 121 26.65 30.33 -14.47
CA THR E 121 26.57 31.06 -15.72
C THR E 121 25.44 30.47 -16.53
N ARG E 122 24.52 31.30 -16.96
CA ARG E 122 23.33 30.84 -17.65
C ARG E 122 23.59 30.85 -19.14
N PHE E 123 23.27 29.74 -19.80
CA PHE E 123 23.42 29.62 -21.24
C PHE E 123 22.02 29.51 -21.81
N GLU E 124 21.45 30.64 -22.17
CA GLU E 124 20.18 30.65 -22.88
C GLU E 124 20.42 30.05 -24.26
N ILE E 125 19.94 28.83 -24.46
CA ILE E 125 20.16 28.11 -25.70
C ILE E 125 18.83 27.78 -26.34
N GLN E 126 18.77 27.92 -27.62
CA GLN E 126 17.57 27.48 -28.29
C GLN E 126 17.83 26.15 -28.93
N PRO E 127 16.99 25.16 -28.70
CA PRO E 127 17.21 23.86 -29.33
C PRO E 127 16.86 23.89 -30.80
N ALA E 128 17.08 22.78 -31.49
CA ALA E 128 16.76 22.69 -32.90
C ALA E 128 15.26 22.69 -33.10
N ALA E 129 14.87 22.90 -34.35
CA ALA E 129 13.46 22.95 -34.70
C ALA E 129 12.85 21.56 -34.54
N GLY E 130 11.95 21.42 -33.57
CA GLY E 130 11.31 20.14 -33.36
C GLY E 130 12.16 19.16 -32.59
N VAL E 131 12.46 19.48 -31.34
CA VAL E 131 13.06 18.52 -30.41
C VAL E 131 12.56 18.87 -29.01
N LYS E 132 12.16 17.85 -28.27
CA LYS E 132 11.48 18.06 -27.01
C LYS E 132 12.46 18.54 -25.94
N VAL E 133 11.89 18.98 -24.82
CA VAL E 133 12.71 19.54 -23.75
C VAL E 133 13.15 18.46 -22.78
N SER E 134 12.34 17.43 -22.60
CA SER E 134 12.67 16.36 -21.65
C SER E 134 13.89 15.56 -22.08
N ARG E 135 14.26 15.62 -23.36
CA ARG E 135 15.52 15.02 -23.77
C ARG E 135 16.70 15.73 -23.16
N ILE E 136 16.60 17.03 -22.91
CA ILE E 136 17.66 17.71 -22.17
C ILE E 136 17.66 17.26 -20.72
N SER E 137 16.46 17.12 -20.12
CA SER E 137 16.38 16.84 -18.69
C SER E 137 16.78 15.42 -18.35
N ASN E 138 16.57 14.49 -19.28
CA ASN E 138 17.12 13.15 -19.09
C ASN E 138 18.61 13.09 -19.40
N LEU E 139 19.17 14.12 -20.01
CA LEU E 139 20.60 14.19 -20.22
C LEU E 139 21.31 15.08 -19.21
N ALA E 140 20.72 15.29 -18.03
CA ALA E 140 21.28 16.25 -17.10
C ALA E 140 22.60 15.75 -16.53
N LYS E 141 22.59 14.54 -15.97
CA LYS E 141 23.78 14.03 -15.29
C LYS E 141 24.90 13.74 -16.28
N ASP E 142 24.55 13.30 -17.48
CA ASP E 142 25.60 12.95 -18.44
C ASP E 142 26.23 14.19 -19.04
N LEU E 143 25.44 15.24 -19.26
CA LEU E 143 26.01 16.51 -19.69
C LEU E 143 26.87 17.11 -18.59
N ALA E 144 26.46 16.94 -17.33
CA ALA E 144 27.25 17.44 -16.21
C ALA E 144 28.57 16.69 -16.13
N ARG E 145 28.57 15.41 -16.46
CA ARG E 145 29.80 14.66 -16.47
C ARG E 145 30.69 15.09 -17.64
N SER E 146 30.07 15.40 -18.78
CA SER E 146 30.85 15.73 -19.96
C SER E 146 31.54 17.08 -19.83
N LEU E 147 30.91 18.03 -19.16
CA LEU E 147 31.45 19.38 -19.07
C LEU E 147 32.38 19.56 -17.89
N ALA E 148 32.72 18.48 -17.19
CA ALA E 148 33.66 18.45 -16.07
C ALA E 148 33.23 19.39 -14.94
N VAL E 149 31.93 19.43 -14.68
CA VAL E 149 31.38 20.20 -13.58
C VAL E 149 30.85 19.24 -12.54
N ILE E 150 30.41 19.78 -11.40
CA ILE E 150 29.81 18.93 -10.40
C ILE E 150 28.39 18.56 -10.78
N SER E 151 27.56 19.54 -11.14
CA SER E 151 26.17 19.28 -11.50
C SER E 151 25.62 20.45 -12.28
N VAL E 152 25.13 20.18 -13.48
CA VAL E 152 24.45 21.18 -14.28
C VAL E 152 23.02 21.27 -13.79
N ARG E 153 22.32 22.32 -14.18
CA ARG E 153 20.90 22.47 -13.87
C ARG E 153 20.19 22.95 -15.12
N VAL E 154 19.00 22.41 -15.37
CA VAL E 154 18.28 22.65 -16.61
C VAL E 154 17.00 23.37 -16.28
N VAL E 155 16.89 24.63 -16.68
CA VAL E 155 15.67 25.38 -16.49
C VAL E 155 14.73 25.05 -17.64
N GLU E 156 13.56 24.51 -17.31
CA GLU E 156 12.73 23.90 -18.34
C GLU E 156 11.97 24.91 -19.18
N VAL E 157 11.81 26.14 -18.71
CA VAL E 157 11.16 27.18 -19.50
C VAL E 157 11.64 28.53 -18.98
N ILE E 158 11.84 29.47 -19.90
CA ILE E 158 12.16 30.84 -19.54
C ILE E 158 10.81 31.56 -19.57
N PRO E 159 10.54 32.52 -18.69
CA PRO E 159 9.25 33.22 -18.76
C PRO E 159 9.11 34.15 -19.95
N GLY E 160 10.19 34.49 -20.63
CA GLY E 160 10.08 35.46 -21.70
C GLY E 160 10.26 34.95 -23.11
N LYS E 161 11.18 34.01 -23.31
CA LYS E 161 11.59 33.69 -24.67
C LYS E 161 11.43 32.21 -24.98
N THR E 162 12.00 31.76 -26.09
CA THR E 162 11.86 30.38 -26.51
C THR E 162 13.00 29.51 -26.04
N THR E 163 13.99 30.05 -25.34
CA THR E 163 15.19 29.30 -25.06
C THR E 163 14.97 28.34 -23.90
N VAL E 164 16.00 27.54 -23.60
CA VAL E 164 15.95 26.56 -22.53
C VAL E 164 17.14 26.81 -21.64
N GLY E 165 16.90 27.06 -20.35
CA GLY E 165 17.95 27.52 -19.48
C GLY E 165 18.88 26.40 -19.06
N ILE E 166 20.16 26.52 -19.41
CA ILE E 166 21.22 25.67 -18.88
C ILE E 166 22.13 26.53 -18.03
N GLU E 167 22.36 26.11 -16.78
CA GLU E 167 23.16 26.87 -15.84
C GLU E 167 24.35 26.03 -15.43
N ILE E 168 25.55 26.59 -15.53
CA ILE E 168 26.79 25.88 -15.25
C ILE E 168 27.60 26.66 -14.23
N PRO E 169 28.08 26.03 -13.16
CA PRO E 169 29.00 26.73 -12.26
C PRO E 169 30.36 26.93 -12.89
N ASN E 170 31.04 27.97 -12.45
CA ASN E 170 32.35 28.27 -12.98
C ASN E 170 33.41 27.47 -12.23
N GLU E 171 34.67 27.67 -12.64
CA GLU E 171 35.79 27.34 -11.77
C GLU E 171 35.72 28.14 -10.49
N ASP E 172 35.74 29.46 -10.63
CA ASP E 172 35.77 30.36 -9.50
C ASP E 172 34.39 30.46 -8.87
N ARG E 173 34.32 30.17 -7.57
CA ARG E 173 33.09 30.33 -6.81
C ARG E 173 33.24 31.58 -5.96
N GLN E 174 32.66 32.68 -6.42
CA GLN E 174 32.69 33.93 -5.66
C GLN E 174 31.63 33.87 -4.57
N MET E 175 32.07 33.84 -3.32
CA MET E 175 31.14 33.81 -2.19
C MET E 175 30.60 35.21 -1.96
N VAL E 176 29.28 35.33 -2.01
CA VAL E 176 28.62 36.64 -1.95
C VAL E 176 28.72 37.18 -0.53
N ARG E 177 29.36 38.34 -0.39
CA ARG E 177 29.53 38.96 0.90
C ARG E 177 28.22 39.62 1.32
N PHE E 178 27.91 39.53 2.62
CA PHE E 178 26.58 39.89 3.10
C PHE E 178 26.34 41.40 3.07
N SER E 179 27.39 42.19 3.33
CA SER E 179 27.23 43.64 3.24
C SER E 179 27.04 44.08 1.79
N GLU E 180 27.54 43.29 0.85
CA GLU E 180 27.26 43.57 -0.56
C GLU E 180 25.80 43.30 -0.88
N VAL E 181 25.16 42.38 -0.17
CA VAL E 181 23.71 42.22 -0.31
C VAL E 181 23.00 43.40 0.30
N LEU E 182 23.43 43.83 1.48
CA LEU E 182 22.81 45.01 2.06
C LEU E 182 23.29 46.31 1.45
N SER E 183 24.24 46.27 0.53
CA SER E 183 24.63 47.47 -0.20
C SER E 183 23.58 47.92 -1.21
N SER E 184 22.54 47.13 -1.43
CA SER E 184 21.60 47.40 -2.50
C SER E 184 20.69 48.57 -2.12
N PRO E 185 20.30 49.40 -3.09
CA PRO E 185 19.22 50.36 -2.85
C PRO E 185 17.88 49.69 -2.72
N GLU E 186 17.73 48.47 -3.22
CA GLU E 186 16.51 47.70 -3.01
C GLU E 186 16.31 47.36 -1.55
N TYR E 187 17.38 47.28 -0.77
CA TYR E 187 17.21 47.01 0.64
C TYR E 187 16.72 48.22 1.41
N ASP E 188 17.32 49.39 1.16
CA ASP E 188 17.19 50.50 2.09
C ASP E 188 15.79 51.10 2.03
N GLU E 189 15.23 51.25 0.83
CA GLU E 189 13.82 51.57 0.70
C GLU E 189 13.05 50.25 0.70
N HIS E 190 12.82 49.75 1.91
CA HIS E 190 11.91 48.63 2.11
C HIS E 190 11.25 48.87 3.47
N LYS E 191 10.09 49.51 3.44
CA LYS E 191 9.52 50.12 4.64
C LYS E 191 8.91 49.10 5.59
N SER E 192 8.78 47.85 5.19
CA SER E 192 8.24 46.87 6.10
C SER E 192 9.25 46.51 7.19
N THR E 193 8.73 46.11 8.34
CA THR E 193 9.57 45.90 9.51
C THR E 193 10.41 44.65 9.42
N VAL E 194 10.04 43.69 8.59
CA VAL E 194 10.78 42.44 8.50
C VAL E 194 11.28 42.19 7.07
N PRO E 195 12.34 42.85 6.63
CA PRO E 195 12.96 42.46 5.36
C PRO E 195 13.80 41.21 5.54
N LEU E 196 14.04 40.52 4.43
CA LEU E 196 14.94 39.38 4.40
C LEU E 196 15.91 39.54 3.25
N ALA E 197 17.16 39.82 3.58
CA ALA E 197 18.23 39.73 2.60
C ALA E 197 18.58 38.27 2.42
N LEU E 198 18.64 37.84 1.18
CA LEU E 198 18.99 36.47 0.84
C LEU E 198 20.27 36.36 0.03
N GLY E 199 20.46 37.27 -0.92
CA GLY E 199 21.62 37.23 -1.77
C GLY E 199 21.26 37.48 -3.22
N HIS E 200 22.25 37.42 -4.10
CA HIS E 200 22.01 37.76 -5.49
C HIS E 200 21.32 36.61 -6.20
N ASP E 201 20.81 36.92 -7.40
CA ASP E 201 20.22 35.92 -8.27
C ASP E 201 21.29 35.21 -9.07
N ILE E 202 20.88 34.52 -10.13
CA ILE E 202 21.84 33.93 -11.06
C ILE E 202 22.61 35.00 -11.82
N GLY E 203 22.06 36.21 -11.96
CA GLY E 203 22.69 37.24 -12.74
C GLY E 203 23.12 38.46 -11.94
N GLY E 204 23.52 38.25 -10.69
CA GLY E 204 24.14 39.29 -9.91
C GLY E 204 23.20 40.24 -9.19
N ARG E 205 21.94 40.31 -9.57
CA ARG E 205 21.06 41.27 -8.93
C ARG E 205 20.58 40.74 -7.58
N PRO E 206 20.64 41.55 -6.53
CA PRO E 206 20.17 41.07 -5.22
C PRO E 206 18.66 40.98 -5.18
N ILE E 207 18.17 40.01 -4.41
CA ILE E 207 16.75 39.81 -4.24
C ILE E 207 16.45 39.80 -2.75
N ILE E 208 15.72 40.81 -2.29
CA ILE E 208 15.41 41.01 -0.89
C ILE E 208 13.91 41.22 -0.76
N THR E 209 13.25 40.34 -0.04
CA THR E 209 11.80 40.38 0.05
C THR E 209 11.35 40.63 1.47
N ASP E 210 10.11 41.10 1.59
CA ASP E 210 9.47 41.20 2.88
C ASP E 210 9.17 39.82 3.41
N LEU E 211 9.20 39.71 4.73
CA LEU E 211 8.76 38.49 5.38
C LEU E 211 7.27 38.49 5.67
N ALA E 212 6.67 39.67 5.80
CA ALA E 212 5.25 39.74 6.15
C ALA E 212 4.35 39.30 5.02
N LYS E 213 4.81 39.36 3.78
CA LYS E 213 4.02 38.91 2.65
C LYS E 213 4.28 37.46 2.29
N MET E 214 5.01 36.73 3.11
CA MET E 214 5.39 35.38 2.70
C MET E 214 4.26 34.37 2.82
N PRO E 215 3.52 34.27 3.95
CA PRO E 215 3.55 34.80 5.32
C PRO E 215 4.57 34.09 6.15
N HIS E 216 4.81 32.81 5.84
CA HIS E 216 5.64 31.97 6.67
C HIS E 216 6.60 31.19 5.78
N LEU E 217 7.63 30.62 6.38
CA LEU E 217 8.75 30.12 5.61
C LEU E 217 9.19 28.77 6.13
N LEU E 218 9.37 27.83 5.21
CA LEU E 218 9.77 26.47 5.54
C LEU E 218 11.10 26.22 4.82
N VAL E 219 12.20 26.37 5.55
CA VAL E 219 13.53 26.16 4.98
C VAL E 219 13.93 24.71 5.17
N ALA E 220 14.31 24.03 4.09
CA ALA E 220 14.80 22.67 4.22
C ALA E 220 16.08 22.50 3.42
N GLY E 221 16.76 21.41 3.70
CA GLY E 221 18.07 21.15 3.13
C GLY E 221 18.82 20.15 3.96
N THR E 222 19.68 19.39 3.29
CA THR E 222 20.44 18.39 4.01
C THR E 222 21.61 19.03 4.74
N THR E 223 22.36 18.22 5.48
CA THR E 223 23.41 18.71 6.35
C THR E 223 24.58 19.24 5.54
N GLY E 224 25.20 20.29 6.06
CA GLY E 224 26.30 20.90 5.33
C GLY E 224 25.88 21.63 4.09
N SER E 225 24.62 22.06 4.00
CA SER E 225 24.16 22.86 2.88
C SER E 225 23.86 24.29 3.28
N GLY E 226 24.28 24.71 4.46
CA GLY E 226 24.25 26.11 4.80
C GLY E 226 23.02 26.59 5.52
N LYS E 227 22.41 25.74 6.36
CA LYS E 227 21.11 26.06 6.91
C LYS E 227 21.22 27.10 8.01
N SER E 228 22.14 26.86 8.95
CA SER E 228 22.37 27.81 10.02
C SER E 228 22.90 29.13 9.49
N VAL E 229 23.65 29.09 8.39
CA VAL E 229 24.12 30.32 7.78
C VAL E 229 22.97 31.07 7.15
N GLY E 230 21.99 30.36 6.59
CA GLY E 230 20.81 31.03 6.06
C GLY E 230 19.96 31.64 7.16
N VAL E 231 19.85 30.95 8.29
CA VAL E 231 19.10 31.50 9.42
C VAL E 231 19.80 32.71 10.00
N ASN E 232 21.13 32.67 10.11
CA ASN E 232 21.88 33.83 10.57
C ASN E 232 21.81 34.98 9.59
N ALA E 233 21.72 34.67 8.29
CA ALA E 233 21.52 35.70 7.30
C ALA E 233 20.18 36.40 7.48
N MET E 234 19.13 35.62 7.75
CA MET E 234 17.82 36.22 7.97
C MET E 234 17.77 37.01 9.27
N LEU E 235 18.44 36.54 10.31
CA LEU E 235 18.38 37.24 11.59
C LEU E 235 19.18 38.54 11.55
N LEU E 236 20.35 38.52 10.91
CA LEU E 236 21.04 39.78 10.68
C LEU E 236 20.30 40.68 9.73
N SER E 237 19.53 40.10 8.80
CA SER E 237 18.71 40.92 7.92
C SER E 237 17.61 41.63 8.68
N ILE E 238 17.08 40.98 9.72
CA ILE E 238 16.16 41.67 10.62
C ILE E 238 16.88 42.75 11.40
N LEU E 239 18.03 42.41 11.99
CA LEU E 239 18.64 43.28 13.00
C LEU E 239 19.29 44.54 12.45
N PHE E 240 19.18 44.84 11.16
CA PHE E 240 19.69 46.11 10.66
C PHE E 240 18.60 47.05 10.18
N LYS E 241 17.33 46.64 10.27
CA LYS E 241 16.23 47.57 10.06
C LYS E 241 15.17 47.30 11.13
N SER E 242 15.60 47.29 12.39
CA SER E 242 14.67 46.94 13.45
C SER E 242 15.02 47.64 14.75
N THR E 243 13.99 47.96 15.51
CA THR E 243 14.03 48.35 16.90
C THR E 243 13.16 47.40 17.72
N PRO E 244 13.50 47.13 18.98
CA PRO E 244 12.72 46.15 19.76
C PRO E 244 11.30 46.56 20.04
N SER E 245 10.99 47.86 19.96
CA SER E 245 9.60 48.27 19.98
C SER E 245 8.87 47.85 18.71
N GLU E 246 9.58 47.78 17.60
CA GLU E 246 8.96 47.63 16.30
C GLU E 246 8.97 46.19 15.81
N ALA E 247 9.94 45.39 16.24
CA ALA E 247 9.97 43.97 15.93
C ALA E 247 10.71 43.25 17.04
N ARG E 248 10.43 41.96 17.19
CA ARG E 248 10.90 41.24 18.36
C ARG E 248 10.84 39.75 18.09
N LEU E 249 11.81 39.00 18.64
CA LEU E 249 12.05 37.63 18.23
C LEU E 249 11.80 36.64 19.34
N ILE E 250 11.59 35.38 18.94
CA ILE E 250 11.61 34.22 19.81
C ILE E 250 12.36 33.12 19.07
N MET E 251 13.47 32.67 19.62
CA MET E 251 14.27 31.64 18.99
C MET E 251 14.08 30.32 19.72
N ILE E 252 13.81 29.27 18.94
CA ILE E 252 13.52 27.96 19.47
C ILE E 252 14.49 27.00 18.80
N ASP E 253 15.40 26.44 19.58
CA ASP E 253 16.51 25.74 18.95
C ASP E 253 16.90 24.50 19.75
N PRO E 254 16.77 23.31 19.17
CA PRO E 254 17.28 22.11 19.82
C PRO E 254 18.78 22.10 19.97
N LYS E 255 19.51 22.18 18.86
CA LYS E 255 20.96 22.15 18.87
C LYS E 255 21.48 23.49 19.34
N MET E 256 21.97 23.54 20.57
CA MET E 256 22.40 24.76 21.27
C MET E 256 23.55 25.47 20.58
N LEU E 257 24.29 24.76 19.72
CA LEU E 257 25.57 25.23 19.19
C LEU E 257 25.43 26.47 18.33
N GLU E 258 24.27 26.69 17.71
CA GLU E 258 24.14 27.75 16.72
C GLU E 258 23.61 29.06 17.29
N LEU E 259 22.36 29.06 17.75
CA LEU E 259 21.66 30.32 17.98
C LEU E 259 21.86 30.87 19.38
N SER E 260 22.62 30.18 20.23
CA SER E 260 22.85 30.65 21.58
C SER E 260 23.82 31.82 21.63
N ILE E 261 24.41 32.21 20.50
CA ILE E 261 25.13 33.46 20.44
C ILE E 261 24.18 34.65 20.60
N TYR E 262 22.91 34.49 20.23
CA TYR E 262 21.98 35.60 20.29
C TYR E 262 21.40 35.84 21.67
N GLU E 263 21.88 35.18 22.71
CA GLU E 263 21.29 35.32 24.02
C GLU E 263 21.63 36.68 24.60
N GLY E 264 20.59 37.46 24.91
CA GLY E 264 20.76 38.77 25.51
C GLY E 264 20.58 39.94 24.57
N ILE E 265 20.13 39.71 23.35
CA ILE E 265 19.84 40.81 22.44
C ILE E 265 18.50 41.39 22.85
N PRO E 266 18.27 42.69 22.68
CA PRO E 266 17.03 43.29 23.18
C PRO E 266 15.80 42.98 22.36
N HIS E 267 15.93 42.24 21.26
CA HIS E 267 14.77 41.92 20.44
C HIS E 267 14.12 40.60 20.83
N LEU E 268 14.25 40.17 22.09
CA LEU E 268 13.71 38.87 22.47
C LEU E 268 12.53 39.02 23.42
N LEU E 269 12.03 37.87 23.85
CA LEU E 269 10.97 37.76 24.83
C LEU E 269 11.24 36.73 25.90
N CYS E 270 12.30 35.94 25.76
CA CYS E 270 12.60 34.79 26.57
C CYS E 270 14.03 34.38 26.23
N PRO E 271 14.68 33.55 27.04
CA PRO E 271 15.94 32.95 26.60
C PRO E 271 15.71 31.98 25.45
N VAL E 272 16.82 31.50 24.90
CA VAL E 272 16.77 30.56 23.79
C VAL E 272 16.15 29.26 24.28
N VAL E 273 14.96 28.96 23.77
CA VAL E 273 14.26 27.75 24.15
C VAL E 273 15.01 26.56 23.59
N THR E 274 15.30 25.58 24.45
CA THR E 274 16.17 24.50 24.04
C THR E 274 15.49 23.15 24.28
N ASP E 275 14.59 23.11 25.26
CA ASP E 275 14.01 21.85 25.69
C ASP E 275 12.81 21.48 24.82
N MET E 276 12.46 20.21 24.85
CA MET E 276 11.30 19.66 24.16
C MET E 276 10.00 19.87 24.92
N LYS E 277 10.02 20.51 26.08
CA LYS E 277 8.78 20.82 26.76
C LYS E 277 8.52 22.30 26.92
N GLU E 278 9.57 23.12 26.95
CA GLU E 278 9.36 24.57 26.93
C GLU E 278 9.06 25.07 25.52
N ALA E 279 9.38 24.30 24.49
CA ALA E 279 8.96 24.65 23.15
C ALA E 279 7.45 24.62 23.02
N ALA E 280 6.82 23.67 23.70
CA ALA E 280 5.36 23.65 23.75
C ALA E 280 4.82 24.87 24.48
N ASN E 281 5.54 25.33 25.51
CA ASN E 281 5.13 26.55 26.21
C ASN E 281 5.22 27.77 25.30
N ALA E 282 6.28 27.85 24.49
CA ALA E 282 6.43 28.97 23.56
C ALA E 282 5.35 28.94 22.49
N LEU E 283 5.02 27.76 21.97
CA LEU E 283 4.01 27.68 20.92
C LEU E 283 2.61 27.98 21.47
N ARG E 284 2.31 27.50 22.67
CA ARG E 284 1.01 27.79 23.26
C ARG E 284 0.91 29.25 23.66
N TRP E 285 2.04 29.86 24.06
CA TRP E 285 2.11 31.30 24.24
C TRP E 285 1.82 32.03 22.94
N SER E 286 2.33 31.50 21.82
CA SER E 286 2.09 32.12 20.53
C SER E 286 0.62 32.07 20.18
N VAL E 287 -0.04 30.95 20.47
CA VAL E 287 -1.48 30.82 20.28
C VAL E 287 -2.24 31.84 21.13
N ALA E 288 -1.84 31.94 22.40
CA ALA E 288 -2.57 32.78 23.35
C ALA E 288 -2.44 34.26 23.01
N GLU E 289 -1.23 34.75 22.79
CA GLU E 289 -1.10 36.16 22.42
C GLU E 289 -1.51 36.43 20.98
N MET E 290 -1.58 35.41 20.13
CA MET E 290 -2.22 35.56 18.82
C MET E 290 -3.69 35.87 18.99
N GLU E 291 -4.39 35.08 19.81
CA GLU E 291 -5.80 35.36 20.05
C GLU E 291 -6.01 36.63 20.84
N ARG E 292 -5.02 37.03 21.65
CA ARG E 292 -5.05 38.34 22.31
C ARG E 292 -5.05 39.47 21.30
N ARG E 293 -4.13 39.40 20.34
CA ARG E 293 -4.08 40.43 19.30
C ARG E 293 -5.32 40.41 18.43
N TYR E 294 -5.88 39.22 18.16
CA TYR E 294 -7.10 39.17 17.36
C TYR E 294 -8.31 39.70 18.11
N ARG E 295 -8.40 39.45 19.41
CA ARG E 295 -9.50 40.04 20.19
C ARG E 295 -9.36 41.54 20.28
N LEU E 296 -8.13 42.05 20.37
CA LEU E 296 -7.96 43.49 20.44
C LEU E 296 -8.26 44.15 19.10
N MET E 297 -7.88 43.50 17.99
CA MET E 297 -8.23 44.05 16.67
C MET E 297 -9.72 43.94 16.41
N ALA E 298 -10.38 42.87 16.87
CA ALA E 298 -11.82 42.76 16.71
C ALA E 298 -12.56 43.72 17.62
N ALA E 299 -11.95 44.16 18.71
CA ALA E 299 -12.53 45.23 19.50
C ALA E 299 -12.21 46.61 18.94
N MET E 300 -11.20 46.72 18.07
CA MET E 300 -10.89 47.99 17.42
C MET E 300 -11.41 48.05 15.98
N GLY E 301 -10.98 47.13 15.13
CA GLY E 301 -11.52 47.10 13.78
C GLY E 301 -10.53 46.86 12.67
N VAL E 302 -9.28 47.29 12.87
CA VAL E 302 -8.27 47.18 11.83
C VAL E 302 -7.81 45.74 11.73
N ARG E 303 -7.81 45.19 10.52
CA ARG E 303 -7.54 43.77 10.30
C ARG E 303 -6.10 43.49 9.91
N ASN E 304 -5.18 44.40 10.19
CA ASN E 304 -3.76 44.09 10.12
C ASN E 304 -3.04 44.88 11.21
N LEU E 305 -1.92 44.33 11.65
CA LEU E 305 -1.20 44.93 12.76
C LEU E 305 -0.49 46.21 12.36
N ALA E 306 -0.04 46.29 11.12
CA ALA E 306 0.67 47.49 10.66
C ALA E 306 -0.29 48.66 10.48
N GLY E 307 -1.47 48.41 9.91
CA GLY E 307 -2.48 49.45 9.86
C GLY E 307 -2.98 49.85 11.23
N PHE E 308 -2.95 48.91 12.17
CA PHE E 308 -3.34 49.23 13.54
C PHE E 308 -2.30 50.11 14.22
N ASN E 309 -1.01 49.83 13.97
CA ASN E 309 0.04 50.71 14.47
C ASN E 309 -0.03 52.09 13.81
N ARG E 310 -0.41 52.13 12.52
CA ARG E 310 -0.67 53.40 11.85
C ARG E 310 -1.77 54.19 12.55
N LYS E 311 -2.87 53.51 12.88
CA LYS E 311 -3.99 54.14 13.59
C LYS E 311 -3.57 54.69 14.94
N VAL E 312 -2.92 53.86 15.76
CA VAL E 312 -2.63 54.31 17.12
C VAL E 312 -1.52 55.34 17.14
N LYS E 313 -0.55 55.27 16.21
CA LYS E 313 0.51 56.25 16.22
C LYS E 313 0.02 57.59 15.68
N ASP E 314 -0.82 57.57 14.65
CA ASP E 314 -1.32 58.83 14.12
C ASP E 314 -2.31 59.49 15.06
N ALA E 315 -3.20 58.72 15.69
CA ALA E 315 -4.17 59.31 16.58
C ALA E 315 -3.64 59.51 18.00
N GLU E 316 -2.45 59.00 18.33
CA GLU E 316 -1.87 59.23 19.63
C GLU E 316 -0.74 60.25 19.60
N GLU E 317 -0.08 60.44 18.45
CA GLU E 317 0.94 61.47 18.33
C GLU E 317 0.36 62.86 18.53
N ALA E 318 -0.88 63.09 18.08
CA ALA E 318 -1.45 64.41 18.24
C ALA E 318 -2.02 64.63 19.64
N GLY E 319 -3.11 63.93 19.98
CA GLY E 319 -3.80 64.30 21.21
C GLY E 319 -4.45 63.27 22.09
N THR E 320 -4.52 62.00 21.69
CA THR E 320 -5.39 61.05 22.36
C THR E 320 -4.73 59.69 22.59
N PRO E 321 -4.42 59.33 23.83
CA PRO E 321 -4.00 57.95 24.12
C PRO E 321 -5.20 57.02 24.06
N LEU E 322 -4.92 55.73 23.95
CA LEU E 322 -5.96 54.71 23.87
C LEU E 322 -5.66 53.61 24.86
N THR E 323 -6.70 53.03 25.44
CA THR E 323 -6.56 52.02 26.47
C THR E 323 -6.99 50.65 25.93
N ASP E 324 -6.84 49.63 26.75
CA ASP E 324 -7.36 48.32 26.41
C ASP E 324 -8.88 48.31 26.48
N PRO E 325 -9.57 47.82 25.45
CA PRO E 325 -11.03 47.68 25.48
C PRO E 325 -11.46 46.30 25.96
N PRO E 336 -7.15 53.02 33.89
CA PRO E 336 -6.77 51.94 32.97
C PRO E 336 -5.48 52.25 32.22
N PRO E 337 -4.68 51.23 31.94
CA PRO E 337 -3.38 51.47 31.29
C PRO E 337 -3.54 51.79 29.82
N GLN E 338 -2.47 52.35 29.25
CA GLN E 338 -2.44 52.80 27.87
C GLN E 338 -2.07 51.64 26.94
N LEU E 339 -2.55 51.72 25.70
CA LEU E 339 -2.16 50.78 24.64
C LEU E 339 -1.03 51.40 23.83
N SER E 340 0.09 50.71 23.75
CA SER E 340 1.27 51.20 23.05
C SER E 340 1.20 50.84 21.57
N THR E 341 2.32 51.01 20.87
CA THR E 341 2.48 50.42 19.56
C THR E 341 2.72 48.92 19.71
N LEU E 342 2.40 48.18 18.66
CA LEU E 342 2.55 46.75 18.92
C LEU E 342 3.65 46.14 18.06
N PRO E 343 4.49 45.29 18.64
CA PRO E 343 5.62 44.75 17.91
C PRO E 343 5.20 43.65 16.94
N THR E 344 6.13 43.32 16.06
CA THR E 344 5.99 42.23 15.10
C THR E 344 6.86 41.07 15.54
N ILE E 345 6.29 39.89 15.63
CA ILE E 345 6.98 38.74 16.18
C ILE E 345 7.37 37.81 15.05
N VAL E 346 8.63 37.40 15.04
CA VAL E 346 9.11 36.37 14.14
C VAL E 346 9.61 35.22 15.00
N VAL E 347 8.96 34.08 14.91
CA VAL E 347 9.37 32.91 15.66
C VAL E 347 10.36 32.13 14.82
N VAL E 348 11.54 31.91 15.38
CA VAL E 348 12.62 31.19 14.70
C VAL E 348 12.71 29.80 15.29
N VAL E 349 12.48 28.79 14.47
CA VAL E 349 12.60 27.40 14.89
C VAL E 349 13.58 26.72 13.95
N ASP E 350 14.60 26.09 14.51
CA ASP E 350 15.71 25.56 13.71
C ASP E 350 15.55 24.09 13.35
N GLU E 351 15.02 23.26 14.24
CA GLU E 351 15.00 21.82 13.98
C GLU E 351 13.67 21.24 14.46
N PHE E 352 12.55 21.74 13.94
CA PHE E 352 11.28 21.19 14.39
C PHE E 352 11.00 19.78 13.86
N ALA E 353 11.90 19.19 13.08
CA ALA E 353 11.85 17.76 12.83
C ALA E 353 11.92 16.98 14.13
N ASP E 354 12.90 17.28 14.98
CA ASP E 354 12.96 16.65 16.30
C ASP E 354 11.82 17.09 17.19
N MET E 355 11.35 18.33 17.03
CA MET E 355 10.25 18.79 17.88
C MET E 355 8.91 18.19 17.46
N MET E 356 8.83 17.56 16.30
CA MET E 356 7.67 16.74 16.00
C MET E 356 7.91 15.27 16.27
N MET E 357 9.15 14.80 16.17
CA MET E 357 9.44 13.38 16.37
C MET E 357 9.73 13.01 17.82
N ILE E 358 9.78 13.98 18.72
CA ILE E 358 10.03 13.70 20.13
C ILE E 358 8.85 14.11 20.99
N VAL E 359 8.27 15.27 20.73
CA VAL E 359 7.18 15.76 21.57
C VAL E 359 5.89 15.01 21.23
N GLY E 360 5.47 15.04 19.98
CA GLY E 360 4.27 14.39 19.54
C GLY E 360 3.58 15.24 18.50
N LYS E 361 2.34 14.87 18.17
CA LYS E 361 1.58 15.61 17.16
C LYS E 361 1.02 16.92 17.68
N LYS E 362 1.15 17.18 18.99
CA LYS E 362 0.62 18.41 19.56
C LYS E 362 1.35 19.63 19.01
N VAL E 363 2.65 19.49 18.77
CA VAL E 363 3.41 20.56 18.14
C VAL E 363 2.92 20.79 16.71
N GLU E 364 2.56 19.71 16.01
CA GLU E 364 2.05 19.86 14.65
C GLU E 364 0.70 20.56 14.63
N GLU E 365 -0.16 20.25 15.60
CA GLU E 365 -1.44 20.93 15.71
C GLU E 365 -1.26 22.40 16.07
N LEU E 366 -0.28 22.69 16.94
CA LEU E 366 0.00 24.08 17.29
C LEU E 366 0.53 24.87 16.11
N ILE E 367 1.44 24.27 15.33
CA ILE E 367 1.95 24.91 14.12
C ILE E 367 0.84 25.10 13.11
N ALA E 368 -0.10 24.15 13.03
CA ALA E 368 -1.25 24.27 12.16
C ALA E 368 -2.11 25.47 12.53
N ARG E 369 -2.49 25.56 13.81
CA ARG E 369 -3.37 26.64 14.21
C ARG E 369 -2.64 27.99 14.23
N ILE E 370 -1.33 28.01 14.39
CA ILE E 370 -0.60 29.26 14.23
C ILE E 370 -0.56 29.67 12.77
N ALA E 371 0.05 28.86 11.90
CA ALA E 371 0.27 29.24 10.52
C ALA E 371 -1.01 29.30 9.69
N GLN E 372 -2.13 28.83 10.24
CA GLN E 372 -3.42 29.09 9.64
C GLN E 372 -3.78 30.57 9.74
N LYS E 373 -3.77 31.10 10.96
CA LYS E 373 -4.44 32.37 11.26
C LYS E 373 -3.47 33.32 11.91
N ALA E 374 -2.31 33.54 11.29
CA ALA E 374 -1.30 34.41 11.87
C ALA E 374 -0.96 35.65 11.07
N ARG E 375 -1.52 35.82 9.86
CA ARG E 375 -1.06 36.91 9.00
C ARG E 375 -1.51 38.25 9.53
N ALA E 376 -2.74 38.35 10.02
CA ALA E 376 -3.18 39.59 10.62
C ALA E 376 -2.57 39.82 11.99
N ALA E 377 -2.09 38.75 12.65
CA ALA E 377 -1.53 38.89 13.98
C ALA E 377 -0.16 39.54 13.97
N GLY E 378 0.54 39.53 12.84
CA GLY E 378 1.91 39.98 12.80
C GLY E 378 2.91 38.91 13.16
N ILE E 379 2.48 37.82 13.77
CA ILE E 379 3.37 36.70 14.05
C ILE E 379 3.63 35.93 12.76
N HIS E 380 4.90 35.80 12.40
CA HIS E 380 5.28 35.02 11.25
C HIS E 380 6.30 33.98 11.68
N LEU E 381 6.34 32.88 10.94
CA LEU E 381 6.99 31.66 11.38
C LEU E 381 8.16 31.33 10.47
N ILE E 382 9.31 31.04 11.06
CA ILE E 382 10.48 30.58 10.33
C ILE E 382 10.70 29.13 10.72
N LEU E 383 10.52 28.23 9.78
CA LEU E 383 10.76 26.81 9.99
C LEU E 383 11.99 26.40 9.24
N ALA E 384 13.06 26.15 9.95
CA ALA E 384 14.19 25.44 9.39
C ALA E 384 14.05 23.98 9.77
N THR E 385 14.49 23.10 8.88
CA THR E 385 14.42 21.67 9.17
C THR E 385 15.44 20.95 8.29
N GLN E 386 16.20 20.06 8.90
CA GLN E 386 16.85 19.02 8.14
C GLN E 386 15.85 17.91 7.90
N ARG E 387 16.25 16.89 7.13
CA ARG E 387 15.50 15.70 6.72
C ARG E 387 14.07 16.03 6.29
N PRO E 388 13.89 16.55 5.10
CA PRO E 388 12.58 17.12 4.74
C PRO E 388 11.53 16.11 4.34
N SER E 389 11.72 14.83 4.66
CA SER E 389 10.83 13.78 4.19
C SER E 389 9.46 13.85 4.84
N VAL E 390 8.58 12.93 4.42
CA VAL E 390 7.15 13.01 4.69
C VAL E 390 6.84 12.78 6.16
N ASP E 391 7.76 12.14 6.89
CA ASP E 391 7.59 11.89 8.31
C ASP E 391 7.54 13.18 9.15
N VAL E 392 8.06 14.28 8.62
CA VAL E 392 7.99 15.56 9.28
C VAL E 392 7.01 16.49 8.58
N ILE E 393 7.26 16.79 7.31
CA ILE E 393 6.40 17.67 6.53
C ILE E 393 5.20 16.83 6.08
N THR E 394 4.05 17.04 6.72
CA THR E 394 2.85 16.32 6.35
C THR E 394 2.07 17.14 5.32
N GLY E 395 0.84 16.72 5.06
CA GLY E 395 -0.05 17.49 4.22
C GLY E 395 -0.89 18.45 5.04
N LEU E 396 -0.35 18.86 6.18
CA LEU E 396 -1.06 19.65 7.17
C LEU E 396 -0.18 20.82 7.57
N ILE E 397 1.11 20.70 7.30
CA ILE E 397 2.02 21.82 7.51
C ILE E 397 2.42 22.44 6.19
N LYS E 398 2.63 21.59 5.16
CA LYS E 398 3.00 22.11 3.86
C LYS E 398 1.86 22.89 3.22
N ALA E 399 0.64 22.40 3.37
CA ALA E 399 -0.52 23.07 2.77
C ALA E 399 -0.88 24.35 3.49
N ASN E 400 -0.43 24.54 4.71
CA ASN E 400 -0.69 25.78 5.42
C ASN E 400 0.32 26.86 5.06
N ILE E 401 1.56 26.49 4.76
CA ILE E 401 2.60 27.49 4.55
C ILE E 401 3.02 27.48 3.09
N PRO E 402 2.68 28.51 2.34
CA PRO E 402 2.96 28.49 0.91
C PRO E 402 4.42 28.71 0.57
N THR E 403 5.06 29.72 1.15
CA THR E 403 6.36 30.18 0.69
C THR E 403 7.45 29.35 1.35
N ARG E 404 8.27 28.69 0.55
CA ARG E 404 9.29 27.82 1.11
C ARG E 404 10.54 27.87 0.26
N ILE E 405 11.68 27.67 0.92
CA ILE E 405 12.99 27.75 0.31
C ILE E 405 13.69 26.42 0.50
N ALA E 406 14.13 25.84 -0.60
CA ALA E 406 14.85 24.58 -0.54
C ALA E 406 16.33 24.82 -0.76
N PHE E 407 17.16 24.24 0.10
CA PHE E 407 18.58 24.17 -0.13
C PHE E 407 18.85 22.87 -0.91
N GLN E 408 20.11 22.45 -0.98
CA GLN E 408 20.41 21.23 -1.72
C GLN E 408 19.96 20.01 -0.91
N VAL E 409 19.03 19.26 -1.48
CA VAL E 409 18.67 17.95 -0.93
C VAL E 409 19.06 16.89 -1.94
N SER E 410 19.12 15.66 -1.45
CA SER E 410 19.68 14.58 -2.25
C SER E 410 18.71 14.10 -3.31
N SER E 411 17.56 13.58 -2.90
CA SER E 411 16.69 12.92 -3.84
C SER E 411 15.87 13.93 -4.62
N LYS E 412 15.45 13.52 -5.80
CA LYS E 412 14.40 14.24 -6.48
C LYS E 412 13.06 14.03 -5.77
N ILE E 413 12.94 12.95 -4.99
CA ILE E 413 11.75 12.70 -4.18
C ILE E 413 11.59 13.78 -3.12
N ASP E 414 12.70 14.22 -2.51
CA ASP E 414 12.60 15.31 -1.56
C ASP E 414 12.28 16.63 -2.24
N SER E 415 12.75 16.81 -3.48
CA SER E 415 12.40 17.99 -4.25
C SER E 415 10.91 18.04 -4.53
N ARG E 416 10.30 16.89 -4.81
CA ARG E 416 8.85 16.85 -4.90
C ARG E 416 8.18 16.84 -3.54
N THR E 417 8.93 16.62 -2.47
CA THR E 417 8.33 16.65 -1.15
C THR E 417 8.12 18.08 -0.68
N ILE E 418 9.17 18.88 -0.66
CA ILE E 418 9.01 20.26 -0.19
C ILE E 418 8.54 21.19 -1.32
N LEU E 419 9.27 21.22 -2.44
CA LEU E 419 8.94 22.16 -3.50
C LEU E 419 7.77 21.72 -4.35
N ASP E 420 7.42 20.44 -4.30
CA ASP E 420 6.41 19.81 -5.16
C ASP E 420 6.75 20.01 -6.63
N GLN E 421 8.04 19.99 -6.95
CA GLN E 421 8.57 20.20 -8.29
C GLN E 421 10.03 19.77 -8.28
N GLY E 422 10.43 19.06 -9.32
CA GLY E 422 11.74 18.43 -9.34
C GLY E 422 12.89 19.37 -9.61
N GLY E 423 13.29 20.16 -8.63
CA GLY E 423 14.42 21.04 -8.85
C GLY E 423 15.51 21.00 -7.81
N ALA E 424 15.21 20.52 -6.62
CA ALA E 424 16.10 20.75 -5.49
C ALA E 424 17.23 19.75 -5.38
N GLU E 425 17.54 19.01 -6.43
CA GLU E 425 18.56 18.00 -6.37
C GLU E 425 19.77 18.34 -7.22
N GLN E 426 19.75 19.48 -7.89
CA GLN E 426 20.80 19.85 -8.83
C GLN E 426 21.53 21.10 -8.36
N LEU E 427 21.65 21.26 -7.05
CA LEU E 427 22.26 22.44 -6.47
C LEU E 427 23.71 22.17 -6.14
N LEU E 428 24.34 23.08 -5.41
CA LEU E 428 25.78 23.05 -5.21
C LEU E 428 26.23 23.05 -3.77
N GLY E 429 25.31 23.09 -2.81
CA GLY E 429 25.74 23.35 -1.45
C GLY E 429 26.08 24.81 -1.28
N HIS E 430 26.60 25.11 -0.10
CA HIS E 430 27.10 26.45 0.28
C HIS E 430 26.05 27.54 0.13
N GLY E 431 24.79 27.22 0.36
CA GLY E 431 23.75 28.21 0.18
C GLY E 431 23.38 28.42 -1.27
N ASP E 432 22.86 27.38 -1.89
CA ASP E 432 22.33 27.46 -3.25
C ASP E 432 20.84 27.20 -3.15
N MET E 433 20.05 28.26 -3.14
CA MET E 433 18.64 28.13 -2.79
C MET E 433 17.78 27.99 -4.02
N LEU E 434 16.58 27.47 -3.81
CA LEU E 434 15.47 27.67 -4.72
C LEU E 434 14.40 28.38 -3.92
N TYR E 435 13.95 29.52 -4.42
CA TYR E 435 12.99 30.35 -3.71
C TYR E 435 11.64 30.14 -4.35
N LEU E 436 10.83 29.29 -3.75
CA LEU E 436 9.50 29.13 -4.31
C LEU E 436 8.66 30.30 -3.81
N PRO E 437 8.26 31.21 -4.69
CA PRO E 437 7.79 32.51 -4.25
C PRO E 437 6.40 32.42 -3.66
N PRO E 438 5.96 33.43 -2.92
CA PRO E 438 4.55 33.49 -2.51
C PRO E 438 3.66 33.60 -3.73
N GLY E 439 2.75 32.63 -3.86
CA GLY E 439 2.03 32.47 -5.10
C GLY E 439 2.57 31.28 -5.85
N THR E 440 2.64 31.39 -7.16
CA THR E 440 2.95 30.26 -8.01
C THR E 440 3.88 30.74 -9.11
N GLY E 441 4.80 29.87 -9.51
CA GLY E 441 5.61 30.15 -10.68
C GLY E 441 6.70 29.12 -10.84
N LEU E 442 7.77 29.55 -11.40
CA LEU E 442 8.95 28.72 -11.34
C LEU E 442 9.72 29.05 -10.07
N PRO E 443 10.52 28.11 -9.58
CA PRO E 443 11.45 28.45 -8.51
C PRO E 443 12.53 29.38 -9.02
N ILE E 444 12.84 30.38 -8.20
CA ILE E 444 13.81 31.41 -8.54
C ILE E 444 15.10 31.06 -7.82
N ARG E 445 16.13 30.71 -8.56
CA ARG E 445 17.40 30.30 -7.95
C ARG E 445 18.15 31.51 -7.44
N VAL E 446 18.29 31.61 -6.13
CA VAL E 446 18.92 32.77 -5.48
C VAL E 446 20.03 32.25 -4.59
N HIS E 447 21.23 32.81 -4.74
CA HIS E 447 22.32 32.37 -3.89
C HIS E 447 22.19 32.95 -2.50
N GLY E 448 22.71 32.20 -1.53
CA GLY E 448 22.76 32.70 -0.18
C GLY E 448 23.83 33.77 -0.03
N ALA E 449 23.88 34.35 1.16
CA ALA E 449 24.91 35.34 1.48
C ALA E 449 25.72 34.82 2.65
N PHE E 450 26.98 34.51 2.39
CA PHE E 450 27.86 33.96 3.42
C PHE E 450 28.15 35.02 4.48
N VAL E 451 27.93 34.66 5.74
CA VAL E 451 28.27 35.52 6.87
C VAL E 451 28.89 34.65 7.97
N SER E 452 30.05 35.06 8.44
CA SER E 452 30.77 34.30 9.44
C SER E 452 30.17 34.51 10.81
N ASP E 453 30.67 33.76 11.78
CA ASP E 453 30.27 33.99 13.16
C ASP E 453 30.88 35.27 13.72
N ASP E 454 31.92 35.79 13.07
CA ASP E 454 32.64 36.95 13.60
C ASP E 454 31.82 38.22 13.45
N GLU E 455 31.22 38.41 12.27
CA GLU E 455 30.31 39.54 12.09
C GLU E 455 29.07 39.40 12.96
N VAL E 456 28.65 38.17 13.21
CA VAL E 456 27.54 37.94 14.14
C VAL E 456 27.94 38.34 15.56
N HIS E 457 29.19 38.10 15.93
CA HIS E 457 29.68 38.56 17.23
C HIS E 457 29.71 40.09 17.32
N ARG E 458 30.09 40.75 16.22
CA ARG E 458 30.02 42.21 16.18
C ARG E 458 28.60 42.71 16.34
N VAL E 459 27.63 42.03 15.71
CA VAL E 459 26.23 42.46 15.84
C VAL E 459 25.72 42.20 17.25
N VAL E 460 26.10 41.07 17.84
CA VAL E 460 25.72 40.73 19.21
C VAL E 460 26.26 41.77 20.19
N GLU E 461 27.52 42.17 20.02
CA GLU E 461 28.08 43.16 20.93
C GLU E 461 27.49 44.55 20.70
N ALA E 462 27.16 44.88 19.46
CA ALA E 462 26.56 46.19 19.20
C ALA E 462 25.15 46.27 19.75
N TRP E 463 24.45 45.15 19.83
CA TRP E 463 23.16 45.19 20.53
C TRP E 463 23.28 44.92 22.02
N LYS E 464 24.42 44.47 22.51
CA LYS E 464 24.62 44.49 23.95
C LYS E 464 24.94 45.89 24.45
N LEU E 465 25.60 46.71 23.62
CA LEU E 465 25.95 48.06 24.04
C LEU E 465 24.71 48.92 24.22
N ARG E 466 23.94 49.09 23.15
CA ARG E 466 22.78 49.95 23.19
C ARG E 466 21.50 49.20 23.54
N GLY E 467 21.61 48.03 24.17
CA GLY E 467 20.45 47.20 24.43
C GLY E 467 20.31 46.81 25.89
N ALA E 468 19.11 46.33 26.21
CA ALA E 468 18.73 45.86 27.53
C ALA E 468 17.74 44.72 27.36
N PRO E 469 17.78 43.72 28.23
CA PRO E 469 16.91 42.54 28.04
C PRO E 469 15.44 42.85 28.27
N ASP E 470 14.60 41.92 27.81
CA ASP E 470 13.16 42.08 27.89
C ASP E 470 12.56 40.68 27.84
N TYR E 471 12.16 40.15 28.99
CA TYR E 471 11.70 38.77 29.07
C TYR E 471 10.27 38.70 29.59
N ILE E 472 9.68 37.51 29.44
CA ILE E 472 8.35 37.18 29.95
C ILE E 472 8.46 35.91 30.77
N GLU E 473 7.85 35.90 31.96
CA GLU E 473 7.90 34.72 32.81
C GLU E 473 6.93 33.64 32.34
N ASP E 474 5.75 34.04 31.84
CA ASP E 474 4.68 33.09 31.56
C ASP E 474 4.99 32.22 30.36
N ILE E 475 5.76 32.74 29.39
CA ILE E 475 6.12 31.98 28.21
C ILE E 475 7.04 30.80 28.56
N LEU E 476 7.69 30.84 29.70
CA LEU E 476 8.40 29.69 30.20
C LEU E 476 7.69 29.16 31.44
N LEU F 70 -34.47 46.18 -2.58
CA LEU F 70 -33.66 45.39 -3.50
C LEU F 70 -32.46 46.24 -3.91
N PRO F 71 -31.28 45.63 -4.01
CA PRO F 71 -30.07 46.40 -4.30
C PRO F 71 -30.01 46.83 -5.75
N PRO F 72 -29.59 48.06 -6.01
CA PRO F 72 -29.50 48.53 -7.39
C PRO F 72 -28.24 48.03 -8.06
N LEU F 73 -28.37 47.73 -9.36
CA LEU F 73 -27.25 47.21 -10.12
C LEU F 73 -26.19 48.27 -10.41
N SER F 74 -26.52 49.54 -10.23
CA SER F 74 -25.65 50.67 -10.55
C SER F 74 -24.50 50.86 -9.55
N LEU F 75 -24.43 50.04 -8.51
CA LEU F 75 -23.37 50.15 -7.51
C LEU F 75 -22.04 49.61 -8.00
N LEU F 76 -22.00 48.95 -9.14
CA LEU F 76 -20.88 48.10 -9.51
C LEU F 76 -19.71 48.93 -10.04
N ASP F 77 -18.64 48.21 -10.38
CA ASP F 77 -17.54 48.80 -11.13
C ASP F 77 -18.04 49.22 -12.52
N PRO F 78 -17.38 50.19 -13.15
CA PRO F 78 -17.70 50.47 -14.54
C PRO F 78 -17.21 49.34 -15.42
N ALA F 79 -18.02 49.01 -16.43
CA ALA F 79 -17.56 48.12 -17.49
C ALA F 79 -16.42 48.78 -18.24
N GLU F 80 -15.27 48.09 -18.29
CA GLU F 80 -14.05 48.66 -18.85
C GLU F 80 -14.20 48.88 -20.35
N VAL F 81 -13.52 49.90 -20.85
CA VAL F 81 -13.40 50.13 -22.28
C VAL F 81 -12.69 48.92 -22.87
N LYS F 82 -13.43 48.13 -23.63
CA LYS F 82 -12.89 46.93 -24.23
C LYS F 82 -11.86 47.27 -25.32
N GLN F 83 -10.87 46.42 -25.47
CA GLN F 83 -9.80 46.66 -26.41
C GLN F 83 -9.88 45.68 -27.58
N LYS F 84 -9.36 46.11 -28.72
CA LYS F 84 -9.25 45.28 -29.92
C LYS F 84 -7.78 45.12 -30.22
N SER F 85 -7.24 43.93 -29.99
CA SER F 85 -5.81 43.69 -30.13
C SER F 85 -5.50 42.69 -31.22
N TYR F 86 -6.46 42.31 -32.05
CA TYR F 86 -6.22 41.28 -33.04
C TYR F 86 -6.90 41.57 -34.36
N SER F 87 -6.12 41.47 -35.42
CA SER F 87 -6.47 41.57 -36.83
C SER F 87 -6.61 40.17 -37.40
N PRO F 88 -7.32 40.02 -38.53
CA PRO F 88 -7.29 38.72 -39.23
C PRO F 88 -5.92 38.34 -39.74
N GLU F 89 -5.08 39.31 -40.06
CA GLU F 89 -3.74 39.01 -40.54
C GLU F 89 -2.86 38.45 -39.43
N SER F 90 -2.96 39.00 -38.22
CA SER F 90 -2.16 38.50 -37.10
C SER F 90 -2.61 37.10 -36.69
N LEU F 91 -3.92 36.85 -36.74
CA LEU F 91 -4.43 35.53 -36.44
C LEU F 91 -4.01 34.52 -37.50
N GLU F 92 -3.99 34.94 -38.77
CA GLU F 92 -3.54 34.03 -39.83
C GLU F 92 -2.04 33.76 -39.72
N ALA F 93 -1.28 34.76 -39.31
CA ALA F 93 0.15 34.57 -39.09
C ALA F 93 0.41 33.60 -37.94
N MET F 94 -0.36 33.74 -36.85
CA MET F 94 -0.24 32.80 -35.74
C MET F 94 -0.67 31.40 -36.17
N SER F 95 -1.67 31.31 -37.04
CA SER F 95 -2.12 30.02 -37.53
C SER F 95 -1.04 29.32 -38.36
N ARG F 96 -0.38 30.06 -39.25
CA ARG F 96 0.66 29.45 -40.06
C ARG F 96 1.90 29.12 -39.23
N LEU F 97 2.21 29.96 -38.24
CA LEU F 97 3.32 29.64 -37.36
C LEU F 97 3.03 28.42 -36.52
N LEU F 98 1.77 28.22 -36.13
CA LEU F 98 1.41 27.03 -35.38
C LEU F 98 1.45 25.79 -36.25
N GLU F 99 1.05 25.93 -37.53
CA GLU F 99 1.21 24.84 -38.49
C GLU F 99 2.67 24.41 -38.60
N ILE F 100 3.58 25.37 -38.69
CA ILE F 100 5.00 25.04 -38.84
C ILE F 100 5.53 24.40 -37.56
N LYS F 101 5.23 25.00 -36.40
CA LYS F 101 5.78 24.47 -35.16
C LYS F 101 5.19 23.13 -34.77
N LEU F 102 4.02 22.78 -35.27
CA LEU F 102 3.55 21.42 -35.04
C LEU F 102 4.03 20.43 -36.09
N LYS F 103 4.25 20.87 -37.34
CA LYS F 103 4.76 19.93 -38.32
C LYS F 103 6.24 19.62 -38.05
N GLU F 104 6.95 20.48 -37.33
CA GLU F 104 8.31 20.17 -36.93
C GLU F 104 8.36 19.04 -35.92
N PHE F 105 7.30 18.86 -35.14
CA PHE F 105 7.18 17.64 -34.36
C PHE F 105 6.42 16.61 -35.19
N GLY F 106 6.27 15.42 -34.65
CA GLY F 106 5.78 14.29 -35.40
C GLY F 106 4.31 14.23 -35.72
N VAL F 107 3.60 15.36 -35.77
CA VAL F 107 2.21 15.36 -36.14
C VAL F 107 2.04 16.13 -37.44
N GLU F 108 0.95 15.83 -38.14
CA GLU F 108 0.52 16.58 -39.31
C GLU F 108 -0.78 17.28 -38.94
N VAL F 109 -0.84 18.57 -39.21
CA VAL F 109 -1.85 19.42 -38.61
C VAL F 109 -2.48 20.26 -39.70
N SER F 110 -3.67 20.80 -39.42
CA SER F 110 -4.29 21.78 -40.29
C SER F 110 -5.16 22.70 -39.44
N VAL F 111 -5.00 24.00 -39.62
CA VAL F 111 -5.74 24.97 -38.82
C VAL F 111 -7.09 25.21 -39.49
N ASP F 112 -8.16 24.99 -38.73
CA ASP F 112 -9.51 25.10 -39.29
C ASP F 112 -10.11 26.47 -39.06
N SER F 113 -10.31 26.85 -37.80
CA SER F 113 -11.04 28.07 -37.52
C SER F 113 -10.48 28.71 -36.25
N VAL F 114 -10.75 29.99 -36.11
CA VAL F 114 -10.17 30.82 -35.06
C VAL F 114 -11.30 31.50 -34.31
N HIS F 115 -11.32 31.33 -32.99
CA HIS F 115 -12.27 32.03 -32.13
C HIS F 115 -11.53 33.04 -31.28
N PRO F 116 -11.49 34.32 -31.67
CA PRO F 116 -10.82 35.33 -30.82
C PRO F 116 -11.67 35.66 -29.62
N GLY F 117 -11.06 35.62 -28.44
CA GLY F 117 -11.80 35.78 -27.21
C GLY F 117 -11.22 36.81 -26.26
N PRO F 118 -11.82 36.91 -25.08
CA PRO F 118 -11.31 37.84 -24.07
C PRO F 118 -9.94 37.50 -23.53
N VAL F 119 -9.78 36.28 -23.03
CA VAL F 119 -8.57 35.87 -22.35
C VAL F 119 -7.66 35.08 -23.27
N ILE F 120 -8.21 34.12 -23.99
CA ILE F 120 -7.44 33.30 -24.89
C ILE F 120 -8.01 33.44 -26.29
N THR F 121 -7.46 32.68 -27.23
CA THR F 121 -8.02 32.58 -28.57
C THR F 121 -7.96 31.12 -28.98
N ARG F 122 -9.13 30.50 -29.15
CA ARG F 122 -9.17 29.10 -29.53
C ARG F 122 -8.73 28.94 -30.97
N PHE F 123 -7.79 28.03 -31.20
CA PHE F 123 -7.40 27.63 -32.53
C PHE F 123 -7.97 26.24 -32.76
N GLU F 124 -9.15 26.20 -33.37
CA GLU F 124 -9.79 24.92 -33.62
C GLU F 124 -9.07 24.22 -34.77
N ILE F 125 -8.67 22.98 -34.55
CA ILE F 125 -7.81 22.25 -35.46
C ILE F 125 -8.49 20.97 -35.91
N GLN F 126 -8.57 20.75 -37.22
CA GLN F 126 -8.81 19.43 -37.77
C GLN F 126 -7.45 18.80 -38.08
N PRO F 127 -6.99 17.82 -37.31
CA PRO F 127 -5.69 17.23 -37.59
C PRO F 127 -5.78 16.14 -38.64
N ALA F 128 -4.64 15.57 -39.02
CA ALA F 128 -4.60 14.64 -40.14
C ALA F 128 -5.06 13.26 -39.68
N ALA F 129 -4.82 12.26 -40.53
CA ALA F 129 -5.38 10.94 -40.28
C ALA F 129 -4.61 10.21 -39.17
N GLY F 130 -3.34 9.92 -39.41
CA GLY F 130 -2.59 9.11 -38.47
C GLY F 130 -2.06 9.88 -37.28
N VAL F 131 -2.95 10.51 -36.52
CA VAL F 131 -2.57 11.25 -35.33
C VAL F 131 -3.50 10.80 -34.20
N LYS F 132 -3.00 10.89 -32.98
CA LYS F 132 -3.80 10.63 -31.81
C LYS F 132 -3.87 11.89 -30.97
N VAL F 133 -4.92 12.00 -30.15
CA VAL F 133 -5.10 13.21 -29.38
C VAL F 133 -4.08 13.26 -28.24
N SER F 134 -3.71 12.10 -27.69
CA SER F 134 -2.71 12.04 -26.65
C SER F 134 -1.33 12.46 -27.15
N ARG F 135 -1.07 12.31 -28.45
CA ARG F 135 0.16 12.87 -29.00
C ARG F 135 0.13 14.38 -28.95
N ILE F 136 -1.03 14.98 -29.22
CA ILE F 136 -1.18 16.42 -29.07
C ILE F 136 -1.18 16.80 -27.59
N SER F 137 -1.58 15.88 -26.71
CA SER F 137 -1.56 16.16 -25.29
C SER F 137 -0.14 16.25 -24.75
N ASN F 138 0.66 15.21 -24.98
CA ASN F 138 1.98 15.20 -24.36
C ASN F 138 3.05 15.81 -25.25
N LEU F 139 2.79 17.01 -25.76
CA LEU F 139 3.87 17.89 -26.19
C LEU F 139 3.49 19.33 -25.85
N ALA F 140 2.65 19.49 -24.82
CA ALA F 140 2.03 20.77 -24.52
C ALA F 140 3.05 21.81 -24.11
N LYS F 141 3.93 21.48 -23.17
CA LYS F 141 4.92 22.45 -22.72
C LYS F 141 5.91 22.80 -23.81
N ASP F 142 6.25 21.83 -24.66
CA ASP F 142 7.19 22.08 -25.75
C ASP F 142 6.58 23.01 -26.78
N LEU F 143 5.32 22.78 -27.10
CA LEU F 143 4.60 23.68 -27.99
C LEU F 143 4.46 25.07 -27.38
N ALA F 144 4.29 25.12 -26.05
CA ALA F 144 4.14 26.41 -25.37
C ALA F 144 5.41 27.21 -25.44
N ARG F 145 6.55 26.54 -25.31
CA ARG F 145 7.83 27.22 -25.44
C ARG F 145 8.05 27.68 -26.87
N SER F 146 7.63 26.88 -27.84
CA SER F 146 7.87 27.24 -29.23
C SER F 146 6.97 28.38 -29.70
N LEU F 147 5.92 28.71 -28.98
CA LEU F 147 4.98 29.74 -29.41
C LEU F 147 5.10 31.02 -28.60
N ALA F 148 6.14 31.14 -27.77
CA ALA F 148 6.40 32.31 -26.93
C ALA F 148 5.26 32.61 -25.97
N VAL F 149 4.54 31.58 -25.53
CA VAL F 149 3.46 31.76 -24.57
C VAL F 149 3.87 31.07 -23.27
N ILE F 150 3.03 31.15 -22.26
CA ILE F 150 3.45 30.72 -20.93
C ILE F 150 2.97 29.30 -20.64
N SER F 151 1.85 28.89 -21.24
CA SER F 151 1.27 27.57 -21.08
C SER F 151 0.13 27.40 -22.08
N VAL F 152 -0.01 26.19 -22.63
CA VAL F 152 -0.94 25.93 -23.71
C VAL F 152 -2.01 24.96 -23.24
N ARG F 153 -3.27 25.36 -23.40
CA ARG F 153 -4.39 24.46 -23.20
C ARG F 153 -4.58 23.56 -24.41
N VAL F 154 -4.67 22.26 -24.17
CA VAL F 154 -4.91 21.28 -25.23
C VAL F 154 -6.22 20.61 -24.90
N VAL F 155 -7.30 21.05 -25.53
CA VAL F 155 -8.60 20.42 -25.33
C VAL F 155 -8.61 19.08 -26.02
N GLU F 156 -8.95 18.02 -25.27
CA GLU F 156 -9.03 16.70 -25.85
C GLU F 156 -10.13 16.60 -26.89
N VAL F 157 -11.29 17.16 -26.61
CA VAL F 157 -12.44 16.99 -27.50
C VAL F 157 -13.40 18.16 -27.31
N ILE F 158 -13.86 18.70 -28.43
CA ILE F 158 -14.87 19.75 -28.43
C ILE F 158 -16.18 19.11 -28.90
N PRO F 159 -17.31 19.39 -28.23
CA PRO F 159 -18.55 18.69 -28.55
C PRO F 159 -19.08 19.05 -29.94
N GLY F 160 -19.68 18.04 -30.58
CA GLY F 160 -20.37 18.23 -31.84
C GLY F 160 -19.53 18.15 -33.09
N LYS F 161 -18.31 18.66 -33.04
CA LYS F 161 -17.51 18.88 -34.24
C LYS F 161 -16.27 18.02 -34.20
N THR F 162 -15.88 17.48 -35.36
CA THR F 162 -14.79 16.52 -35.46
C THR F 162 -13.41 17.17 -35.45
N THR F 163 -13.17 18.04 -34.48
CA THR F 163 -11.96 18.84 -34.44
C THR F 163 -11.37 18.81 -33.03
N VAL F 164 -10.07 18.93 -32.96
CA VAL F 164 -9.38 19.06 -31.68
C VAL F 164 -9.13 20.54 -31.46
N GLY F 165 -9.04 20.95 -30.20
CA GLY F 165 -8.90 22.36 -29.93
C GLY F 165 -7.67 22.71 -29.11
N ILE F 166 -6.90 23.69 -29.57
CA ILE F 166 -5.81 24.27 -28.81
C ILE F 166 -6.23 25.67 -28.41
N GLU F 167 -6.08 25.99 -27.13
CA GLU F 167 -6.42 27.30 -26.60
C GLU F 167 -5.17 27.94 -26.03
N ILE F 168 -4.92 29.18 -26.45
CA ILE F 168 -3.64 29.87 -26.25
C ILE F 168 -3.90 31.27 -25.72
N PRO F 169 -3.24 31.70 -24.64
CA PRO F 169 -3.45 33.05 -24.14
C PRO F 169 -2.94 34.11 -25.09
N ASN F 170 -3.42 35.32 -24.91
CA ASN F 170 -3.19 36.39 -25.86
C ASN F 170 -1.99 37.24 -25.44
N GLU F 171 -1.80 38.36 -26.13
CA GLU F 171 -0.70 39.26 -25.80
C GLU F 171 -0.94 40.01 -24.51
N ASP F 172 -2.19 40.13 -24.06
CA ASP F 172 -2.50 40.78 -22.80
C ASP F 172 -3.82 40.27 -22.27
N ARG F 173 -3.81 39.79 -21.03
CA ARG F 173 -5.00 39.19 -20.43
C ARG F 173 -5.97 40.28 -20.03
N GLN F 174 -7.13 40.32 -20.66
CA GLN F 174 -8.16 41.28 -20.30
C GLN F 174 -8.82 40.88 -18.99
N MET F 175 -8.95 41.84 -18.07
CA MET F 175 -9.71 41.59 -16.87
C MET F 175 -11.20 41.52 -17.19
N VAL F 176 -11.91 40.67 -16.47
CA VAL F 176 -13.31 40.42 -16.74
C VAL F 176 -14.14 41.23 -15.75
N ARG F 177 -14.80 42.27 -16.25
CA ARG F 177 -15.54 43.18 -15.39
C ARG F 177 -16.82 42.53 -14.91
N PHE F 178 -17.07 42.63 -13.61
CA PHE F 178 -18.16 41.88 -13.02
C PHE F 178 -19.52 42.48 -13.37
N SER F 179 -19.56 43.80 -13.58
CA SER F 179 -20.80 44.44 -13.98
C SER F 179 -21.25 43.95 -15.35
N GLU F 180 -20.30 43.77 -16.26
CA GLU F 180 -20.61 43.26 -17.58
C GLU F 180 -20.64 41.74 -17.59
N VAL F 181 -20.53 41.10 -16.43
CA VAL F 181 -20.99 39.73 -16.25
C VAL F 181 -22.46 39.70 -15.87
N LEU F 182 -22.85 40.53 -14.91
CA LEU F 182 -24.25 40.55 -14.51
C LEU F 182 -25.13 41.22 -15.55
N SER F 183 -24.70 42.38 -16.06
CA SER F 183 -25.54 43.12 -17.00
C SER F 183 -25.57 42.34 -18.30
N SER F 184 -26.56 41.48 -18.39
CA SER F 184 -26.67 40.39 -19.34
C SER F 184 -28.07 39.84 -19.16
N PRO F 185 -28.72 39.33 -20.21
CA PRO F 185 -30.16 39.06 -20.11
C PRO F 185 -30.50 37.89 -19.22
N GLU F 186 -29.71 36.82 -19.25
CA GLU F 186 -30.09 35.59 -18.56
C GLU F 186 -29.97 35.70 -17.05
N TYR F 187 -29.22 36.68 -16.55
CA TYR F 187 -29.17 36.84 -15.10
C TYR F 187 -30.44 37.47 -14.56
N ASP F 188 -30.86 38.59 -15.15
CA ASP F 188 -32.07 39.26 -14.70
C ASP F 188 -33.30 38.41 -14.98
N GLU F 189 -33.31 37.73 -16.12
CA GLU F 189 -34.39 36.84 -16.49
C GLU F 189 -34.15 35.41 -16.02
N HIS F 190 -33.40 35.23 -14.94
CA HIS F 190 -33.18 33.89 -14.44
C HIS F 190 -34.37 33.44 -13.61
N LYS F 191 -34.83 32.22 -13.88
CA LYS F 191 -36.08 31.75 -13.30
C LYS F 191 -35.92 31.43 -11.82
N SER F 192 -34.79 30.84 -11.43
CA SER F 192 -34.60 30.46 -10.05
C SER F 192 -34.19 31.66 -9.21
N THR F 193 -33.93 31.39 -7.93
CA THR F 193 -33.75 32.44 -6.94
C THR F 193 -32.35 32.49 -6.36
N VAL F 194 -31.52 31.48 -6.59
CA VAL F 194 -30.14 31.51 -6.13
C VAL F 194 -29.18 31.14 -7.27
N PRO F 195 -28.93 32.03 -8.22
CA PRO F 195 -28.00 31.70 -9.29
C PRO F 195 -26.57 31.93 -8.86
N LEU F 196 -25.66 31.28 -9.56
CA LEU F 196 -24.26 31.67 -9.49
C LEU F 196 -23.85 32.21 -10.85
N ALA F 197 -23.45 33.48 -10.86
CA ALA F 197 -23.00 34.14 -12.07
C ALA F 197 -21.49 34.12 -12.05
N LEU F 198 -20.92 33.04 -12.58
CA LEU F 198 -19.53 33.06 -12.98
C LEU F 198 -19.39 33.94 -14.21
N GLY F 199 -18.16 34.34 -14.51
CA GLY F 199 -17.92 35.26 -15.61
C GLY F 199 -18.03 34.63 -16.98
N HIS F 200 -17.28 35.20 -17.93
CA HIS F 200 -17.39 34.77 -19.30
C HIS F 200 -16.71 33.43 -19.52
N ASP F 201 -17.10 32.76 -20.60
CA ASP F 201 -16.29 31.70 -21.13
C ASP F 201 -15.39 32.28 -22.21
N ILE F 202 -14.77 31.41 -23.00
CA ILE F 202 -13.80 31.86 -23.99
C ILE F 202 -14.45 32.47 -25.21
N GLY F 203 -15.70 32.11 -25.50
CA GLY F 203 -16.40 32.61 -26.66
C GLY F 203 -17.29 33.80 -26.36
N GLY F 204 -16.93 34.58 -25.34
CA GLY F 204 -17.58 35.84 -25.04
C GLY F 204 -19.03 35.78 -24.61
N ARG F 205 -19.32 35.06 -23.54
CA ARG F 205 -20.64 35.02 -22.95
C ARG F 205 -20.52 34.58 -21.50
N PRO F 206 -21.20 35.24 -20.56
CA PRO F 206 -21.20 34.73 -19.19
C PRO F 206 -21.98 33.43 -19.09
N ILE F 207 -21.46 32.51 -18.29
CA ILE F 207 -22.09 31.22 -18.08
C ILE F 207 -22.60 31.22 -16.65
N ILE F 208 -23.88 31.50 -16.49
CA ILE F 208 -24.48 31.69 -15.20
C ILE F 208 -25.20 30.40 -14.85
N THR F 209 -24.59 29.62 -13.96
CA THR F 209 -25.10 28.32 -13.61
C THR F 209 -25.86 28.39 -12.29
N ASP F 210 -26.99 27.69 -12.23
CA ASP F 210 -27.79 27.69 -11.04
C ASP F 210 -27.17 26.80 -9.98
N LEU F 211 -27.35 27.21 -8.74
CA LEU F 211 -26.97 26.42 -7.58
C LEU F 211 -28.08 25.50 -7.12
N ALA F 212 -29.32 25.79 -7.49
CA ALA F 212 -30.47 24.99 -7.09
C ALA F 212 -30.59 23.69 -7.86
N LYS F 213 -29.70 23.41 -8.80
CA LYS F 213 -29.68 22.13 -9.47
C LYS F 213 -28.33 21.44 -9.46
N MET F 214 -27.25 22.15 -9.16
CA MET F 214 -25.93 21.57 -9.41
C MET F 214 -25.50 20.46 -8.45
N PRO F 215 -25.93 20.40 -7.16
CA PRO F 215 -26.56 21.21 -6.12
C PRO F 215 -25.59 21.56 -5.01
N HIS F 216 -24.34 21.16 -5.14
CA HIS F 216 -23.30 21.53 -4.19
C HIS F 216 -22.07 21.87 -4.99
N LEU F 217 -20.97 22.20 -4.32
CA LEU F 217 -19.89 22.80 -5.09
C LEU F 217 -18.54 22.60 -4.44
N LEU F 218 -17.57 22.20 -5.24
CA LEU F 218 -16.17 22.20 -4.85
C LEU F 218 -15.39 23.25 -5.62
N VAL F 219 -14.50 23.96 -4.92
CA VAL F 219 -13.62 24.94 -5.52
C VAL F 219 -12.24 24.71 -4.93
N ALA F 220 -11.24 24.54 -5.79
CA ALA F 220 -9.88 24.35 -5.27
C ALA F 220 -8.86 24.91 -6.24
N GLY F 221 -7.67 25.14 -5.71
CA GLY F 221 -6.57 25.65 -6.50
C GLY F 221 -5.42 26.08 -5.63
N THR F 222 -4.25 26.31 -6.23
CA THR F 222 -3.12 26.80 -5.45
C THR F 222 -3.29 28.28 -5.15
N THR F 223 -2.31 28.83 -4.43
CA THR F 223 -2.47 30.15 -3.82
C THR F 223 -2.46 31.24 -4.87
N GLY F 224 -3.27 32.27 -4.64
CA GLY F 224 -3.35 33.40 -5.53
C GLY F 224 -4.00 33.13 -6.86
N SER F 225 -4.58 31.95 -7.06
CA SER F 225 -5.15 31.61 -8.36
C SER F 225 -6.58 32.11 -8.53
N GLY F 226 -7.18 32.66 -7.49
CA GLY F 226 -8.49 33.27 -7.65
C GLY F 226 -9.56 32.74 -6.74
N LYS F 227 -9.16 32.16 -5.61
CA LYS F 227 -10.07 31.38 -4.80
C LYS F 227 -11.07 32.26 -4.06
N SER F 228 -10.57 33.16 -3.21
CA SER F 228 -11.46 34.02 -2.45
C SER F 228 -12.20 35.00 -3.35
N VAL F 229 -11.59 35.36 -4.48
CA VAL F 229 -12.25 36.22 -5.46
C VAL F 229 -13.43 35.49 -6.07
N GLY F 230 -13.27 34.21 -6.38
CA GLY F 230 -14.38 33.44 -6.91
C GLY F 230 -15.49 33.23 -5.89
N VAL F 231 -15.12 33.07 -4.63
CA VAL F 231 -16.13 32.98 -3.58
C VAL F 231 -16.89 34.30 -3.46
N ASN F 232 -16.18 35.42 -3.58
CA ASN F 232 -16.84 36.73 -3.55
C ASN F 232 -17.77 36.90 -4.74
N ALA F 233 -17.37 36.37 -5.90
CA ALA F 233 -18.22 36.45 -7.09
C ALA F 233 -19.50 35.67 -6.89
N MET F 234 -19.40 34.48 -6.30
CA MET F 234 -20.59 33.68 -6.03
C MET F 234 -21.49 34.36 -5.01
N LEU F 235 -20.89 34.97 -3.99
CA LEU F 235 -21.69 35.61 -2.96
C LEU F 235 -22.41 36.84 -3.49
N LEU F 236 -21.72 37.69 -4.25
CA LEU F 236 -22.41 38.83 -4.85
C LEU F 236 -23.39 38.41 -5.92
N SER F 237 -23.20 37.23 -6.53
CA SER F 237 -24.21 36.73 -7.43
C SER F 237 -25.48 36.34 -6.68
N ILE F 238 -25.32 35.79 -5.48
CA ILE F 238 -26.48 35.50 -4.65
C ILE F 238 -27.16 36.78 -4.19
N LEU F 239 -26.37 37.77 -3.79
CA LEU F 239 -26.92 38.93 -3.10
C LEU F 239 -27.75 39.84 -3.99
N PHE F 240 -27.53 39.84 -5.30
CA PHE F 240 -28.29 40.72 -6.16
C PHE F 240 -29.57 40.10 -6.68
N LYS F 241 -30.01 39.02 -6.10
CA LYS F 241 -31.38 38.65 -6.42
C LYS F 241 -32.22 38.35 -5.20
N SER F 242 -31.65 37.72 -4.18
CA SER F 242 -32.45 37.13 -3.12
C SER F 242 -32.53 38.07 -1.92
N THR F 243 -33.76 38.47 -1.58
CA THR F 243 -34.05 39.11 -0.32
C THR F 243 -33.86 38.12 0.82
N PRO F 244 -33.71 38.59 2.07
CA PRO F 244 -33.55 37.64 3.18
C PRO F 244 -34.78 36.78 3.45
N SER F 245 -35.93 37.14 2.88
CA SER F 245 -37.03 36.19 2.78
C SER F 245 -36.63 35.00 1.92
N GLU F 246 -35.98 35.26 0.78
CA GLU F 246 -35.81 34.23 -0.22
C GLU F 246 -34.64 33.31 0.08
N ALA F 247 -33.54 33.86 0.60
CA ALA F 247 -32.39 33.05 0.93
C ALA F 247 -31.63 33.70 2.07
N ARG F 248 -30.76 32.92 2.71
CA ARG F 248 -29.98 33.44 3.82
C ARG F 248 -28.74 32.59 3.98
N LEU F 249 -27.64 33.20 4.39
CA LEU F 249 -26.33 32.56 4.36
C LEU F 249 -25.95 31.99 5.71
N ILE F 250 -25.01 31.04 5.66
CA ILE F 250 -24.23 30.60 6.82
C ILE F 250 -22.78 30.58 6.38
N MET F 251 -21.94 31.34 7.05
CA MET F 251 -20.56 31.49 6.63
C MET F 251 -19.61 30.96 7.69
N ILE F 252 -18.57 30.26 7.26
CA ILE F 252 -17.58 29.71 8.16
C ILE F 252 -16.21 30.15 7.67
N ASP F 253 -15.48 30.90 8.50
CA ASP F 253 -14.10 31.25 8.19
C ASP F 253 -13.14 30.45 9.03
N PRO F 254 -12.41 29.52 8.44
CA PRO F 254 -11.22 28.99 9.10
C PRO F 254 -10.05 29.96 9.05
N LYS F 255 -10.12 30.98 8.21
CA LYS F 255 -9.15 32.06 8.19
C LYS F 255 -9.90 33.37 8.21
N MET F 256 -9.57 34.24 9.17
CA MET F 256 -10.28 35.49 9.38
C MET F 256 -9.65 36.57 8.50
N LEU F 257 -9.67 36.37 7.19
CA LEU F 257 -9.11 37.32 6.25
C LEU F 257 -10.12 37.84 5.23
N GLU F 258 -10.88 36.95 4.60
CA GLU F 258 -11.73 37.33 3.49
C GLU F 258 -13.18 37.53 3.85
N LEU F 259 -13.86 36.50 4.36
CA LEU F 259 -15.32 36.56 4.49
C LEU F 259 -15.72 37.19 5.84
N SER F 260 -15.09 38.31 6.13
CA SER F 260 -15.39 39.09 7.31
C SER F 260 -16.14 40.35 6.96
N ILE F 261 -16.14 40.75 5.70
CA ILE F 261 -16.83 41.95 5.26
C ILE F 261 -18.34 41.76 5.35
N TYR F 262 -18.82 40.53 5.23
CA TYR F 262 -20.25 40.27 5.23
C TYR F 262 -20.85 40.32 6.62
N GLU F 263 -20.03 40.55 7.64
CA GLU F 263 -20.50 40.66 9.02
C GLU F 263 -21.42 41.86 9.16
N GLY F 264 -22.72 41.58 9.29
CA GLY F 264 -23.70 42.64 9.48
C GLY F 264 -24.70 42.79 8.36
N ILE F 265 -24.62 41.97 7.31
CA ILE F 265 -25.63 42.02 6.26
C ILE F 265 -26.89 41.36 6.81
N PRO F 266 -28.07 41.67 6.31
CA PRO F 266 -29.28 40.97 6.78
C PRO F 266 -29.48 39.58 6.19
N HIS F 267 -28.46 39.00 5.55
CA HIS F 267 -28.54 37.65 5.04
C HIS F 267 -27.75 36.65 5.84
N LEU F 268 -27.71 36.76 7.16
CA LEU F 268 -27.00 35.78 7.96
C LEU F 268 -27.93 35.07 8.93
N LEU F 269 -27.74 33.76 9.05
CA LEU F 269 -28.32 33.00 10.15
C LEU F 269 -27.45 33.06 11.39
N CYS F 270 -26.16 33.24 11.23
CA CYS F 270 -25.21 33.24 12.33
C CYS F 270 -24.19 34.32 12.06
N PRO F 271 -23.43 34.73 13.08
CA PRO F 271 -22.25 35.57 12.81
C PRO F 271 -21.20 34.78 12.04
N VAL F 272 -20.26 35.53 11.48
CA VAL F 272 -19.15 34.94 10.71
C VAL F 272 -18.34 34.06 11.64
N VAL F 273 -18.35 32.76 11.35
CA VAL F 273 -17.78 31.79 12.27
C VAL F 273 -16.26 31.83 12.09
N THR F 274 -15.59 32.62 12.92
CA THR F 274 -14.14 32.60 12.97
C THR F 274 -13.66 31.35 13.71
N ASP F 275 -14.38 31.00 14.77
CA ASP F 275 -13.99 29.96 15.71
C ASP F 275 -14.20 28.58 15.08
N MET F 276 -13.82 27.54 15.82
CA MET F 276 -13.88 26.18 15.31
C MET F 276 -15.03 25.39 15.90
N LYS F 277 -15.28 25.55 17.19
CA LYS F 277 -16.34 24.78 17.84
C LYS F 277 -17.72 25.27 17.43
N GLU F 278 -17.86 26.58 17.21
CA GLU F 278 -19.10 27.13 16.71
C GLU F 278 -19.37 26.70 15.27
N ALA F 279 -18.34 26.35 14.51
CA ALA F 279 -18.55 25.77 13.19
C ALA F 279 -19.18 24.39 13.30
N ALA F 280 -18.71 23.58 14.24
CA ALA F 280 -19.35 22.29 14.48
C ALA F 280 -20.77 22.49 14.98
N ASN F 281 -21.01 23.52 15.80
CA ASN F 281 -22.37 23.85 16.23
C ASN F 281 -23.25 24.23 15.05
N ALA F 282 -22.70 24.96 14.10
CA ALA F 282 -23.45 25.34 12.91
C ALA F 282 -23.80 24.11 12.08
N LEU F 283 -22.88 23.15 11.99
CA LEU F 283 -23.18 21.96 11.21
C LEU F 283 -24.23 21.08 11.90
N ARG F 284 -24.16 20.97 13.23
CA ARG F 284 -25.23 20.33 13.99
C ARG F 284 -26.57 20.99 13.73
N TRP F 285 -26.59 22.33 13.73
CA TRP F 285 -27.82 23.06 13.49
C TRP F 285 -28.32 22.87 12.07
N SER F 286 -27.40 22.76 11.12
CA SER F 286 -27.80 22.57 9.74
C SER F 286 -28.41 21.19 9.53
N VAL F 287 -27.81 20.16 10.14
CA VAL F 287 -28.39 18.83 10.06
C VAL F 287 -29.75 18.80 10.74
N ALA F 288 -29.88 19.50 11.87
CA ALA F 288 -31.16 19.54 12.58
C ALA F 288 -32.22 20.26 11.77
N GLU F 289 -31.83 21.36 11.12
CA GLU F 289 -32.78 22.13 10.33
C GLU F 289 -33.20 21.36 9.09
N MET F 290 -32.24 20.62 8.51
CA MET F 290 -32.54 19.77 7.37
C MET F 290 -33.53 18.67 7.74
N GLU F 291 -33.32 18.03 8.90
CA GLU F 291 -34.22 16.96 9.31
C GLU F 291 -35.61 17.47 9.66
N ARG F 292 -35.69 18.61 10.35
CA ARG F 292 -37.02 19.14 10.66
C ARG F 292 -37.73 19.63 9.42
N ARG F 293 -36.98 20.09 8.41
CA ARG F 293 -37.66 20.50 7.20
C ARG F 293 -38.10 19.30 6.40
N TYR F 294 -37.37 18.18 6.50
CA TYR F 294 -37.88 16.93 5.94
C TYR F 294 -39.17 16.49 6.61
N ARG F 295 -39.24 16.60 7.93
CA ARG F 295 -40.46 16.21 8.63
C ARG F 295 -41.62 17.11 8.25
N LEU F 296 -41.34 18.40 8.06
CA LEU F 296 -42.40 19.33 7.70
C LEU F 296 -42.88 19.09 6.27
N MET F 297 -41.95 18.78 5.37
CA MET F 297 -42.35 18.45 4.00
C MET F 297 -43.04 17.10 3.93
N ALA F 298 -42.78 16.20 4.87
CA ALA F 298 -43.53 14.96 4.92
C ALA F 298 -44.95 15.20 5.42
N ALA F 299 -45.11 16.07 6.42
CA ALA F 299 -46.43 16.36 6.95
C ALA F 299 -47.27 17.16 5.96
N MET F 300 -46.63 17.97 5.13
CA MET F 300 -47.35 18.60 4.02
C MET F 300 -47.36 17.77 2.75
N GLY F 301 -46.50 16.76 2.65
CA GLY F 301 -46.51 15.86 1.52
C GLY F 301 -46.12 16.52 0.21
N VAL F 302 -45.00 17.24 0.21
CA VAL F 302 -44.51 17.92 -0.98
C VAL F 302 -43.12 17.39 -1.28
N ARG F 303 -42.83 17.16 -2.56
CA ARG F 303 -41.63 16.46 -2.95
C ARG F 303 -40.37 17.33 -2.84
N ASN F 304 -40.49 18.64 -2.80
CA ASN F 304 -39.32 19.49 -2.58
C ASN F 304 -39.73 20.81 -1.95
N LEU F 305 -38.78 21.72 -1.86
CA LEU F 305 -39.08 23.08 -1.41
C LEU F 305 -39.78 23.87 -2.50
N ALA F 306 -39.56 23.47 -3.77
CA ALA F 306 -40.02 24.26 -4.90
C ALA F 306 -41.53 24.28 -5.01
N GLY F 307 -42.15 23.10 -5.00
CA GLY F 307 -43.59 23.04 -4.94
C GLY F 307 -44.14 23.50 -3.61
N PHE F 308 -43.33 23.41 -2.55
CA PHE F 308 -43.77 23.78 -1.22
C PHE F 308 -44.05 25.27 -1.13
N ASN F 309 -43.15 26.09 -1.67
CA ASN F 309 -43.35 27.53 -1.58
C ASN F 309 -44.53 27.98 -2.42
N ARG F 310 -44.70 27.38 -3.61
CA ARG F 310 -45.85 27.69 -4.45
C ARG F 310 -47.15 27.28 -3.78
N LYS F 311 -47.15 26.13 -3.12
CA LYS F 311 -48.34 25.63 -2.43
C LYS F 311 -48.70 26.53 -1.26
N VAL F 312 -47.71 26.92 -0.46
CA VAL F 312 -48.02 27.72 0.71
C VAL F 312 -48.38 29.15 0.32
N LYS F 313 -47.90 29.64 -0.83
CA LYS F 313 -48.30 30.98 -1.22
C LYS F 313 -49.65 31.01 -1.93
N ASP F 314 -50.00 29.93 -2.65
CA ASP F 314 -51.37 29.83 -3.14
C ASP F 314 -52.36 29.66 -1.99
N ALA F 315 -51.93 29.00 -0.91
CA ALA F 315 -52.75 28.94 0.30
C ALA F 315 -52.78 30.27 1.04
N GLU F 316 -51.71 31.08 0.92
CA GLU F 316 -51.70 32.40 1.54
C GLU F 316 -52.64 33.34 0.82
N GLU F 317 -52.65 33.29 -0.51
CA GLU F 317 -53.66 34.04 -1.24
C GLU F 317 -55.03 33.39 -1.17
N ALA F 318 -55.11 32.13 -0.72
CA ALA F 318 -56.34 31.53 -0.26
C ALA F 318 -56.62 31.83 1.21
N GLY F 319 -55.78 32.63 1.85
CA GLY F 319 -56.00 33.07 3.22
C GLY F 319 -55.79 32.00 4.27
N THR F 320 -54.72 31.22 4.16
CA THR F 320 -54.46 30.13 5.10
C THR F 320 -52.99 30.11 5.49
N PRO F 321 -52.61 30.81 6.57
CA PRO F 321 -51.31 30.55 7.20
C PRO F 321 -51.40 29.31 8.10
N LEU F 322 -50.80 28.22 7.63
CA LEU F 322 -50.98 26.93 8.28
C LEU F 322 -50.20 26.87 9.58
N THR F 323 -50.55 25.88 10.40
CA THR F 323 -49.91 25.68 11.70
C THR F 323 -48.63 24.87 11.55
N ASP F 324 -48.10 24.42 12.69
CA ASP F 324 -46.90 23.59 12.71
C ASP F 324 -47.28 22.16 13.03
N PRO F 325 -47.33 21.25 12.05
CA PRO F 325 -47.55 19.83 12.33
C PRO F 325 -46.28 19.13 12.77
N PRO F 337 -48.94 29.00 15.87
CA PRO F 337 -47.80 28.99 14.95
C PRO F 337 -48.23 29.14 13.50
N GLN F 338 -47.43 29.85 12.70
CA GLN F 338 -47.74 30.13 11.31
C GLN F 338 -46.60 29.67 10.41
N LEU F 339 -46.84 29.73 9.11
CA LEU F 339 -45.83 29.35 8.13
C LEU F 339 -45.27 30.56 7.40
N SER F 340 -44.00 30.45 7.04
CA SER F 340 -43.26 31.46 6.30
C SER F 340 -42.79 30.88 4.97
N THR F 341 -42.33 31.77 4.10
CA THR F 341 -41.58 31.33 2.94
C THR F 341 -40.26 30.77 3.42
N LEU F 342 -40.03 29.48 3.27
CA LEU F 342 -38.79 28.90 3.78
C LEU F 342 -37.62 29.31 2.90
N PRO F 343 -36.61 29.96 3.46
CA PRO F 343 -35.52 30.47 2.64
C PRO F 343 -34.55 29.37 2.23
N THR F 344 -33.96 29.55 1.06
CA THR F 344 -32.87 28.70 0.62
C THR F 344 -31.64 28.97 1.49
N ILE F 345 -30.99 27.92 1.95
CA ILE F 345 -29.87 28.05 2.87
C ILE F 345 -28.60 27.69 2.15
N VAL F 346 -27.54 28.45 2.39
CA VAL F 346 -26.24 28.20 1.79
C VAL F 346 -25.20 28.17 2.90
N VAL F 347 -24.45 27.08 2.98
CA VAL F 347 -23.35 26.95 3.91
C VAL F 347 -22.05 26.99 3.13
N VAL F 348 -21.23 27.99 3.40
CA VAL F 348 -19.96 28.15 2.71
C VAL F 348 -18.82 27.88 3.69
N VAL F 349 -17.74 27.30 3.18
CA VAL F 349 -16.52 27.06 3.93
C VAL F 349 -15.38 27.64 3.12
N ASP F 350 -14.60 28.53 3.72
CA ASP F 350 -13.53 29.19 2.99
C ASP F 350 -12.40 28.22 2.69
N GLU F 351 -11.83 27.60 3.71
CA GLU F 351 -10.83 26.55 3.49
C GLU F 351 -11.28 25.27 4.16
N PHE F 352 -11.71 24.33 3.35
CA PHE F 352 -12.11 23.03 3.85
C PHE F 352 -10.95 22.23 4.41
N ALA F 353 -9.72 22.56 4.00
CA ALA F 353 -8.56 21.75 4.37
C ALA F 353 -8.28 21.81 5.86
N ASP F 354 -8.20 23.03 6.42
CA ASP F 354 -7.91 23.18 7.83
C ASP F 354 -9.04 22.65 8.70
N MET F 355 -10.28 23.04 8.38
CA MET F 355 -11.44 22.63 9.15
C MET F 355 -11.64 21.12 9.09
N MET F 356 -11.26 20.49 7.99
CA MET F 356 -11.36 19.04 7.95
C MET F 356 -10.24 18.38 8.74
N MET F 357 -8.99 18.80 8.52
CA MET F 357 -7.88 18.02 9.06
C MET F 357 -7.68 18.24 10.56
N ILE F 358 -7.83 19.47 11.06
CA ILE F 358 -7.52 19.67 12.47
C ILE F 358 -8.68 19.30 13.38
N VAL F 359 -9.85 18.99 12.82
CA VAL F 359 -11.00 18.59 13.64
C VAL F 359 -11.31 17.14 13.27
N GLY F 360 -10.28 16.36 12.97
CA GLY F 360 -10.41 14.93 12.80
C GLY F 360 -11.17 14.50 11.57
N LYS F 361 -12.29 13.79 11.77
CA LYS F 361 -13.21 13.53 10.67
C LYS F 361 -14.67 13.54 11.12
N LYS F 362 -14.95 13.99 12.35
CA LYS F 362 -16.32 14.26 12.78
C LYS F 362 -16.99 15.27 11.86
N VAL F 363 -16.26 16.31 11.49
CA VAL F 363 -16.77 17.31 10.56
C VAL F 363 -16.98 16.70 9.19
N GLU F 364 -16.14 15.74 8.80
CA GLU F 364 -16.34 15.05 7.52
C GLU F 364 -17.61 14.21 7.55
N GLU F 365 -17.89 13.55 8.68
CA GLU F 365 -19.12 12.77 8.80
C GLU F 365 -20.34 13.67 8.72
N LEU F 366 -20.27 14.85 9.34
CA LEU F 366 -21.39 15.78 9.26
C LEU F 366 -21.59 16.33 7.85
N ILE F 367 -20.49 16.65 7.17
CA ILE F 367 -20.60 17.22 5.83
C ILE F 367 -21.06 16.18 4.82
N ALA F 368 -20.62 14.93 4.99
CA ALA F 368 -21.12 13.86 4.15
C ALA F 368 -22.60 13.61 4.41
N ARG F 369 -23.03 13.74 5.67
CA ARG F 369 -24.46 13.63 6.00
C ARG F 369 -25.28 14.69 5.27
N ILE F 370 -24.79 15.92 5.28
CA ILE F 370 -25.49 17.01 4.61
C ILE F 370 -25.55 16.76 3.11
N ALA F 371 -24.40 16.45 2.50
CA ALA F 371 -24.35 16.26 1.06
C ALA F 371 -25.12 15.04 0.59
N GLN F 372 -25.36 14.06 1.48
CA GLN F 372 -26.27 13.00 1.12
C GLN F 372 -27.72 13.47 1.17
N LYS F 373 -28.09 14.19 2.22
CA LYS F 373 -29.52 14.45 2.37
C LYS F 373 -30.02 15.64 1.55
N ALA F 374 -29.22 16.68 1.39
CA ALA F 374 -29.77 18.03 1.21
C ALA F 374 -30.09 18.45 -0.20
N ARG F 375 -30.48 17.52 -1.07
CA ARG F 375 -30.78 17.87 -2.45
C ARG F 375 -32.06 18.71 -2.55
N ALA F 376 -33.12 18.28 -1.87
CA ALA F 376 -34.40 18.96 -1.98
C ALA F 376 -34.80 19.67 -0.71
N ALA F 377 -33.93 19.69 0.30
CA ALA F 377 -34.27 20.41 1.52
C ALA F 377 -34.01 21.90 1.40
N GLY F 378 -33.40 22.35 0.32
CA GLY F 378 -33.13 23.75 0.14
C GLY F 378 -31.79 24.22 0.67
N ILE F 379 -31.15 23.45 1.53
CA ILE F 379 -29.84 23.85 2.01
C ILE F 379 -28.78 23.28 1.07
N HIS F 380 -27.79 24.11 0.76
CA HIS F 380 -26.77 23.82 -0.23
C HIS F 380 -25.41 24.13 0.35
N LEU F 381 -24.37 23.69 -0.34
CA LEU F 381 -23.06 23.65 0.28
C LEU F 381 -21.99 24.10 -0.71
N ILE F 382 -21.07 24.94 -0.25
CA ILE F 382 -19.96 25.45 -1.05
C ILE F 382 -18.70 25.11 -0.28
N LEU F 383 -18.02 24.04 -0.66
CA LEU F 383 -16.80 23.64 0.04
C LEU F 383 -15.60 24.12 -0.76
N ALA F 384 -15.14 25.33 -0.47
CA ALA F 384 -13.89 25.78 -1.05
C ALA F 384 -12.73 25.24 -0.23
N THR F 385 -11.72 24.70 -0.92
CA THR F 385 -10.57 24.14 -0.25
C THR F 385 -9.29 24.57 -0.94
N GLN F 386 -8.19 24.51 -0.19
CA GLN F 386 -6.92 24.99 -0.69
C GLN F 386 -6.02 23.85 -1.18
N ARG F 387 -5.90 22.80 -0.39
CA ARG F 387 -5.12 21.72 -0.94
C ARG F 387 -6.02 20.63 -1.48
N PRO F 388 -5.83 20.22 -2.72
CA PRO F 388 -6.47 18.99 -3.20
C PRO F 388 -5.62 17.79 -2.81
N SER F 389 -6.26 16.81 -2.19
CA SER F 389 -5.61 15.55 -1.85
C SER F 389 -6.71 14.53 -1.59
N VAL F 390 -6.31 13.28 -1.42
CA VAL F 390 -7.28 12.30 -0.95
C VAL F 390 -7.52 12.50 0.55
N ASP F 391 -6.55 13.07 1.26
CA ASP F 391 -6.72 13.36 2.68
C ASP F 391 -7.77 14.43 2.89
N VAL F 392 -7.66 15.55 2.20
CA VAL F 392 -8.65 16.62 2.34
C VAL F 392 -9.95 16.25 1.64
N ILE F 393 -9.88 16.04 0.33
CA ILE F 393 -11.06 15.72 -0.47
C ILE F 393 -11.13 14.20 -0.52
N THR F 394 -11.83 13.61 0.44
CA THR F 394 -11.91 12.16 0.52
C THR F 394 -12.95 11.65 -0.46
N GLY F 395 -13.25 10.35 -0.39
CA GLY F 395 -14.20 9.76 -1.33
C GLY F 395 -15.62 10.19 -1.03
N LEU F 396 -15.97 10.36 0.24
CA LEU F 396 -17.31 10.80 0.59
C LEU F 396 -17.56 12.23 0.15
N ILE F 397 -16.53 13.08 0.26
CA ILE F 397 -16.66 14.46 -0.17
C ILE F 397 -16.77 14.51 -1.68
N LYS F 398 -16.13 13.58 -2.38
CA LYS F 398 -16.20 13.55 -3.83
C LYS F 398 -17.56 13.06 -4.31
N ALA F 399 -17.90 11.81 -4.01
CA ALA F 399 -18.98 11.12 -4.71
C ALA F 399 -20.37 11.55 -4.29
N ASN F 400 -20.51 12.58 -3.47
CA ASN F 400 -21.80 13.15 -3.19
C ASN F 400 -21.96 14.56 -3.73
N ILE F 401 -20.89 15.16 -4.23
CA ILE F 401 -20.93 16.49 -4.81
C ILE F 401 -20.56 16.38 -6.28
N PRO F 402 -21.53 16.30 -7.15
CA PRO F 402 -21.23 16.04 -8.56
C PRO F 402 -20.99 17.30 -9.38
N THR F 403 -20.66 18.41 -8.72
CA THR F 403 -20.36 19.65 -9.42
C THR F 403 -19.10 20.25 -8.84
N ARG F 404 -18.04 20.27 -9.64
CA ARG F 404 -16.75 20.74 -9.19
C ARG F 404 -16.34 21.96 -9.99
N ILE F 405 -15.47 22.78 -9.39
CA ILE F 405 -14.84 23.88 -10.07
C ILE F 405 -13.36 23.86 -9.71
N ALA F 406 -12.50 23.69 -10.68
CA ALA F 406 -11.07 23.72 -10.44
C ALA F 406 -10.52 25.05 -10.87
N PHE F 407 -9.64 25.61 -10.06
CA PHE F 407 -8.83 26.73 -10.46
C PHE F 407 -7.47 26.20 -10.90
N GLN F 408 -6.50 27.08 -11.04
CA GLN F 408 -5.12 26.66 -11.28
C GLN F 408 -4.60 25.82 -10.13
N VAL F 409 -4.25 24.57 -10.42
CA VAL F 409 -3.46 23.74 -9.52
C VAL F 409 -2.14 23.55 -10.22
N SER F 410 -1.24 22.78 -9.62
CA SER F 410 0.10 22.64 -10.20
C SER F 410 0.53 21.18 -10.24
N SER F 411 -0.38 20.28 -10.59
CA SER F 411 -0.03 18.87 -10.70
C SER F 411 -1.06 18.17 -11.56
N LYS F 412 -0.64 17.05 -12.14
CA LYS F 412 -1.63 16.09 -12.64
C LYS F 412 -2.40 15.47 -11.49
N ILE F 413 -1.79 15.40 -10.31
CA ILE F 413 -2.36 14.71 -9.17
C ILE F 413 -3.62 15.41 -8.69
N ASP F 414 -3.60 16.74 -8.63
CA ASP F 414 -4.81 17.45 -8.24
C ASP F 414 -5.86 17.44 -9.33
N SER F 415 -5.44 17.28 -10.58
CA SER F 415 -6.40 17.15 -11.67
C SER F 415 -7.16 15.85 -11.57
N ARG F 416 -6.46 14.74 -11.31
CA ARG F 416 -7.14 13.47 -11.04
C ARG F 416 -7.86 13.47 -9.70
N THR F 417 -7.45 14.32 -8.76
CA THR F 417 -8.16 14.43 -7.51
C THR F 417 -9.54 15.04 -7.70
N ILE F 418 -9.60 16.17 -8.37
CA ILE F 418 -10.84 16.94 -8.46
C ILE F 418 -11.62 16.58 -9.70
N LEU F 419 -11.05 16.82 -10.87
CA LEU F 419 -11.85 16.75 -12.08
C LEU F 419 -11.91 15.35 -12.67
N ASP F 420 -11.19 14.40 -12.06
CA ASP F 420 -11.11 13.00 -12.51
C ASP F 420 -10.63 12.91 -13.96
N GLN F 421 -9.75 13.83 -14.34
CA GLN F 421 -9.45 14.13 -15.73
C GLN F 421 -8.24 15.04 -15.75
N GLY F 422 -7.35 14.81 -16.69
CA GLY F 422 -6.17 15.64 -16.83
C GLY F 422 -6.51 17.04 -17.28
N GLY F 423 -5.53 17.93 -17.14
CA GLY F 423 -5.58 19.24 -17.74
C GLY F 423 -5.67 20.38 -16.75
N ALA F 424 -6.00 20.10 -15.49
CA ALA F 424 -6.37 21.17 -14.59
C ALA F 424 -5.21 22.02 -14.11
N GLU F 425 -3.96 21.69 -14.44
CA GLU F 425 -2.87 22.59 -14.13
C GLU F 425 -2.39 23.36 -15.35
N GLN F 426 -3.03 23.16 -16.49
CA GLN F 426 -2.74 23.95 -17.69
C GLN F 426 -3.62 25.19 -17.71
N LEU F 427 -3.46 26.01 -16.69
CA LEU F 427 -4.26 27.20 -16.53
C LEU F 427 -3.36 28.41 -16.26
N LEU F 428 -3.83 29.57 -16.69
CA LEU F 428 -3.08 30.79 -16.47
C LEU F 428 -3.08 31.17 -15.00
N GLY F 429 -4.26 31.30 -14.41
CA GLY F 429 -4.44 31.81 -13.08
C GLY F 429 -5.51 32.86 -13.05
N HIS F 430 -5.68 33.44 -11.86
CA HIS F 430 -6.51 34.63 -11.63
C HIS F 430 -7.98 34.39 -11.95
N GLY F 431 -8.46 33.18 -11.72
CA GLY F 431 -9.86 32.87 -11.97
C GLY F 431 -10.13 32.15 -13.28
N ASP F 432 -9.11 31.71 -13.98
CA ASP F 432 -9.32 30.88 -15.16
C ASP F 432 -9.72 29.50 -14.69
N MET F 433 -11.01 29.18 -14.77
CA MET F 433 -11.53 28.00 -14.13
C MET F 433 -12.04 26.97 -15.12
N LEU F 434 -12.26 25.77 -14.60
CA LEU F 434 -12.88 24.68 -15.32
C LEU F 434 -14.12 24.26 -14.54
N TYR F 435 -15.27 24.73 -14.97
CA TYR F 435 -16.53 24.33 -14.39
C TYR F 435 -16.81 22.88 -14.74
N LEU F 436 -17.63 22.24 -13.93
CA LEU F 436 -18.02 20.89 -14.25
C LEU F 436 -19.51 20.73 -13.95
N PRO F 437 -20.35 20.61 -14.98
CA PRO F 437 -21.78 20.53 -14.76
C PRO F 437 -22.18 19.18 -14.18
N PRO F 438 -23.35 19.09 -13.54
CA PRO F 438 -23.85 17.77 -13.16
C PRO F 438 -24.25 17.00 -14.41
N GLY F 439 -23.58 15.88 -14.64
CA GLY F 439 -23.83 15.15 -15.86
C GLY F 439 -22.59 14.97 -16.71
N THR F 440 -22.58 15.66 -17.85
CA THR F 440 -21.52 15.48 -18.83
C THR F 440 -20.17 15.91 -18.28
N GLY F 441 -19.22 14.99 -18.33
CA GLY F 441 -17.92 15.18 -17.73
C GLY F 441 -16.95 16.04 -18.52
N LEU F 442 -17.43 16.81 -19.49
CA LEU F 442 -16.56 17.72 -20.23
C LEU F 442 -16.47 19.05 -19.50
N PRO F 443 -15.31 19.46 -19.06
CA PRO F 443 -15.19 20.73 -18.35
C PRO F 443 -15.25 21.91 -19.29
N ILE F 444 -16.32 22.68 -19.20
CA ILE F 444 -16.35 23.97 -19.89
C ILE F 444 -15.41 24.92 -19.16
N ARG F 445 -14.84 25.87 -19.89
CA ARG F 445 -13.80 26.74 -19.34
C ARG F 445 -14.35 28.15 -19.14
N VAL F 446 -14.48 28.56 -17.89
CA VAL F 446 -15.07 29.84 -17.54
C VAL F 446 -13.95 30.68 -16.91
N HIS F 447 -14.16 32.00 -16.89
CA HIS F 447 -13.23 32.93 -16.24
C HIS F 447 -13.93 33.64 -15.10
N GLY F 448 -13.41 33.49 -13.88
CA GLY F 448 -14.01 34.18 -12.74
C GLY F 448 -13.72 35.66 -12.81
N ALA F 449 -14.74 36.47 -12.59
CA ALA F 449 -14.60 37.90 -12.74
C ALA F 449 -13.84 38.51 -11.58
N PHE F 450 -13.10 39.56 -11.86
CA PHE F 450 -12.27 40.23 -10.86
C PHE F 450 -13.14 41.25 -10.12
N VAL F 451 -13.64 40.87 -8.95
CA VAL F 451 -14.39 41.78 -8.11
C VAL F 451 -13.45 42.24 -7.00
N SER F 452 -13.61 43.50 -6.58
CA SER F 452 -12.68 44.11 -5.64
C SER F 452 -13.30 44.28 -4.27
N ASP F 453 -12.44 44.51 -3.28
CA ASP F 453 -12.88 44.70 -1.91
C ASP F 453 -13.66 46.00 -1.77
N ASP F 454 -13.36 46.98 -2.63
CA ASP F 454 -14.22 48.13 -2.86
C ASP F 454 -15.66 47.70 -3.13
N GLU F 455 -15.84 46.77 -4.07
CA GLU F 455 -17.18 46.40 -4.49
C GLU F 455 -17.93 45.63 -3.42
N VAL F 456 -17.24 44.68 -2.78
CA VAL F 456 -17.89 43.88 -1.76
C VAL F 456 -18.23 44.75 -0.56
N HIS F 457 -17.34 45.68 -0.23
CA HIS F 457 -17.63 46.63 0.84
C HIS F 457 -18.80 47.54 0.49
N ARG F 458 -18.94 47.91 -0.78
CA ARG F 458 -20.04 48.80 -1.16
C ARG F 458 -21.38 48.07 -1.09
N VAL F 459 -21.40 46.81 -1.51
CA VAL F 459 -22.65 46.05 -1.45
C VAL F 459 -22.99 45.73 0.00
N VAL F 460 -21.98 45.52 0.84
CA VAL F 460 -22.19 45.36 2.27
C VAL F 460 -22.77 46.63 2.88
N GLU F 461 -22.29 47.79 2.42
CA GLU F 461 -22.85 49.05 2.90
C GLU F 461 -24.30 49.22 2.47
N ALA F 462 -24.63 48.83 1.24
CA ALA F 462 -26.01 48.94 0.78
C ALA F 462 -26.92 48.00 1.57
N TRP F 463 -26.45 46.81 1.89
CA TRP F 463 -27.29 45.90 2.68
C TRP F 463 -27.36 46.28 4.15
N LYS F 464 -26.30 46.86 4.71
CA LYS F 464 -26.42 47.34 6.09
C LYS F 464 -27.31 48.57 6.17
N LEU F 465 -27.42 49.31 5.06
CA LEU F 465 -28.45 50.33 4.94
C LEU F 465 -29.82 49.75 4.60
N ARG F 466 -29.90 48.47 4.22
CA ARG F 466 -31.22 47.86 4.08
C ARG F 466 -31.85 47.56 5.43
N GLY F 467 -31.19 46.72 6.24
CA GLY F 467 -31.88 46.21 7.42
C GLY F 467 -31.05 45.73 8.59
N ALA F 468 -31.46 44.61 9.17
CA ALA F 468 -31.01 44.11 10.45
C ALA F 468 -30.65 42.64 10.36
N PRO F 469 -29.70 42.16 11.15
CA PRO F 469 -29.30 40.75 11.08
C PRO F 469 -30.28 39.83 11.82
N ASP F 470 -29.99 38.54 11.77
CA ASP F 470 -30.75 37.49 12.44
C ASP F 470 -29.79 36.51 13.11
N TYR F 471 -28.86 37.04 13.89
CA TYR F 471 -27.93 36.19 14.63
C TYR F 471 -28.70 35.45 15.72
N ILE F 472 -28.86 34.14 15.57
CA ILE F 472 -29.81 33.43 16.40
C ILE F 472 -29.21 33.07 17.76
N GLU F 473 -28.02 32.45 17.75
CA GLU F 473 -27.22 31.96 18.89
C GLU F 473 -27.85 30.71 19.54
N ASP F 474 -29.09 30.39 19.19
CA ASP F 474 -29.59 29.04 19.38
C ASP F 474 -28.93 28.07 18.43
N ILE F 475 -28.43 28.58 17.30
CA ILE F 475 -27.57 27.85 16.38
C ILE F 475 -26.27 27.41 17.06
N LEU F 476 -25.82 28.16 18.06
CA LEU F 476 -24.54 27.86 18.68
C LEU F 476 -24.73 27.30 20.09
PB ADP I . -31.78 10.70 -5.26
O1B ADP I . -30.45 10.10 -4.93
O2B ADP I . -32.95 9.85 -4.81
O3B ADP I . -31.91 12.16 -4.95
PA ADP I . -33.33 10.64 -7.50
O1A ADP I . -33.79 9.20 -7.51
O2A ADP I . -34.13 11.67 -6.77
O3A ADP I . -31.86 10.65 -6.86
O5' ADP I . -33.20 11.16 -9.02
C5' ADP I . -34.42 11.37 -9.69
C4' ADP I . -34.33 12.12 -11.01
O4' ADP I . -33.75 11.33 -12.06
C3' ADP I . -35.74 12.45 -11.47
O3' ADP I . -35.93 13.86 -11.41
C2' ADP I . -35.86 11.96 -12.89
O2' ADP I . -36.23 13.04 -13.77
C1' ADP I . -34.48 11.48 -13.27
N9 ADP I . -34.65 10.17 -13.95
C8 ADP I . -34.66 9.00 -13.34
N7 ADP I . -34.83 7.96 -14.20
C5 ADP I . -34.95 8.51 -15.41
C6 ADP I . -35.16 7.98 -16.76
N6 ADP I . -35.28 6.65 -16.96
N1 ADP I . -35.23 8.86 -17.78
C2 ADP I . -35.11 10.19 -17.57
N3 ADP I . -34.92 10.74 -16.35
C4 ADP I . -34.83 9.96 -15.25
PB ADP J . -26.93 -22.36 -0.45
O1B ADP J . -26.76 -23.54 0.46
O2B ADP J . -25.96 -21.24 -0.17
O3B ADP J . -28.36 -21.92 -0.63
PA ADP J . -27.00 -24.38 -2.33
O1A ADP J . -25.87 -25.35 -2.10
O2A ADP J . -28.35 -24.63 -1.73
O3A ADP J . -26.52 -22.91 -1.90
O5' ADP J . -27.20 -24.29 -3.91
C5' ADP J . -27.79 -25.41 -4.56
C4' ADP J . -27.97 -25.15 -6.05
O4' ADP J . -26.85 -25.61 -6.79
C3' ADP J . -29.16 -25.94 -6.54
O3' ADP J . -30.21 -25.02 -6.85
C2' ADP J . -28.71 -26.64 -7.80
O2' ADP J . -29.53 -26.22 -8.89
C1' ADP J . -27.30 -26.15 -8.04
N9 ADP J . -26.40 -27.22 -8.53
C8 ADP J . -25.34 -27.72 -7.89
N7 ADP J . -24.69 -28.67 -8.61
C5 ADP J . -25.35 -28.79 -9.76
C6 ADP J . -25.21 -29.62 -10.97
N6 ADP J . -24.21 -30.53 -11.08
N1 ADP J . -26.10 -29.46 -11.95
C2 ADP J . -27.11 -28.57 -11.84
N3 ADP J . -27.30 -27.78 -10.77
C4 ADP J . -26.46 -27.84 -9.71
PB ADP K . 3.93 -31.80 6.11
O1B ADP K . 4.98 -32.00 7.16
O2B ADP K . 2.54 -32.15 6.54
O3B ADP K . 4.04 -30.50 5.34
PA ADP K . 5.60 -32.80 4.12
O1A ADP K . 6.81 -32.73 5.03
O2A ADP K . 5.41 -31.75 3.06
O3A ADP K . 4.27 -32.91 5.00
O5' ADP K . 5.61 -34.23 3.41
C5' ADP K . 6.26 -34.40 2.16
C4' ADP K . 6.37 -35.88 1.89
O4' ADP K . 7.26 -36.15 0.81
C3' ADP K . 6.96 -36.55 3.11
O3' ADP K . 5.93 -37.12 3.91
C2' ADP K . 7.90 -37.61 2.57
O2' ADP K . 7.38 -38.92 2.81
C1' ADP K . 7.98 -37.36 1.08
N9 ADP K . 9.41 -37.22 0.74
C8 ADP K . 10.31 -36.47 1.39
N7 ADP K . 11.55 -36.59 0.84
C5 ADP K . 11.43 -37.46 -0.18
C6 ADP K . 12.34 -38.06 -1.17
N6 ADP K . 13.64 -37.71 -1.20
N1 ADP K . 11.82 -38.92 -2.06
C2 ADP K . 10.52 -39.27 -2.04
N3 ADP K . 9.64 -38.77 -1.16
C4 ADP K . 10.02 -37.88 -0.23
PB ADP L . 28.91 -10.23 13.33
O1B ADP L . 29.14 -11.72 13.27
O2B ADP L . 27.65 -9.79 12.65
O3B ADP L . 29.14 -9.64 14.69
PA ADP L . 31.62 -9.76 12.85
O1A ADP L . 31.73 -10.75 13.98
O2A ADP L . 32.20 -8.38 13.00
O3A ADP L . 30.08 -9.63 12.43
O5' ADP L . 32.28 -10.44 11.56
C5' ADP L . 33.55 -11.06 11.68
C4' ADP L . 33.96 -11.71 10.37
O4' ADP L . 34.39 -10.73 9.43
C3' ADP L . 35.12 -12.66 10.58
O3' ADP L . 34.78 -13.91 10.00
C2' ADP L . 36.28 -12.04 9.82
O2' ADP L . 37.04 -13.02 9.12
C1' ADP L . 35.61 -11.15 8.81
N9 ADP L . 36.47 -9.97 8.57
C8 ADP L . 36.15 -8.71 8.88
N7 ADP L . 37.13 -7.84 8.55
C5 ADP L . 38.12 -8.57 8.01
C6 ADP L . 39.43 -8.26 7.46
N6 ADP L . 39.88 -6.99 7.41
N1 ADP L . 40.17 -9.30 7.00
C2 ADP L . 39.71 -10.56 7.04
N3 ADP L . 38.51 -10.91 7.54
C4 ADP L . 37.69 -9.97 8.02
PB ADP M . 23.78 22.21 9.66
O1B ADP M . 24.03 21.05 8.75
O2B ADP M . 23.86 21.92 11.13
O3B ADP M . 22.63 23.09 9.28
PA ADP M . 25.02 24.08 8.08
O1A ADP M . 24.55 23.24 6.92
O2A ADP M . 24.28 25.35 8.42
O3A ADP M . 25.04 23.16 9.38
O5' ADP M . 26.58 24.40 7.87
C5' ADP M . 26.99 25.55 7.17
C4' ADP M . 28.31 25.29 6.49
O4' ADP M . 28.17 25.45 5.08
C3' ADP M . 29.35 26.29 6.94
O3' ADP M . 30.38 25.59 7.62
C2' ADP M . 29.93 26.92 5.69
O2' ADP M . 31.29 26.56 5.55
C1' ADP M . 29.15 26.34 4.54
N9 ADP M . 28.44 27.49 3.93
C8 ADP M . 27.20 27.87 4.25
N7 ADP M . 26.80 28.94 3.54
C5 ADP M . 27.82 29.27 2.74
C6 ADP M . 28.06 30.31 1.74
N6 ADP M . 27.11 31.22 1.46
N1 ADP M . 29.26 30.31 1.13
C2 ADP M . 30.19 29.40 1.41
N3 ADP M . 30.04 28.42 2.32
C4 ADP M . 28.90 28.31 3.00
PB ADP N . -5.42 31.88 -1.67
O1B ADP N . -5.24 30.40 -1.91
O2B ADP N . -6.58 32.20 -0.76
O3B ADP N . -4.17 32.64 -1.39
PA ADP N . -6.68 33.84 -3.12
O1A ADP N . -6.11 34.72 -2.03
O2A ADP N . -8.15 33.55 -3.18
O3A ADP N . -5.89 32.45 -3.09
O5' ADP N . -6.25 34.50 -4.52
C5' ADP N . -6.82 35.76 -4.84
C4' ADP N . -5.79 36.67 -5.49
O4' ADP N . -5.58 36.33 -6.86
C3' ADP N . -6.31 38.09 -5.47
O3' ADP N . -5.70 38.80 -4.41
C2' ADP N . -5.90 38.67 -6.79
O2' ADP N . -4.71 39.44 -6.64
C1' ADP N . -5.60 37.50 -7.68
N9 ADP N . -6.73 37.39 -8.61
C8 ADP N . -7.78 36.57 -8.44
N7 ADP N . -8.67 36.69 -9.45
C5 ADP N . -8.20 37.61 -10.28
C6 ADP N . -8.65 38.21 -11.54
N6 ADP N . -9.82 37.82 -12.09
N1 ADP N . -7.86 39.14 -12.09
C2 ADP N . -6.70 39.52 -11.52
N3 ADP N . -6.22 39.02 -10.37
C4 ADP N . -6.92 38.08 -9.72
#